data_2FE5
# 
_entry.id   2FE5 
# 
_audit_conform.dict_name       mmcif_pdbx.dic 
_audit_conform.dict_version    5.377 
_audit_conform.dict_location   http://mmcif.pdb.org/dictionaries/ascii/mmcif_pdbx.dic 
# 
loop_
_database_2.database_id 
_database_2.database_code 
_database_2.pdbx_database_accession 
_database_2.pdbx_DOI 
PDB   2FE5         pdb_00002fe5 10.2210/pdb2fe5/pdb 
RCSB  RCSB035768   ?            ?                   
WWPDB D_1000035768 ?            ?                   
# 
_pdbx_database_related.db_name        PDB 
_pdbx_database_related.db_id          2BYG 
_pdbx_database_related.details        '2Nd Pdz Domain of Discs Large Homologue 2' 
_pdbx_database_related.content_type   unspecified 
# 
_pdbx_database_status.status_code                     REL 
_pdbx_database_status.entry_id                        2FE5 
_pdbx_database_status.recvd_initial_deposition_date   2005-12-15 
_pdbx_database_status.deposit_site                    RCSB 
_pdbx_database_status.process_site                    RCSB 
_pdbx_database_status.status_code_sf                  REL 
_pdbx_database_status.status_code_mr                  ? 
_pdbx_database_status.SG_entry                        Y 
_pdbx_database_status.pdb_format_compatible           Y 
_pdbx_database_status.status_code_cs                  ? 
_pdbx_database_status.status_code_nmr_data            ? 
_pdbx_database_status.methods_development_category    ? 
# 
loop_
_audit_author.name 
_audit_author.pdbx_ordinal 
'Ugochukwu, E.'                        1  
'Phillips, C.'                         2  
'Schoch, G.'                           3  
'Berridge, G.'                         4  
'Salah, E.'                            5  
'Colebrook, S.'                        6  
'Smee, C.'                             7  
'Savitsky, P.'                         8  
'Bray, J.'                             9  
'Elkins, J.'                           10 
'Doyle, D.'                            11 
'Bunkoczi, G.'                         12 
'Debreczeni, J.'                       13 
'Turnbull, A.'                         14 
'Gorrec, F.'                           15 
'von Delft, F.'                        16 
'Sundstrom, M.'                        17 
'Arrowsmith, C.'                       18 
'Weigelt, J.'                          19 
'Edwards, A.'                          20 
'Structural Genomics Consortium (SGC)' 21 
# 
_citation.id                        primary 
_citation.title                     'The Crystal Structure of the Second PDZ Domain of Human DLG3' 
_citation.journal_abbrev            'To be Published' 
_citation.journal_volume            ? 
_citation.page_first                ? 
_citation.page_last                 ? 
_citation.year                      ? 
_citation.journal_id_ASTM           ? 
_citation.country                   ? 
_citation.journal_id_ISSN           ? 
_citation.journal_id_CSD            0353 
_citation.book_publisher            ? 
_citation.pdbx_database_id_PubMed   ? 
_citation.pdbx_database_id_DOI      ? 
# 
loop_
_citation_author.citation_id 
_citation_author.name 
_citation_author.ordinal 
_citation_author.identifier_ORCID 
primary 'Ugochukwu, E.'                        1  ? 
primary 'Phillips, C.'                         2  ? 
primary 'Schoch, G.'                           3  ? 
primary 'Berridge, G.'                         4  ? 
primary 'Salah, E.'                            5  ? 
primary 'Colebrook, S.'                        6  ? 
primary 'Smee, C.'                             7  ? 
primary 'Savitsky, P.'                         8  ? 
primary 'Bray, J.'                             9  ? 
primary 'Elkins, J.'                           10 ? 
primary 'Doyle, D.'                            11 ? 
primary 'Bunkoczi, G.'                         12 ? 
primary 'Debreczeni, J.'                       13 ? 
primary 'Turnbull, A.'                         14 ? 
primary 'Gorrec, F.'                           15 ? 
primary 'von Delft, F.'                        16 ? 
primary 'Sundstrom, M.'                        17 ? 
primary 'Arrowsmith, C.'                       18 ? 
primary 'Weigelt, J.'                          19 ? 
primary 'Edwards, A.'                          20 ? 
primary 'Structural Genomics Consortium (SGC)' 21 ? 
# 
_cell.entry_id           2FE5 
_cell.length_a           26.487 
_cell.length_b           40.242 
_cell.length_c           33.340 
_cell.angle_alpha        90.00 
_cell.angle_beta         92.80 
_cell.angle_gamma        90.00 
_cell.Z_PDB              2 
_cell.pdbx_unique_axis   ? 
# 
_symmetry.entry_id                         2FE5 
_symmetry.space_group_name_H-M             'P 1 21 1' 
_symmetry.pdbx_full_space_group_name_H-M   ? 
_symmetry.cell_setting                     ? 
_symmetry.Int_Tables_number                4 
_symmetry.space_group_name_Hall            ? 
# 
loop_
_entity.id 
_entity.type 
_entity.src_method 
_entity.pdbx_description 
_entity.formula_weight 
_entity.pdbx_number_of_molecules 
_entity.pdbx_ec 
_entity.pdbx_mutation 
_entity.pdbx_fragment 
_entity.details 
1 polymer     man 'Presynaptic protein SAP102' 9972.403 1   ? ? PDZ2 ? 
2 non-polymer syn 'SULFATE ION'                96.063   1   ? ? ?    ? 
3 non-polymer syn GLYCEROL                     92.094   1   ? ? ?    ? 
4 water       nat water                        18.015   173 ? ? ?    ? 
# 
_entity_name_com.entity_id   1 
_entity_name_com.name        'Synapse-associated protein 102, Neuroendocrine-DLG, NE-DLG, Discs large homolog 3, DLG3, DLG3A' 
# 
_entity_poly.entity_id                      1 
_entity_poly.type                           'polypeptide(L)' 
_entity_poly.nstd_linkage                   no 
_entity_poly.nstd_monomer                   no 
_entity_poly.pdbx_seq_one_letter_code       
;SMTIMEVNLLKGPKGLGFSIAGGIGNQHIPGDNSIYITKIIEGGAAQKDGRLQIGDRLLAVNNTNLQDVRHEEAVASLKN
TSDMVYLKVAKPGS
;
_entity_poly.pdbx_seq_one_letter_code_can   
;SMTIMEVNLLKGPKGLGFSIAGGIGNQHIPGDNSIYITKIIEGGAAQKDGRLQIGDRLLAVNNTNLQDVRHEEAVASLKN
TSDMVYLKVAKPGS
;
_entity_poly.pdbx_strand_id                 A 
_entity_poly.pdbx_target_identifier         ? 
# 
loop_
_entity_poly_seq.entity_id 
_entity_poly_seq.num 
_entity_poly_seq.mon_id 
_entity_poly_seq.hetero 
1 1  SER n 
1 2  MET n 
1 3  THR n 
1 4  ILE n 
1 5  MET n 
1 6  GLU n 
1 7  VAL n 
1 8  ASN n 
1 9  LEU n 
1 10 LEU n 
1 11 LYS n 
1 12 GLY n 
1 13 PRO n 
1 14 LYS n 
1 15 GLY n 
1 16 LEU n 
1 17 GLY n 
1 18 PHE n 
1 19 SER n 
1 20 ILE n 
1 21 ALA n 
1 22 GLY n 
1 23 GLY n 
1 24 ILE n 
1 25 GLY n 
1 26 ASN n 
1 27 GLN n 
1 28 HIS n 
1 29 ILE n 
1 30 PRO n 
1 31 GLY n 
1 32 ASP n 
1 33 ASN n 
1 34 SER n 
1 35 ILE n 
1 36 TYR n 
1 37 ILE n 
1 38 THR n 
1 39 LYS n 
1 40 ILE n 
1 41 ILE n 
1 42 GLU n 
1 43 GLY n 
1 44 GLY n 
1 45 ALA n 
1 46 ALA n 
1 47 GLN n 
1 48 LYS n 
1 49 ASP n 
1 50 GLY n 
1 51 ARG n 
1 52 LEU n 
1 53 GLN n 
1 54 ILE n 
1 55 GLY n 
1 56 ASP n 
1 57 ARG n 
1 58 LEU n 
1 59 LEU n 
1 60 ALA n 
1 61 VAL n 
1 62 ASN n 
1 63 ASN n 
1 64 THR n 
1 65 ASN n 
1 66 LEU n 
1 67 GLN n 
1 68 ASP n 
1 69 VAL n 
1 70 ARG n 
1 71 HIS n 
1 72 GLU n 
1 73 GLU n 
1 74 ALA n 
1 75 VAL n 
1 76 ALA n 
1 77 SER n 
1 78 LEU n 
1 79 LYS n 
1 80 ASN n 
1 81 THR n 
1 82 SER n 
1 83 ASP n 
1 84 MET n 
1 85 VAL n 
1 86 TYR n 
1 87 LEU n 
1 88 LYS n 
1 89 VAL n 
1 90 ALA n 
1 91 LYS n 
1 92 PRO n 
1 93 GLY n 
1 94 SER n 
# 
_entity_src_gen.entity_id                          1 
_entity_src_gen.pdbx_src_id                        1 
_entity_src_gen.pdbx_alt_source_flag               sample 
_entity_src_gen.pdbx_seq_type                      ? 
_entity_src_gen.pdbx_beg_seq_num                   ? 
_entity_src_gen.pdbx_end_seq_num                   ? 
_entity_src_gen.gene_src_common_name               human 
_entity_src_gen.gene_src_genus                     Homo 
_entity_src_gen.pdbx_gene_src_gene                 'DLG3, KIAA1232' 
_entity_src_gen.gene_src_species                   ? 
_entity_src_gen.gene_src_strain                    ? 
_entity_src_gen.gene_src_tissue                    ? 
_entity_src_gen.gene_src_tissue_fraction           ? 
_entity_src_gen.gene_src_details                   ? 
_entity_src_gen.pdbx_gene_src_fragment             ? 
_entity_src_gen.pdbx_gene_src_scientific_name      'Homo sapiens' 
_entity_src_gen.pdbx_gene_src_ncbi_taxonomy_id     9606 
_entity_src_gen.pdbx_gene_src_variant              ? 
_entity_src_gen.pdbx_gene_src_cell_line            ? 
_entity_src_gen.pdbx_gene_src_atcc                 ? 
_entity_src_gen.pdbx_gene_src_organ                ? 
_entity_src_gen.pdbx_gene_src_organelle            ? 
_entity_src_gen.pdbx_gene_src_cell                 ? 
_entity_src_gen.pdbx_gene_src_cellular_location    ? 
_entity_src_gen.host_org_common_name               ? 
_entity_src_gen.pdbx_host_org_scientific_name      'Escherichia coli' 
_entity_src_gen.pdbx_host_org_ncbi_taxonomy_id     562 
_entity_src_gen.host_org_genus                     Escherichia 
_entity_src_gen.pdbx_host_org_gene                 ? 
_entity_src_gen.pdbx_host_org_organ                ? 
_entity_src_gen.host_org_species                   ? 
_entity_src_gen.pdbx_host_org_tissue               ? 
_entity_src_gen.pdbx_host_org_tissue_fraction      ? 
_entity_src_gen.pdbx_host_org_strain               'BL21(DE3)-R3' 
_entity_src_gen.pdbx_host_org_variant              ? 
_entity_src_gen.pdbx_host_org_cell_line            ? 
_entity_src_gen.pdbx_host_org_atcc                 ? 
_entity_src_gen.pdbx_host_org_culture_collection   ? 
_entity_src_gen.pdbx_host_org_cell                 ? 
_entity_src_gen.pdbx_host_org_organelle            ? 
_entity_src_gen.pdbx_host_org_cellular_location    ? 
_entity_src_gen.pdbx_host_org_vector_type          ? 
_entity_src_gen.pdbx_host_org_vector               ? 
_entity_src_gen.host_org_details                   ? 
_entity_src_gen.expression_system_id               ? 
_entity_src_gen.plasmid_name                       pNIC28-Bsa4 
_entity_src_gen.plasmid_details                    ? 
_entity_src_gen.pdbx_description                   ? 
# 
_struct_ref.id                         1 
_struct_ref.db_name                    UNP 
_struct_ref.db_code                    DLG3_HUMAN 
_struct_ref.pdbx_db_accession          Q92796 
_struct_ref.entity_id                  1 
_struct_ref.pdbx_seq_one_letter_code   
;TIMEVNLLKGPKGLGFSIAGGIGNQHIPGDNSIYITKIIEGGAAQKDGRLQIGDRLLAVNNTNLQDVRHEEAVASLKNTS
DMVYLKVAKPGS
;
_struct_ref.pdbx_align_begin           223 
_struct_ref.pdbx_db_isoform            ? 
# 
_struct_ref_seq.align_id                      1 
_struct_ref_seq.ref_id                        1 
_struct_ref_seq.pdbx_PDB_id_code              2FE5 
_struct_ref_seq.pdbx_strand_id                A 
_struct_ref_seq.seq_align_beg                 3 
_struct_ref_seq.pdbx_seq_align_beg_ins_code   ? 
_struct_ref_seq.seq_align_end                 94 
_struct_ref_seq.pdbx_seq_align_end_ins_code   ? 
_struct_ref_seq.pdbx_db_accession             Q92796 
_struct_ref_seq.db_align_beg                  223 
_struct_ref_seq.pdbx_db_align_beg_ins_code    ? 
_struct_ref_seq.db_align_end                  314 
_struct_ref_seq.pdbx_db_align_end_ins_code    ? 
_struct_ref_seq.pdbx_auth_seq_align_beg       223 
_struct_ref_seq.pdbx_auth_seq_align_end       314 
# 
loop_
_struct_ref_seq_dif.align_id 
_struct_ref_seq_dif.pdbx_pdb_id_code 
_struct_ref_seq_dif.mon_id 
_struct_ref_seq_dif.pdbx_pdb_strand_id 
_struct_ref_seq_dif.seq_num 
_struct_ref_seq_dif.pdbx_pdb_ins_code 
_struct_ref_seq_dif.pdbx_seq_db_name 
_struct_ref_seq_dif.pdbx_seq_db_accession_code 
_struct_ref_seq_dif.db_mon_id 
_struct_ref_seq_dif.pdbx_seq_db_seq_num 
_struct_ref_seq_dif.details 
_struct_ref_seq_dif.pdbx_auth_seq_num 
_struct_ref_seq_dif.pdbx_ordinal 
1 2FE5 SER A 1 ? UNP Q92796 ? ? 'cloning artifact' 221 1 
1 2FE5 MET A 2 ? UNP Q92796 ? ? 'cloning artifact' 222 2 
# 
loop_
_chem_comp.id 
_chem_comp.type 
_chem_comp.mon_nstd_flag 
_chem_comp.name 
_chem_comp.pdbx_synonyms 
_chem_comp.formula 
_chem_comp.formula_weight 
ALA 'L-peptide linking' y ALANINE         ?                               'C3 H7 N O2'     89.093  
ARG 'L-peptide linking' y ARGININE        ?                               'C6 H15 N4 O2 1' 175.209 
ASN 'L-peptide linking' y ASPARAGINE      ?                               'C4 H8 N2 O3'    132.118 
ASP 'L-peptide linking' y 'ASPARTIC ACID' ?                               'C4 H7 N O4'     133.103 
GLN 'L-peptide linking' y GLUTAMINE       ?                               'C5 H10 N2 O3'   146.144 
GLU 'L-peptide linking' y 'GLUTAMIC ACID' ?                               'C5 H9 N O4'     147.129 
GLY 'peptide linking'   y GLYCINE         ?                               'C2 H5 N O2'     75.067  
GOL non-polymer         . GLYCEROL        'GLYCERIN; PROPANE-1,2,3-TRIOL' 'C3 H8 O3'       92.094  
HIS 'L-peptide linking' y HISTIDINE       ?                               'C6 H10 N3 O2 1' 156.162 
HOH non-polymer         . WATER           ?                               'H2 O'           18.015  
ILE 'L-peptide linking' y ISOLEUCINE      ?                               'C6 H13 N O2'    131.173 
LEU 'L-peptide linking' y LEUCINE         ?                               'C6 H13 N O2'    131.173 
LYS 'L-peptide linking' y LYSINE          ?                               'C6 H15 N2 O2 1' 147.195 
MET 'L-peptide linking' y METHIONINE      ?                               'C5 H11 N O2 S'  149.211 
PHE 'L-peptide linking' y PHENYLALANINE   ?                               'C9 H11 N O2'    165.189 
PRO 'L-peptide linking' y PROLINE         ?                               'C5 H9 N O2'     115.130 
SER 'L-peptide linking' y SERINE          ?                               'C3 H7 N O3'     105.093 
SO4 non-polymer         . 'SULFATE ION'   ?                               'O4 S -2'        96.063  
THR 'L-peptide linking' y THREONINE       ?                               'C4 H9 N O3'     119.119 
TYR 'L-peptide linking' y TYROSINE        ?                               'C9 H11 N O3'    181.189 
VAL 'L-peptide linking' y VALINE          ?                               'C5 H11 N O2'    117.146 
# 
_exptl.entry_id          2FE5 
_exptl.method            'X-RAY DIFFRACTION' 
_exptl.crystals_number   1 
# 
_exptl_crystal.id                    1 
_exptl_crystal.density_meas          ? 
_exptl_crystal.density_Matthews      1.78 
_exptl_crystal.density_percent_sol   30.88 
_exptl_crystal.description           ? 
_exptl_crystal.F_000                 ? 
_exptl_crystal.preparation           ? 
# 
_exptl_crystal_grow.crystal_id      1 
_exptl_crystal_grow.method          'VAPOR DIFFUSION, SITTING DROP' 
_exptl_crystal_grow.temp            293 
_exptl_crystal_grow.temp_details    ? 
_exptl_crystal_grow.pH              5.5 
_exptl_crystal_grow.pdbx_details    
'Ammonium sulphate, Glycerol, Bis-Tris, pH 5.5, VAPOR DIFFUSION, SITTING DROP, temperature 293K' 
_exptl_crystal_grow.pdbx_pH_range   . 
# 
_diffrn.id                     1 
_diffrn.ambient_temp           100 
_diffrn.ambient_temp_details   ? 
_diffrn.crystal_id             1 
# 
_diffrn_detector.diffrn_id              1 
_diffrn_detector.detector               CCD 
_diffrn_detector.type                   'MARMOSAIC 225 mm CCD' 
_diffrn_detector.pdbx_collection_date   2005-11-18 
_diffrn_detector.details                ? 
# 
_diffrn_radiation.diffrn_id                        1 
_diffrn_radiation.wavelength_id                    1 
_diffrn_radiation.pdbx_monochromatic_or_laue_m_l   M 
_diffrn_radiation.monochromator                    ? 
_diffrn_radiation.pdbx_diffrn_protocol             'SINGLE WAVELENGTH' 
_diffrn_radiation.pdbx_scattering_type             x-ray 
# 
_diffrn_radiation_wavelength.id           1 
_diffrn_radiation_wavelength.wavelength   0.97910 
_diffrn_radiation_wavelength.wt           1.0 
# 
_diffrn_source.diffrn_id                   1 
_diffrn_source.source                      SYNCHROTRON 
_diffrn_source.type                        'SLS BEAMLINE X10SA' 
_diffrn_source.pdbx_synchrotron_site       SLS 
_diffrn_source.pdbx_synchrotron_beamline   X10SA 
_diffrn_source.pdbx_wavelength             ? 
_diffrn_source.pdbx_wavelength_list        0.97910 
# 
_reflns.entry_id                     2FE5 
_reflns.observed_criterion_sigma_I   0 
_reflns.observed_criterion_sigma_F   0 
_reflns.d_resolution_low             26.45 
_reflns.d_resolution_high            1.1 
_reflns.number_obs                   27971 
_reflns.number_all                   ? 
_reflns.percent_possible_obs         98.4 
_reflns.pdbx_Rmerge_I_obs            ? 
_reflns.pdbx_Rsym_value              ? 
_reflns.pdbx_netI_over_sigmaI        ? 
_reflns.B_iso_Wilson_estimate        ? 
_reflns.pdbx_redundancy              ? 
_reflns.R_free_details               ? 
_reflns.limit_h_max                  ? 
_reflns.limit_h_min                  ? 
_reflns.limit_k_max                  ? 
_reflns.limit_k_min                  ? 
_reflns.limit_l_max                  ? 
_reflns.limit_l_min                  ? 
_reflns.observed_criterion_F_max     ? 
_reflns.observed_criterion_F_min     ? 
_reflns.pdbx_chi_squared             ? 
_reflns.pdbx_scaling_rejects         ? 
_reflns.pdbx_ordinal                 1 
_reflns.pdbx_diffrn_id               1 
# 
_reflns_shell.d_res_high             1.10 
_reflns_shell.d_res_low              1.16 
_reflns_shell.percent_possible_all   96.6 
_reflns_shell.Rmerge_I_obs           ? 
_reflns_shell.pdbx_Rsym_value        ? 
_reflns_shell.meanI_over_sigI_obs    ? 
_reflns_shell.pdbx_redundancy        ? 
_reflns_shell.percent_possible_obs   ? 
_reflns_shell.number_unique_all      ? 
_reflns_shell.number_measured_all    ? 
_reflns_shell.number_measured_obs    ? 
_reflns_shell.number_unique_obs      ? 
_reflns_shell.pdbx_chi_squared       ? 
_reflns_shell.pdbx_ordinal           1 
_reflns_shell.pdbx_diffrn_id         1 
# 
_refine.entry_id                                 2FE5 
_refine.ls_number_reflns_obs                     26547 
_refine.ls_number_reflns_all                     26547 
_refine.pdbx_ls_sigma_I                          ? 
_refine.pdbx_ls_sigma_F                          0 
_refine.pdbx_data_cutoff_high_absF               ? 
_refine.pdbx_data_cutoff_low_absF                ? 
_refine.pdbx_data_cutoff_high_rms_absF           ? 
_refine.ls_d_res_low                             26.45 
_refine.ls_d_res_high                            1.10 
_refine.ls_percent_reflns_obs                    98.11 
_refine.ls_R_factor_obs                          0.11512 
_refine.ls_R_factor_all                          0.11512 
_refine.ls_R_factor_R_work                       0.11322 
_refine.ls_R_factor_R_free                       0.15038 
_refine.ls_R_factor_R_free_error                 ? 
_refine.ls_R_factor_R_free_error_details         ? 
_refine.ls_percent_reflns_R_free                 5.0 
_refine.ls_number_reflns_R_free                  1406 
_refine.ls_number_parameters                     ? 
_refine.ls_number_restraints                     ? 
_refine.occupancy_min                            ? 
_refine.occupancy_max                            ? 
_refine.correlation_coeff_Fo_to_Fc               0.981 
_refine.correlation_coeff_Fo_to_Fc_free          0.970 
_refine.B_iso_mean                               7.076 
_refine.aniso_B[1][1]                            0.23 
_refine.aniso_B[2][2]                            0.10 
_refine.aniso_B[3][3]                            -0.31 
_refine.aniso_B[1][2]                            0.00 
_refine.aniso_B[1][3]                            0.15 
_refine.aniso_B[2][3]                            0.00 
_refine.solvent_model_details                    'BABINET MODEL WITH MASK' 
_refine.solvent_model_param_ksol                 ? 
_refine.solvent_model_param_bsol                 ? 
_refine.pdbx_solvent_vdw_probe_radii             1.40 
_refine.pdbx_solvent_ion_probe_radii             0.80 
_refine.pdbx_solvent_shrinkage_radii             0.80 
_refine.pdbx_ls_cross_valid_method               THROUGHOUT 
_refine.details                                  'HYDROGENS HAVE BEEN ADDED IN THE RIDING POSITIONS' 
_refine.pdbx_starting_model                      2BYG.pdb 
_refine.pdbx_method_to_determine_struct          'MOLECULAR REPLACEMENT' 
_refine.pdbx_isotropic_thermal_model             ? 
_refine.pdbx_stereochemistry_target_values       'MAXIMUM LIKELIHOOD' 
_refine.pdbx_stereochem_target_val_spec_case     ? 
_refine.pdbx_R_Free_selection_details            RANDOM 
_refine.pdbx_overall_ESU_R                       0.029 
_refine.pdbx_overall_ESU_R_Free                  0.032 
_refine.overall_SU_ML                            0.020 
_refine.overall_SU_B                             0.886 
_refine.ls_redundancy_reflns_obs                 ? 
_refine.B_iso_min                                ? 
_refine.B_iso_max                                ? 
_refine.overall_SU_R_Cruickshank_DPI             ? 
_refine.overall_SU_R_free                        ? 
_refine.ls_wR_factor_R_free                      ? 
_refine.ls_wR_factor_R_work                      ? 
_refine.overall_FOM_free_R_set                   ? 
_refine.overall_FOM_work_R_set                   ? 
_refine.pdbx_refine_id                           'X-RAY DIFFRACTION' 
_refine.pdbx_diffrn_id                           1 
_refine.pdbx_TLS_residual_ADP_flag               ? 
_refine.pdbx_overall_phase_error                 ? 
_refine.pdbx_overall_SU_R_free_Cruickshank_DPI   ? 
_refine.pdbx_overall_SU_R_Blow_DPI               ? 
_refine.pdbx_overall_SU_R_free_Blow_DPI          ? 
# 
_refine_hist.pdbx_refine_id                   'X-RAY DIFFRACTION' 
_refine_hist.cycle_id                         LAST 
_refine_hist.pdbx_number_atoms_protein        698 
_refine_hist.pdbx_number_atoms_nucleic_acid   0 
_refine_hist.pdbx_number_atoms_ligand         11 
_refine_hist.number_atoms_solvent             173 
_refine_hist.number_atoms_total               882 
_refine_hist.d_res_high                       1.10 
_refine_hist.d_res_low                        26.45 
# 
loop_
_refine_ls_restr.type 
_refine_ls_restr.dev_ideal 
_refine_ls_restr.dev_ideal_target 
_refine_ls_restr.weight 
_refine_ls_restr.number 
_refine_ls_restr.pdbx_refine_id 
_refine_ls_restr.pdbx_restraint_function 
r_bond_refined_d         0.009  0.022  ? 777  'X-RAY DIFFRACTION' ? 
r_bond_other_d           0.001  0.020  ? 533  'X-RAY DIFFRACTION' ? 
r_angle_refined_deg      1.439  1.997  ? 1050 'X-RAY DIFFRACTION' ? 
r_angle_other_deg        0.873  3.000  ? 1326 'X-RAY DIFFRACTION' ? 
r_dihedral_angle_1_deg   6.347  5.000  ? 104  'X-RAY DIFFRACTION' ? 
r_dihedral_angle_2_deg   36.642 25.938 ? 32   'X-RAY DIFFRACTION' ? 
r_dihedral_angle_3_deg   12.600 15.000 ? 151  'X-RAY DIFFRACTION' ? 
r_dihedral_angle_4_deg   12.292 15.000 ? 4    'X-RAY DIFFRACTION' ? 
r_chiral_restr           0.090  0.200  ? 121  'X-RAY DIFFRACTION' ? 
r_gen_planes_refined     0.006  0.020  ? 854  'X-RAY DIFFRACTION' ? 
r_gen_planes_other       0.001  0.020  ? 130  'X-RAY DIFFRACTION' ? 
r_nbd_refined            0.200  0.200  ? 144  'X-RAY DIFFRACTION' ? 
r_nbd_other              0.182  0.200  ? 581  'X-RAY DIFFRACTION' ? 
r_nbtor_refined          0.163  0.200  ? 355  'X-RAY DIFFRACTION' ? 
r_nbtor_other            0.084  0.200  ? 416  'X-RAY DIFFRACTION' ? 
r_xyhbond_nbd_refined    0.171  0.200  ? 122  'X-RAY DIFFRACTION' ? 
r_symmetry_vdw_refined   0.304  0.200  ? 23   'X-RAY DIFFRACTION' ? 
r_symmetry_vdw_other     0.278  0.200  ? 55   'X-RAY DIFFRACTION' ? 
r_symmetry_hbond_refined 0.233  0.200  ? 48   'X-RAY DIFFRACTION' ? 
r_mcbond_it              3.211  5.000  ? 645  'X-RAY DIFFRACTION' ? 
r_mcbond_other           1.813  5.000  ? 207  'X-RAY DIFFRACTION' ? 
r_mcangle_it             3.634  7.000  ? 794  'X-RAY DIFFRACTION' ? 
r_scbond_it              4.751  9.000  ? 310  'X-RAY DIFFRACTION' ? 
r_scangle_it             6.059  11.000 ? 252  'X-RAY DIFFRACTION' ? 
r_rigid_bond_restr       2.087  3.000  ? 1528 'X-RAY DIFFRACTION' ? 
r_sphericity_free        8.369  3.000  ? 185  'X-RAY DIFFRACTION' ? 
r_sphericity_bonded      4.091  3.000  ? 1301 'X-RAY DIFFRACTION' ? 
# 
_refine_ls_shell.pdbx_total_number_of_bins_used   20 
_refine_ls_shell.d_res_high                       1.100 
_refine_ls_shell.d_res_low                        1.129 
_refine_ls_shell.number_reflns_R_work             1894 
_refine_ls_shell.R_factor_R_work                  0.185 
_refine_ls_shell.percent_reflns_obs               96.05 
_refine_ls_shell.R_factor_R_free                  0.248 
_refine_ls_shell.R_factor_R_free_error            ? 
_refine_ls_shell.percent_reflns_R_free            ? 
_refine_ls_shell.number_reflns_R_free             98 
_refine_ls_shell.number_reflns_all                ? 
_refine_ls_shell.R_factor_all                     ? 
_refine_ls_shell.number_reflns_obs                ? 
_refine_ls_shell.redundancy_reflns_obs            ? 
_refine_ls_shell.pdbx_refine_id                   'X-RAY DIFFRACTION' 
# 
_struct.entry_id                  2FE5 
_struct.title                     'The Crystal Structure of the Second PDZ Domain of Human DLG3' 
_struct.pdbx_model_details        ? 
_struct.pdbx_CASP_flag            ? 
_struct.pdbx_model_type_details   ? 
# 
_struct_keywords.entry_id        2FE5 
_struct_keywords.pdbx_keywords   'STRUCTURAL PROTEIN' 
_struct_keywords.text            
'PDZ domain, DLG3, Human, Structural Genomics, Structural Genomics Consortium, SGC, STRUCTURAL PROTEIN' 
# 
loop_
_struct_asym.id 
_struct_asym.pdbx_blank_PDB_chainid_flag 
_struct_asym.pdbx_modified 
_struct_asym.entity_id 
_struct_asym.details 
A N N 1 ? 
B N N 2 ? 
C N N 3 ? 
D N N 4 ? 
# 
_struct_biol.id   1 
# 
loop_
_struct_conf.conf_type_id 
_struct_conf.id 
_struct_conf.pdbx_PDB_helix_id 
_struct_conf.beg_label_comp_id 
_struct_conf.beg_label_asym_id 
_struct_conf.beg_label_seq_id 
_struct_conf.pdbx_beg_PDB_ins_code 
_struct_conf.end_label_comp_id 
_struct_conf.end_label_asym_id 
_struct_conf.end_label_seq_id 
_struct_conf.pdbx_end_PDB_ins_code 
_struct_conf.beg_auth_comp_id 
_struct_conf.beg_auth_asym_id 
_struct_conf.beg_auth_seq_id 
_struct_conf.end_auth_comp_id 
_struct_conf.end_auth_asym_id 
_struct_conf.end_auth_seq_id 
_struct_conf.pdbx_PDB_helix_class 
_struct_conf.details 
_struct_conf.pdbx_PDB_helix_length 
HELX_P HELX_P1 1 GLY A 44 ? GLY A 50 ? GLY A 264 GLY A 270 1 ? 7  
HELX_P HELX_P2 2 ARG A 70 ? ASN A 80 ? ARG A 290 ASN A 300 1 ? 11 
# 
_struct_conf_type.id          HELX_P 
_struct_conf_type.criteria    ? 
_struct_conf_type.reference   ? 
# 
loop_
_struct_sheet.id 
_struct_sheet.type 
_struct_sheet.number_strands 
_struct_sheet.details 
A ? 5 ? 
B ? 4 ? 
# 
loop_
_struct_sheet_order.sheet_id 
_struct_sheet_order.range_id_1 
_struct_sheet_order.range_id_2 
_struct_sheet_order.offset 
_struct_sheet_order.sense 
A 1 2 ? anti-parallel 
A 2 3 ? anti-parallel 
A 3 4 ? anti-parallel 
A 4 5 ? anti-parallel 
B 1 2 ? anti-parallel 
B 2 3 ? anti-parallel 
B 3 4 ? anti-parallel 
# 
loop_
_struct_sheet_range.sheet_id 
_struct_sheet_range.id 
_struct_sheet_range.beg_label_comp_id 
_struct_sheet_range.beg_label_asym_id 
_struct_sheet_range.beg_label_seq_id 
_struct_sheet_range.pdbx_beg_PDB_ins_code 
_struct_sheet_range.end_label_comp_id 
_struct_sheet_range.end_label_asym_id 
_struct_sheet_range.end_label_seq_id 
_struct_sheet_range.pdbx_end_PDB_ins_code 
_struct_sheet_range.beg_auth_comp_id 
_struct_sheet_range.beg_auth_asym_id 
_struct_sheet_range.beg_auth_seq_id 
_struct_sheet_range.end_auth_comp_id 
_struct_sheet_range.end_auth_asym_id 
_struct_sheet_range.end_auth_seq_id 
A 1 ILE A 4  ? LEU A 10 ? ILE A 224 LEU A 230 
A 2 MET A 84 ? ALA A 90 ? MET A 304 ALA A 310 
A 3 ARG A 57 ? VAL A 61 ? ARG A 277 VAL A 281 
A 4 ILE A 35 ? ILE A 40 ? ILE A 255 ILE A 260 
A 5 PHE A 18 ? GLY A 22 ? PHE A 238 GLY A 242 
B 1 ILE A 4  ? LEU A 10 ? ILE A 224 LEU A 230 
B 2 MET A 84 ? ALA A 90 ? MET A 304 ALA A 310 
B 3 ARG A 57 ? VAL A 61 ? ARG A 277 VAL A 281 
B 4 THR A 64 ? ASN A 65 ? THR A 284 ASN A 285 
# 
loop_
_pdbx_struct_sheet_hbond.sheet_id 
_pdbx_struct_sheet_hbond.range_id_1 
_pdbx_struct_sheet_hbond.range_id_2 
_pdbx_struct_sheet_hbond.range_1_label_atom_id 
_pdbx_struct_sheet_hbond.range_1_label_comp_id 
_pdbx_struct_sheet_hbond.range_1_label_asym_id 
_pdbx_struct_sheet_hbond.range_1_label_seq_id 
_pdbx_struct_sheet_hbond.range_1_PDB_ins_code 
_pdbx_struct_sheet_hbond.range_1_auth_atom_id 
_pdbx_struct_sheet_hbond.range_1_auth_comp_id 
_pdbx_struct_sheet_hbond.range_1_auth_asym_id 
_pdbx_struct_sheet_hbond.range_1_auth_seq_id 
_pdbx_struct_sheet_hbond.range_2_label_atom_id 
_pdbx_struct_sheet_hbond.range_2_label_comp_id 
_pdbx_struct_sheet_hbond.range_2_label_asym_id 
_pdbx_struct_sheet_hbond.range_2_label_seq_id 
_pdbx_struct_sheet_hbond.range_2_PDB_ins_code 
_pdbx_struct_sheet_hbond.range_2_auth_atom_id 
_pdbx_struct_sheet_hbond.range_2_auth_comp_id 
_pdbx_struct_sheet_hbond.range_2_auth_asym_id 
_pdbx_struct_sheet_hbond.range_2_auth_seq_id 
A 1 2 N VAL A 7  ? N VAL A 227 O LEU A 87 ? O LEU A 307 
A 2 3 O ALA A 90 ? O ALA A 310 N ARG A 57 ? N ARG A 277 
A 3 4 O LEU A 58 ? O LEU A 278 N ILE A 35 ? N ILE A 255 
A 4 5 O TYR A 36 ? O TYR A 256 N ALA A 21 ? N ALA A 241 
B 1 2 N VAL A 7  ? N VAL A 227 O LEU A 87 ? O LEU A 307 
B 2 3 O ALA A 90 ? O ALA A 310 N ARG A 57 ? N ARG A 277 
B 3 4 N VAL A 61 ? N VAL A 281 O THR A 64 ? O THR A 284 
# 
loop_
_struct_site.id 
_struct_site.pdbx_evidence_code 
_struct_site.pdbx_auth_asym_id 
_struct_site.pdbx_auth_comp_id 
_struct_site.pdbx_auth_seq_id 
_struct_site.pdbx_auth_ins_code 
_struct_site.pdbx_num_residues 
_struct_site.details 
AC1 Software A SO4 501 ? 7  'BINDING SITE FOR RESIDUE SO4 A 501' 
AC2 Software A GOL 401 ? 10 'BINDING SITE FOR RESIDUE GOL A 401' 
# 
loop_
_struct_site_gen.id 
_struct_site_gen.site_id 
_struct_site_gen.pdbx_num_res 
_struct_site_gen.label_comp_id 
_struct_site_gen.label_asym_id 
_struct_site_gen.label_seq_id 
_struct_site_gen.pdbx_auth_ins_code 
_struct_site_gen.auth_comp_id 
_struct_site_gen.auth_asym_id 
_struct_site_gen.auth_seq_id 
_struct_site_gen.label_atom_id 
_struct_site_gen.label_alt_id 
_struct_site_gen.symmetry 
_struct_site_gen.details 
1  AC1 7  HOH D .  ? HOH A 107 . ? 1_555 ? 
2  AC1 7  HOH D .  ? HOH A 126 . ? 1_556 ? 
3  AC1 7  HOH D .  ? HOH A 175 . ? 1_555 ? 
4  AC1 7  ASN A 8  ? ASN A 228 . ? 1_555 ? 
5  AC1 7  GLN A 27 ? GLN A 247 . ? 1_556 ? 
6  AC1 7  ASN A 33 ? ASN A 253 . ? 1_556 ? 
7  AC1 7  ARG A 51 ? ARG A 271 . ? 1_555 ? 
8  AC2 10 HOH D .  ? HOH A 119 . ? 1_555 ? 
9  AC2 10 HOH D .  ? HOH A 131 . ? 1_555 ? 
10 AC2 10 HOH D .  ? HOH A 132 . ? 1_555 ? 
11 AC2 10 HOH D .  ? HOH A 177 . ? 1_555 ? 
12 AC2 10 LYS A 11 ? LYS A 231 . ? 1_555 ? 
13 AC2 10 LYS A 14 ? LYS A 234 . ? 1_555 ? 
14 AC2 10 GLY A 15 ? GLY A 235 . ? 1_555 ? 
15 AC2 10 LEU A 16 ? LEU A 236 . ? 1_555 ? 
16 AC2 10 GLY A 17 ? GLY A 237 . ? 1_555 ? 
17 AC2 10 LYS A 79 ? LYS A 299 . ? 1_555 ? 
# 
_atom_sites.entry_id                    2FE5 
_atom_sites.fract_transf_matrix[1][1]   -0.03144414 
_atom_sites.fract_transf_matrix[1][2]   -0.00475822 
_atom_sites.fract_transf_matrix[1][3]   -0.02043059 
_atom_sites.fract_transf_matrix[2][1]   0.01334127 
_atom_sites.fract_transf_matrix[2][2]   -0.01066597 
_atom_sites.fract_transf_matrix[2][3]   -0.01804910 
_atom_sites.fract_transf_matrix[3][1]   -0.00543797 
_atom_sites.fract_transf_matrix[3][2]   -0.02701122 
_atom_sites.fract_transf_matrix[3][3]   0.01194250 
_atom_sites.fract_transf_vector[1]      0.190146 
_atom_sites.fract_transf_vector[2]      0.451471 
_atom_sites.fract_transf_vector[3]      0.199734 
# 
loop_
_atom_type.symbol 
C 
N 
O 
S 
# 
loop_
_atom_site.group_PDB 
_atom_site.id 
_atom_site.type_symbol 
_atom_site.label_atom_id 
_atom_site.label_alt_id 
_atom_site.label_comp_id 
_atom_site.label_asym_id 
_atom_site.label_entity_id 
_atom_site.label_seq_id 
_atom_site.pdbx_PDB_ins_code 
_atom_site.Cartn_x 
_atom_site.Cartn_y 
_atom_site.Cartn_z 
_atom_site.occupancy 
_atom_site.B_iso_or_equiv 
_atom_site.pdbx_formal_charge 
_atom_site.auth_seq_id 
_atom_site.auth_comp_id 
_atom_site.auth_asym_id 
_atom_site.auth_atom_id 
_atom_site.pdbx_PDB_model_num 
ATOM   1   N N   . SER A 1 1  ? -14.562 10.287  10.241  1.00 25.64 ? 221 SER A N   1 
ATOM   2   C CA  . SER A 1 1  ? -13.354 9.505   10.617  1.00 23.18 ? 221 SER A CA  1 
ATOM   3   C C   . SER A 1 1  ? -12.922 8.605   9.475   1.00 21.62 ? 221 SER A C   1 
ATOM   4   O O   . SER A 1 1  ? -13.702 8.267   8.591   1.00 22.06 ? 221 SER A O   1 
ATOM   5   C CB  . SER A 1 1  ? -13.618 8.648   11.857  1.00 23.63 ? 221 SER A CB  1 
ATOM   6   O OG  . SER A 1 1  ? -13.648 9.446   13.026  1.00 29.25 ? 221 SER A OG  1 
ATOM   7   N N   . MET A 1 2  ? -11.668 8.194   9.535   1.00 20.13 ? 222 MET A N   1 
ATOM   8   C CA  A MET A 1 2  ? -11.068 7.316   8.546   0.70 14.34 ? 222 MET A CA  1 
ATOM   9   C CA  B MET A 1 2  ? -11.118 7.318   8.512   0.30 15.05 ? 222 MET A CA  1 
ATOM   10  C C   . MET A 1 2  ? -11.471 5.873   8.846   1.00 10.74 ? 222 MET A C   1 
ATOM   11  O O   . MET A 1 2  ? -11.503 5.487   10.012  1.00 13.64 ? 222 MET A O   1 
ATOM   12  C CB  A MET A 1 2  ? -9.565  7.472   8.695   0.70 17.13 ? 222 MET A CB  1 
ATOM   13  C CB  B MET A 1 2  ? -9.605  7.516   8.403   0.30 16.12 ? 222 MET A CB  1 
ATOM   14  C CG  A MET A 1 2  ? -8.730  7.105   7.533   0.70 20.47 ? 222 MET A CG  1 
ATOM   15  C CG  B MET A 1 2  ? -9.226  8.975   8.161   0.30 17.43 ? 222 MET A CG  1 
ATOM   16  S SD  A MET A 1 2  ? -7.120  7.834   7.893   0.70 14.34 ? 222 MET A SD  1 
ATOM   17  S SD  B MET A 1 2  ? -7.473  9.294   7.917   0.30 16.39 ? 222 MET A SD  1 
ATOM   18  C CE  A MET A 1 2  ? -7.011  9.112   6.644   0.70 21.61 ? 222 MET A CE  1 
ATOM   19  C CE  B MET A 1 2  ? -7.252  8.329   6.422   0.30 5.71  ? 222 MET A CE  1 
ATOM   20  N N   . THR A 1 3  ? -11.760 5.083   7.807   1.00 9.04  ? 223 THR A N   1 
ATOM   21  C CA  . THR A 1 3  ? -11.983 3.644   7.942   1.00 8.08  ? 223 THR A CA  1 
ATOM   22  C C   . THR A 1 3  ? -10.635 2.963   7.719   1.00 6.77  ? 223 THR A C   1 
ATOM   23  O O   . THR A 1 3  ? -10.171 2.851   6.589   1.00 8.67  ? 223 THR A O   1 
ATOM   24  C CB  . THR A 1 3  ? -13.014 3.129   6.920   1.00 9.15  ? 223 THR A CB  1 
ATOM   25  O OG1 . THR A 1 3  ? -14.266 3.801   7.113   1.00 12.72 ? 223 THR A OG1 1 
ATOM   26  C CG2 . THR A 1 3  ? -13.207 1.617   7.065   1.00 11.12 ? 223 THR A CG2 1 
ATOM   27  N N   . ILE A 1 4  ? -9.985  2.552   8.796   1.00 6.70  ? 224 ILE A N   1 
ATOM   28  C CA  . ILE A 1 4  ? -8.624  2.060   8.727   1.00 7.17  ? 224 ILE A CA  1 
ATOM   29  C C   . ILE A 1 4  ? -8.615  0.551   8.903   1.00 8.74  ? 224 ILE A C   1 
ATOM   30  O O   . ILE A 1 4  ? -9.309  0.024   9.764   1.00 12.94 ? 224 ILE A O   1 
ATOM   31  C CB  . ILE A 1 4  ? -7.739  2.777   9.769   1.00 8.19  ? 224 ILE A CB  1 
ATOM   32  C CG1 . ILE A 1 4  ? -7.692  4.289   9.482   1.00 9.00  ? 224 ILE A CG1 1 
ATOM   33  C CG2 . ILE A 1 4  ? -6.316  2.183   9.770   1.00 10.24 ? 224 ILE A CG2 1 
ATOM   34  C CD1 . ILE A 1 4  ? -7.057  5.123   10.595  1.00 11.21 ? 224 ILE A CD1 1 
ATOM   35  N N   . MET A 1 5  ? -7.845  -0.137  8.061   1.00 6.68  ? 225 MET A N   1 
ATOM   36  C CA  . MET A 1 5  ? -7.621  -1.569  8.185   1.00 6.84  ? 225 MET A CA  1 
ATOM   37  C C   . MET A 1 5  ? -6.121  -1.842  8.207   1.00 5.09  ? 225 MET A C   1 
ATOM   38  O O   . MET A 1 5  ? -5.352  -1.169  7.521   1.00 6.38  ? 225 MET A O   1 
ATOM   39  C CB  . MET A 1 5  ? -8.232  -2.330  7.007   1.00 8.62  ? 225 MET A CB  1 
ATOM   40  C CG  . MET A 1 5  ? -9.755  -2.471  6.970   1.00 12.65 ? 225 MET A CG  1 
ATOM   41  S SD  A MET A 1 5  ? -10.471 -3.356  5.554   0.50 8.39  ? 225 MET A SD  1 
ATOM   42  S SD  B MET A 1 5  ? -10.225 -3.467  5.538   0.50 20.18 ? 225 MET A SD  1 
ATOM   43  C CE  A MET A 1 5  ? -9.947  -5.029  5.881   0.50 5.81  ? 225 MET A CE  1 
ATOM   44  C CE  B MET A 1 5  ? -8.645  -4.263  5.190   0.50 7.49  ? 225 MET A CE  1 
ATOM   45  N N   . GLU A 1 6  ? -5.731  -2.849  8.982   1.00 4.73  ? 226 GLU A N   1 
ATOM   46  C CA  A GLU A 1 6  ? -4.364  -3.351  9.023   0.70 4.86  ? 226 GLU A CA  1 
ATOM   47  C CA  B GLU A 1 6  ? -4.353  -3.342  8.971   0.30 5.15  ? 226 GLU A CA  1 
ATOM   48  C C   . GLU A 1 6  ? -4.336  -4.744  8.407   1.00 5.62  ? 226 GLU A C   1 
ATOM   49  O O   . GLU A 1 6  ? -5.147  -5.597  8.780   1.00 6.49  ? 226 GLU A O   1 
ATOM   50  C CB  A GLU A 1 6  ? -3.883  -3.466  10.462  0.70 7.40  ? 226 GLU A CB  1 
ATOM   51  C CB  B GLU A 1 6  ? -3.706  -3.350  10.355  0.30 6.55  ? 226 GLU A CB  1 
ATOM   52  C CG  A GLU A 1 6  ? -3.854  -2.169  11.233  0.70 7.98  ? 226 GLU A CG  1 
ATOM   53  C CG  B GLU A 1 6  ? -3.547  -1.978  10.955  0.30 5.55  ? 226 GLU A CG  1 
ATOM   54  C CD  A GLU A 1 6  ? -3.426  -2.400  12.671  0.70 8.04  ? 226 GLU A CD  1 
ATOM   55  C CD  B GLU A 1 6  ? -4.856  -1.409  11.399  0.30 9.07  ? 226 GLU A CD  1 
ATOM   56  O OE1 A GLU A 1 6  ? -3.878  -3.387  13.283  0.70 13.68 ? 226 GLU A OE1 1 
ATOM   57  O OE1 B GLU A 1 6  ? -5.802  -2.203  11.563  0.30 13.81 ? 226 GLU A OE1 1 
ATOM   58  O OE2 A GLU A 1 6  ? -2.606  -1.635  13.187  0.70 5.65  ? 226 GLU A OE2 1 
ATOM   59  O OE2 B GLU A 1 6  ? -4.958  -0.182  11.603  0.30 9.07  ? 226 GLU A OE2 1 
ATOM   60  N N   . VAL A 1 7  ? -3.403  -4.975  7.495   1.00 5.28  ? 227 VAL A N   1 
ATOM   61  C CA  . VAL A 1 7  ? -3.292  -6.237  6.767   1.00 7.51  ? 227 VAL A CA  1 
ATOM   62  C C   . VAL A 1 7  ? -1.820  -6.655  6.839   1.00 6.25  ? 227 VAL A C   1 
ATOM   63  O O   . VAL A 1 7  ? -0.947  -5.892  6.408   1.00 10.83 ? 227 VAL A O   1 
ATOM   64  C CB  . VAL A 1 7  ? -3.757  -6.059  5.274   1.00 8.82  ? 227 VAL A CB  1 
ATOM   65  C CG1 . VAL A 1 7  ? -3.538  -7.325  4.434   1.00 9.78  ? 227 VAL A CG1 1 
ATOM   66  C CG2 . VAL A 1 7  ? -5.216  -5.621  5.215   1.00 10.65 ? 227 VAL A CG2 1 
ATOM   67  N N   . ASN A 1 8  ? -1.539  -7.850  7.369   1.00 6.23  ? 228 ASN A N   1 
ATOM   68  C CA  . ASN A 1 8  ? -0.182  -8.401  7.419   1.00 6.52  ? 228 ASN A CA  1 
ATOM   69  C C   . ASN A 1 8  ? -0.085  -9.483  6.357   1.00 6.56  ? 228 ASN A C   1 
ATOM   70  O O   . ASN A 1 8  ? -0.778  -10.493 6.442   1.00 10.27 ? 228 ASN A O   1 
ATOM   71  C CB  . ASN A 1 8  ? 0.117   -8.973  8.807   1.00 7.57  ? 228 ASN A CB  1 
ATOM   72  C CG  . ASN A 1 8  ? 0.273   -7.876  9.863   1.00 8.27  ? 228 ASN A CG  1 
ATOM   73  O OD1 . ASN A 1 8  ? 1.273   -7.172  9.887   1.00 12.36 ? 228 ASN A OD1 1 
ATOM   74  N ND2 . ASN A 1 8  ? -0.739  -7.696  10.696  1.00 11.85 ? 228 ASN A ND2 1 
ATOM   75  N N   . LEU A 1 9  ? 0.765   -9.263  5.363   1.00 5.71  ? 229 LEU A N   1 
ATOM   76  C CA  . LEU A 1 9  ? 0.915   -10.184 4.237   1.00 5.78  ? 229 LEU A CA  1 
ATOM   77  C C   . LEU A 1 9  ? 2.278   -10.837 4.219   1.00 5.82  ? 229 LEU A C   1 
ATOM   78  O O   . LEU A 1 9  ? 3.282   -10.233 4.572   1.00 6.37  ? 229 LEU A O   1 
ATOM   79  C CB  . LEU A 1 9  ? 0.720   -9.455  2.900   1.00 6.05  ? 229 LEU A CB  1 
ATOM   80  C CG  . LEU A 1 9  ? -0.654  -8.846  2.615   1.00 7.49  ? 229 LEU A CG  1 
ATOM   81  C CD1 . LEU A 1 9  ? -0.671  -8.200  1.242   1.00 8.97  ? 229 LEU A CD1 1 
ATOM   82  C CD2 . LEU A 1 9  ? -1.751  -9.882  2.735   1.00 10.09 ? 229 LEU A CD2 1 
ATOM   83  N N   . LEU A 1 10 ? 2.281   -12.088 3.785   1.00 5.54  ? 230 LEU A N   1 
ATOM   84  C CA  . LEU A 1 10 ? 3.487   -12.844 3.497   1.00 6.35  ? 230 LEU A CA  1 
ATOM   85  C C   . LEU A 1 10 ? 3.756   -12.686 2.007   1.00 6.67  ? 230 LEU A C   1 
ATOM   86  O O   . LEU A 1 10 ? 2.892   -12.991 1.182   1.00 7.20  ? 230 LEU A O   1 
ATOM   87  C CB  . LEU A 1 10 ? 3.253   -14.319 3.820   1.00 8.58  ? 230 LEU A CB  1 
ATOM   88  C CG  . LEU A 1 10 ? 4.393   -15.271 3.475   1.00 11.55 ? 230 LEU A CG  1 
ATOM   89  C CD1 . LEU A 1 10 ? 5.673   -14.840 4.152   1.00 13.00 ? 230 LEU A CD1 1 
ATOM   90  C CD2 . LEU A 1 10 ? 4.039   -16.695 3.854   1.00 15.79 ? 230 LEU A CD2 1 
ATOM   91  N N   . LYS A 1 11 ? 4.932   -12.208 1.633   1.00 6.96  ? 231 LYS A N   1 
ATOM   92  C CA  . LYS A 1 11 ? 5.181   -11.921 0.210   1.00 8.29  ? 231 LYS A CA  1 
ATOM   93  C C   . LYS A 1 11 ? 4.967   -13.135 -0.714  1.00 8.22  ? 231 LYS A C   1 
ATOM   94  O O   . LYS A 1 11 ? 4.272   -13.062 -1.733  1.00 10.58 ? 231 LYS A O   1 
ATOM   95  C CB  . LYS A 1 11 ? 6.582   -11.353 0.009   1.00 10.44 ? 231 LYS A CB  1 
ATOM   96  C CG  . LYS A 1 11 ? 6.727   -9.943  0.493   1.00 14.41 ? 231 LYS A CG  1 
ATOM   97  C CD  . LYS A 1 11 ? 8.010   -9.263  -0.009  1.00 18.16 ? 231 LYS A CD  1 
ATOM   98  C CE  . LYS A 1 11 ? 7.879   -7.755  0.094   1.00 17.25 ? 231 LYS A CE  1 
ATOM   99  N NZ  . LYS A 1 11 ? 9.030   -6.968  -0.470  1.00 21.40 ? 231 LYS A NZ  1 
ATOM   100 N N   . GLY A 1 12 ? 5.587   -14.233 -0.356  1.00 7.72  ? 232 GLY A N   1 
ATOM   101 C CA  . GLY A 1 12 ? 5.438   -15.470 -1.061  1.00 7.16  ? 232 GLY A CA  1 
ATOM   102 C C   . GLY A 1 12 ? 6.039   -15.475 -2.456  1.00 5.99  ? 232 GLY A C   1 
ATOM   103 O O   . GLY A 1 12 ? 6.721   -14.548 -2.881  1.00 7.07  ? 232 GLY A O   1 
ATOM   104 N N   . PRO A 1 13 ? 5.782   -16.549 -3.204  1.00 6.85  ? 233 PRO A N   1 
ATOM   105 C CA  . PRO A 1 13 ? 6.397   -16.757 -4.515  1.00 6.59  ? 233 PRO A CA  1 
ATOM   106 C C   . PRO A 1 13 ? 6.118   -15.696 -5.552  1.00 7.11  ? 233 PRO A C   1 
ATOM   107 O O   . PRO A 1 13 ? 6.916   -15.532 -6.466  1.00 11.03 ? 233 PRO A O   1 
ATOM   108 C CB  . PRO A 1 13 ? 5.830   -18.108 -4.961  1.00 9.79  ? 233 PRO A CB  1 
ATOM   109 C CG  . PRO A 1 13 ? 5.385   -18.774 -3.756  1.00 11.80 ? 233 PRO A CG  1 
ATOM   110 C CD  . PRO A 1 13 ? 4.993   -17.714 -2.780  1.00 7.46  ? 233 PRO A CD  1 
ATOM   111 N N   . LYS A 1 14 ? 4.980   -15.014 -5.458  1.00 5.66  ? 234 LYS A N   1 
ATOM   112 C CA  . LYS A 1 14 ? 4.618   -13.997 -6.442  1.00 6.56  ? 234 LYS A CA  1 
ATOM   113 C C   . LYS A 1 14 ? 4.654   -12.585 -5.864  1.00 6.52  ? 234 LYS A C   1 
ATOM   114 O O   . LYS A 1 14 ? 4.297   -11.637 -6.547  1.00 10.17 ? 234 LYS A O   1 
ATOM   115 C CB  . LYS A 1 14 ? 3.242   -14.315 -7.028  1.00 7.60  ? 234 LYS A CB  1 
ATOM   116 C CG  . LYS A 1 14 ? 3.188   -15.631 -7.812  1.00 7.77  ? 234 LYS A CG  1 
ATOM   117 C CD  . LYS A 1 14 ? 4.077   -15.634 -9.043  1.00 8.92  ? 234 LYS A CD  1 
ATOM   118 C CE  . LYS A 1 14 ? 3.837   -16.863 -9.902  1.00 10.91 ? 234 LYS A CE  1 
ATOM   119 N NZ  . LYS A 1 14 ? 4.599   -16.784 -11.191 1.00 14.80 ? 234 LYS A NZ  1 
ATOM   120 N N   . GLY A 1 15 ? 5.142   -12.424 -4.640  1.00 5.66  ? 235 GLY A N   1 
ATOM   121 C CA  . GLY A 1 15 ? 5.244   -11.112 -4.027  1.00 6.22  ? 235 GLY A CA  1 
ATOM   122 C C   . GLY A 1 15 ? 3.920   -10.570 -3.531  1.00 5.50  ? 235 GLY A C   1 
ATOM   123 O O   . GLY A 1 15 ? 2.871   -11.198 -3.653  1.00 7.28  ? 235 GLY A O   1 
ATOM   124 N N   . LEU A 1 16 ? 3.970   -9.354  -3.004  1.00 5.20  ? 236 LEU A N   1 
ATOM   125 C CA  . LEU A 1 16 ? 2.773   -8.686  -2.496  1.00 5.61  ? 236 LEU A CA  1 
ATOM   126 C C   . LEU A 1 16 ? 1.703   -8.519  -3.568  1.00 5.81  ? 236 LEU A C   1 
ATOM   127 O O   . LEU A 1 16 ? 0.522   -8.625  -3.278  1.00 7.37  ? 236 LEU A O   1 
ATOM   128 C CB  . LEU A 1 16 ? 3.132   -7.321  -1.901  1.00 6.48  ? 236 LEU A CB  1 
ATOM   129 C CG  . LEU A 1 16 ? 4.042   -7.329  -0.664  1.00 7.90  ? 236 LEU A CG  1 
ATOM   130 C CD1 . LEU A 1 16 ? 4.368   -5.896  -0.200  1.00 10.83 ? 236 LEU A CD1 1 
ATOM   131 C CD2 . LEU A 1 16 ? 3.424   -8.151  0.476   1.00 9.80  ? 236 LEU A CD2 1 
ATOM   132 N N   . GLY A 1 17 ? 2.112   -8.196  -4.785  1.00 5.65  ? 237 GLY A N   1 
ATOM   133 C CA  . GLY A 1 17 ? 1.182   -8.201  -5.918  1.00 7.46  ? 237 GLY A CA  1 
ATOM   134 C C   . GLY A 1 17 ? 0.129   -7.104  -5.887  1.00 5.68  ? 237 GLY A C   1 
ATOM   135 O O   . GLY A 1 17 ? -1.062  -7.363  -6.047  1.00 6.26  ? 237 GLY A O   1 
ATOM   136 N N   . PHE A 1 18 ? 0.560   -5.862  -5.712  1.00 6.14  ? 238 PHE A N   1 
ATOM   137 C CA  . PHE A 1 18 ? -0.334  -4.728  -5.974  1.00 5.77  ? 238 PHE A CA  1 
ATOM   138 C C   . PHE A 1 18 ? 0.458   -3.538  -6.464  1.00 6.60  ? 238 PHE A C   1 
ATOM   139 O O   . PHE A 1 18 ? 1.634   -3.381  -6.139  1.00 8.29  ? 238 PHE A O   1 
ATOM   140 C CB  . PHE A 1 18 ? -1.234  -4.401  -4.769  1.00 5.49  ? 238 PHE A CB  1 
ATOM   141 C CG  . PHE A 1 18 ? -0.506  -3.912  -3.538  1.00 5.54  ? 238 PHE A CG  1 
ATOM   142 C CD1 . PHE A 1 18 ? -0.078  -4.806  -2.574  1.00 5.64  ? 238 PHE A CD1 1 
ATOM   143 C CD2 . PHE A 1 18 ? -0.297  -2.559  -3.332  1.00 6.07  ? 238 PHE A CD2 1 
ATOM   144 C CE1 . PHE A 1 18 ? 0.547   -4.356  -1.425  1.00 6.82  ? 238 PHE A CE1 1 
ATOM   145 C CE2 . PHE A 1 18 ? 0.338   -2.105  -2.185  1.00 6.95  ? 238 PHE A CE2 1 
ATOM   146 C CZ  . PHE A 1 18 ? 0.751   -3.008  -1.234  1.00 6.55  ? 238 PHE A CZ  1 
ATOM   147 N N   . SER A 1 19 ? -0.193  -2.712  -7.263  1.00 5.92  ? 239 SER A N   1 
ATOM   148 C CA  . SER A 1 19 ? 0.392   -1.508  -7.799  1.00 6.37  ? 239 SER A CA  1 
ATOM   149 C C   . SER A 1 19 ? -0.118  -0.298  -7.050  1.00 5.27  ? 239 SER A C   1 
ATOM   150 O O   . SER A 1 19 ? -1.266  -0.295  -6.598  1.00 5.43  ? 239 SER A O   1 
ATOM   151 C CB  . SER A 1 19 ? 0.031   -1.374  -9.264  1.00 8.01  ? 239 SER A CB  1 
ATOM   152 O OG  . SER A 1 19 ? 0.379   -2.537  -9.992  1.00 10.92 ? 239 SER A OG  1 
ATOM   153 N N   . ILE A 1 20 ? 0.718   0.736   -6.993  1.00 5.06  ? 240 ILE A N   1 
ATOM   154 C CA  . ILE A 1 20 ? 0.370   1.979   -6.336  1.00 5.07  ? 240 ILE A CA  1 
ATOM   155 C C   . ILE A 1 20 ? 0.606   3.161   -7.256  1.00 5.39  ? 240 ILE A C   1 
ATOM   156 O O   . ILE A 1 20 ? 1.554   3.168   -8.052  1.00 6.62  ? 240 ILE A O   1 
ATOM   157 C CB  . ILE A 1 20 ? 1.140   2.193   -4.997  1.00 5.28  ? 240 ILE A CB  1 
ATOM   158 C CG1 . ILE A 1 20 ? 2.663   2.031   -5.162  1.00 5.34  ? 240 ILE A CG1 1 
ATOM   159 C CG2 . ILE A 1 20 ? 0.586   1.257   -3.920  1.00 6.68  ? 240 ILE A CG2 1 
ATOM   160 C CD1 . ILE A 1 20 ? 3.457   2.716   -4.045  1.00 6.94  ? 240 ILE A CD1 1 
ATOM   161 N N   . ALA A 1 21 ? -0.231  4.175   -7.100  1.00 4.82  ? 241 ALA A N   1 
ATOM   162 C CA  . ALA A 1 21 ? -0.063  5.473   -7.725  1.00 5.56  ? 241 ALA A CA  1 
ATOM   163 C C   . ALA A 1 21 ? -0.121  6.539   -6.627  1.00 4.63  ? 241 ALA A C   1 
ATOM   164 O O   . ALA A 1 21 ? -0.130  6.221   -5.440  1.00 6.02  ? 241 ALA A O   1 
ATOM   165 C CB  . ALA A 1 21 ? -1.152  5.703   -8.781  1.00 8.98  ? 241 ALA A CB  1 
ATOM   166 N N   . GLY A 1 22 ? -0.188  7.802   -7.026  1.00 4.85  ? 242 GLY A N   1 
ATOM   167 C CA  . GLY A 1 22 ? -0.167  8.891   -6.065  1.00 4.97  ? 242 GLY A CA  1 
ATOM   168 C C   . GLY A 1 22 ? 1.229   9.266   -5.607  1.00 4.60  ? 242 GLY A C   1 
ATOM   169 O O   . GLY A 1 22 ? 2.232   8.804   -6.131  1.00 5.47  ? 242 GLY A O   1 
ATOM   170 N N   . GLY A 1 23 ? 1.273   10.148  -4.622  1.00 5.61  ? 243 GLY A N   1 
ATOM   171 C CA  . GLY A 1 23 ? 2.511   10.692  -4.070  1.00 5.24  ? 243 GLY A CA  1 
ATOM   172 C C   . GLY A 1 23 ? 2.742   12.142  -4.444  1.00 5.41  ? 243 GLY A C   1 
ATOM   173 O O   . GLY A 1 23 ? 2.170   12.674  -5.405  1.00 6.08  ? 243 GLY A O   1 
ATOM   174 N N   . ILE A 1 24 ? 3.630   12.774  -3.690  1.00 5.47  ? 244 ILE A N   1 
ATOM   175 C CA  . ILE A 1 24 ? 4.100   14.123  -3.984  1.00 5.69  ? 244 ILE A CA  1 
ATOM   176 C C   . ILE A 1 24 ? 4.621   14.162  -5.409  1.00 6.53  ? 244 ILE A C   1 
ATOM   177 O O   . ILE A 1 24 ? 5.391   13.309  -5.790  1.00 8.35  ? 244 ILE A O   1 
ATOM   178 C CB  . ILE A 1 24 ? 5.219   14.503  -3.008  1.00 6.44  ? 244 ILE A CB  1 
ATOM   179 C CG1 . ILE A 1 24 ? 4.658   14.636  -1.585  1.00 7.68  ? 244 ILE A CG1 1 
ATOM   180 C CG2 . ILE A 1 24 ? 5.886   15.802  -3.436  1.00 9.02  ? 244 ILE A CG2 1 
ATOM   181 C CD1 . ILE A 1 24 ? 5.727   14.760  -0.512  1.00 9.33  ? 244 ILE A CD1 1 
ATOM   182 N N   . GLY A 1 25 ? 4.172   15.138  -6.192  1.00 6.75  ? 245 GLY A N   1 
ATOM   183 C CA  . GLY A 1 25 ? 4.569   15.261  -7.591  1.00 7.92  ? 245 GLY A CA  1 
ATOM   184 C C   . GLY A 1 25 ? 3.914   14.257  -8.534  1.00 6.74  ? 245 GLY A C   1 
ATOM   185 O O   . GLY A 1 25 ? 4.278   14.190  -9.703  1.00 8.12  ? 245 GLY A O   1 
ATOM   186 N N   . ASN A 1 26 ? 2.941   13.487  -8.037  1.00 5.94  ? 246 ASN A N   1 
ATOM   187 C CA  . ASN A 1 26 ? 2.316   12.414  -8.811  1.00 5.96  ? 246 ASN A CA  1 
ATOM   188 C C   . ASN A 1 26 ? 0.874   12.226  -8.346  1.00 5.63  ? 246 ASN A C   1 
ATOM   189 O O   . ASN A 1 26 ? 0.433   11.099  -8.143  1.00 6.07  ? 246 ASN A O   1 
ATOM   190 C CB  . ASN A 1 26 ? 3.118   11.121  -8.622  1.00 6.77  ? 246 ASN A CB  1 
ATOM   191 C CG  . ASN A 1 26 ? 2.718   10.027  -9.593  1.00 7.08  ? 246 ASN A CG  1 
ATOM   192 O OD1 . ASN A 1 26 ? 2.567   10.265  -10.793 1.00 9.35  ? 246 ASN A OD1 1 
ATOM   193 N ND2 . ASN A 1 26 ? 2.568   8.805   -9.083  1.00 6.93  ? 246 ASN A ND2 1 
ATOM   194 N N   . GLN A 1 27 ? 0.153   13.324  -8.166  1.00 5.62  ? 247 GLN A N   1 
ATOM   195 C CA  . GLN A 1 27 ? -1.123  13.274  -7.447  1.00 6.11  ? 247 GLN A CA  1 
ATOM   196 C C   . GLN A 1 27 ? -2.191  12.459  -8.163  1.00 5.46  ? 247 GLN A C   1 
ATOM   197 O O   . GLN A 1 27 ? -2.431  12.627  -9.360  1.00 6.96  ? 247 GLN A O   1 
ATOM   198 C CB  . GLN A 1 27 ? -1.674  14.671  -7.224  1.00 6.65  ? 247 GLN A CB  1 
ATOM   199 C CG  . GLN A 1 27 ? -0.804  15.514  -6.337  1.00 7.03  ? 247 GLN A CG  1 
ATOM   200 C CD  . GLN A 1 27 ? -1.428  16.844  -5.982  1.00 6.98  ? 247 GLN A CD  1 
ATOM   201 O OE1 . GLN A 1 27 ? -2.216  17.417  -6.751  1.00 7.63  ? 247 GLN A OE1 1 
ATOM   202 N NE2 . GLN A 1 27 ? -1.052  17.372  -4.828  1.00 8.00  ? 247 GLN A NE2 1 
ATOM   203 N N   . HIS A 1 28 ? -2.867  11.616  -7.402  1.00 5.87  ? 248 HIS A N   1 
ATOM   204 C CA  . HIS A 1 28 ? -3.995  10.836  -7.882  1.00 6.86  ? 248 HIS A CA  1 
ATOM   205 C C   . HIS A 1 28 ? -5.263  11.689  -8.018  1.00 6.22  ? 248 HIS A C   1 
ATOM   206 O O   . HIS A 1 28 ? -6.084  11.442  -8.904  1.00 8.85  ? 248 HIS A O   1 
ATOM   207 C CB  . HIS A 1 28 ? -4.209  9.683   -6.894  1.00 7.40  ? 248 HIS A CB  1 
ATOM   208 C CG  . HIS A 1 28 ? -5.257  8.692   -7.285  1.00 8.13  ? 248 HIS A CG  1 
ATOM   209 N ND1 . HIS A 1 28 ? -5.128  7.853   -8.370  1.00 12.54 ? 248 HIS A ND1 1 
ATOM   210 C CD2 . HIS A 1 28 ? -6.431  8.369   -6.693  1.00 10.13 ? 248 HIS A CD2 1 
ATOM   211 C CE1 . HIS A 1 28 ? -6.190  7.066   -8.436  1.00 14.06 ? 248 HIS A CE1 1 
ATOM   212 N NE2 . HIS A 1 28 ? -6.995  7.361   -7.431  1.00 12.90 ? 248 HIS A NE2 1 
ATOM   213 N N   . ILE A 1 29 ? -5.436  12.645  -7.103  1.00 6.77  ? 249 ILE A N   1 
ATOM   214 C CA  . ILE A 1 29 ? -6.561  13.587  -7.088  1.00 7.78  ? 249 ILE A CA  1 
ATOM   215 C C   . ILE A 1 29 ? -5.949  14.953  -6.791  1.00 7.57  ? 249 ILE A C   1 
ATOM   216 O O   . ILE A 1 29 ? -5.028  15.033  -5.987  1.00 6.94  ? 249 ILE A O   1 
ATOM   217 C CB  . ILE A 1 29 ? -7.579  13.221  -5.974  1.00 9.84  ? 249 ILE A CB  1 
ATOM   218 C CG1 . ILE A 1 29 ? -8.194  11.843  -6.247  1.00 11.06 ? 249 ILE A CG1 1 
ATOM   219 C CG2 . ILE A 1 29 ? -8.668  14.292  -5.834  1.00 12.80 ? 249 ILE A CG2 1 
ATOM   220 C CD1 . ILE A 1 29 ? -8.855  11.218  -5.034  1.00 14.39 ? 249 ILE A CD1 1 
ATOM   221 N N   . PRO A 1 30 ? -6.416  16.041  -7.445  1.00 7.78  ? 250 PRO A N   1 
ATOM   222 C CA  . PRO A 1 30 ? -5.747  17.334  -7.213  1.00 7.69  ? 250 PRO A CA  1 
ATOM   223 C C   . PRO A 1 30 ? -5.761  17.797  -5.765  1.00 7.04  ? 250 PRO A C   1 
ATOM   224 O O   . PRO A 1 30 ? -6.811  17.910  -5.138  1.00 8.07  ? 250 PRO A O   1 
ATOM   225 C CB  . PRO A 1 30 ? -6.513  18.306  -8.119  1.00 7.24  ? 250 PRO A CB  1 
ATOM   226 C CG  . PRO A 1 30 ? -7.082  17.433  -9.165  1.00 8.49  ? 250 PRO A CG  1 
ATOM   227 C CD  . PRO A 1 30 ? -7.458  16.155  -8.477  1.00 8.72  ? 250 PRO A CD  1 
ATOM   228 N N   . GLY A 1 31 ? -4.569  18.071  -5.245  1.00 7.45  ? 251 GLY A N   1 
ATOM   229 C CA  . GLY A 1 31 ? -4.373  18.453  -3.857  1.00 8.89  ? 251 GLY A CA  1 
ATOM   230 C C   . GLY A 1 31 ? -4.072  17.310  -2.918  1.00 8.10  ? 251 GLY A C   1 
ATOM   231 O O   . GLY A 1 31 ? -3.746  17.551  -1.760  1.00 11.03 ? 251 GLY A O   1 
ATOM   232 N N   . ASP A 1 32 ? -4.170  16.076  -3.412  1.00 6.91  ? 252 ASP A N   1 
ATOM   233 C CA  . ASP A 1 32 ? -4.038  14.882  -2.578  1.00 6.56  ? 252 ASP A CA  1 
ATOM   234 C C   . ASP A 1 32 ? -2.754  14.151  -2.958  1.00 5.74  ? 252 ASP A C   1 
ATOM   235 O O   . ASP A 1 32 ? -2.633  13.653  -4.074  1.00 6.32  ? 252 ASP A O   1 
ATOM   236 C CB  . ASP A 1 32 ? -5.260  13.986  -2.812  1.00 7.59  ? 252 ASP A CB  1 
ATOM   237 C CG  . ASP A 1 32 ? -5.326  12.798  -1.886  1.00 9.32  ? 252 ASP A CG  1 
ATOM   238 O OD1 . ASP A 1 32 ? -4.366  12.528  -1.135  1.00 13.91 ? 252 ASP A OD1 1 
ATOM   239 O OD2 . ASP A 1 32 ? -6.393  12.146  -1.893  1.00 12.94 ? 252 ASP A OD2 1 
ATOM   240 N N   . ASN A 1 33 ? -1.798  14.105  -2.036  1.00 5.80  ? 253 ASN A N   1 
ATOM   241 C CA  . ASN A 1 33 ? -0.549  13.378  -2.238  1.00 5.06  ? 253 ASN A CA  1 
ATOM   242 C C   . ASN A 1 33 ? -0.574  11.935  -1.764  1.00 5.50  ? 253 ASN A C   1 
ATOM   243 O O   . ASN A 1 33 ? 0.457   11.271  -1.814  1.00 5.72  ? 253 ASN A O   1 
ATOM   244 C CB  . ASN A 1 33 ? 0.599   14.116  -1.541  1.00 7.05  ? 253 ASN A CB  1 
ATOM   245 C CG  . ASN A 1 33 ? 0.880   15.452  -2.167  1.00 7.30  ? 253 ASN A CG  1 
ATOM   246 O OD1 . ASN A 1 33 ? 0.767   15.617  -3.375  1.00 8.23  ? 253 ASN A OD1 1 
ATOM   247 N ND2 . ASN A 1 33 ? 1.281   16.420  -1.349  1.00 12.97 ? 253 ASN A ND2 1 
ATOM   248 N N   . SER A 1 34 ? -1.729  11.443  -1.321  1.00 5.04  ? 254 SER A N   1 
ATOM   249 C CA  . SER A 1 34 ? -1.819  10.089  -0.802  1.00 5.29  ? 254 SER A CA  1 
ATOM   250 C C   . SER A 1 34 ? -1.410  9.048   -1.839  1.00 4.96  ? 254 SER A C   1 
ATOM   251 O O   . SER A 1 34 ? -1.599  9.222   -3.052  1.00 5.13  ? 254 SER A O   1 
ATOM   252 C CB  . SER A 1 34 ? -3.252  9.766   -0.361  1.00 6.76  ? 254 SER A CB  1 
ATOM   253 O OG  . SER A 1 34 ? -3.716  10.591  0.680   1.00 8.17  ? 254 SER A OG  1 
ATOM   254 N N   . ILE A 1 35 ? -0.916  7.922   -1.333  1.00 4.50  ? 255 ILE A N   1 
ATOM   255 C CA  . ILE A 1 35 ? -0.617  6.744   -2.137  1.00 4.29  ? 255 ILE A CA  1 
ATOM   256 C C   . ILE A 1 35 ? -1.901  5.923   -2.250  1.00 4.37  ? 255 ILE A C   1 
ATOM   257 O O   . ILE A 1 35 ? -2.534  5.614   -1.230  1.00 4.78  ? 255 ILE A O   1 
ATOM   258 C CB  . ILE A 1 35 ? 0.505   5.911   -1.463  1.00 4.39  ? 255 ILE A CB  1 
ATOM   259 C CG1 . ILE A 1 35 ? 1.771   6.758   -1.255  1.00 4.88  ? 255 ILE A CG1 1 
ATOM   260 C CG2 . ILE A 1 35 ? 0.782   4.666   -2.275  1.00 5.37  ? 255 ILE A CG2 1 
ATOM   261 C CD1 . ILE A 1 35 ? 2.392   7.311   -2.530  1.00 6.55  ? 255 ILE A CD1 1 
ATOM   262 N N   . TYR A 1 36 ? -2.267  5.540   -3.475  1.00 4.37  ? 256 TYR A N   1 
ATOM   263 C CA  . TYR A 1 36 ? -3.477  4.747   -3.738  1.00 4.82  ? 256 TYR A CA  1 
ATOM   264 C C   . TYR A 1 36 ? -3.118  3.426   -4.388  1.00 4.47  ? 256 TYR A C   1 
ATOM   265 O O   . TYR A 1 36 ? -2.291  3.379   -5.288  1.00 5.13  ? 256 TYR A O   1 
ATOM   266 C CB  . TYR A 1 36 ? -4.434  5.498   -4.682  1.00 5.78  ? 256 TYR A CB  1 
ATOM   267 C CG  . TYR A 1 36 ? -5.186  6.644   -4.054  1.00 6.11  ? 256 TYR A CG  1 
ATOM   268 C CD1 . TYR A 1 36 ? -6.515  6.501   -3.664  1.00 7.87  ? 256 TYR A CD1 1 
ATOM   269 C CD2 . TYR A 1 36 ? -4.587  7.892   -3.884  1.00 5.68  ? 256 TYR A CD2 1 
ATOM   270 C CE1 . TYR A 1 36 ? -7.212  7.539   -3.120  1.00 10.10 ? 256 TYR A CE1 1 
ATOM   271 C CE2 . TYR A 1 36 ? -5.293  8.956   -3.316  1.00 6.68  ? 256 TYR A CE2 1 
ATOM   272 C CZ  . TYR A 1 36 ? -6.611  8.760   -2.936  1.00 8.09  ? 256 TYR A CZ  1 
ATOM   273 O OH  . TYR A 1 36 ? -7.360  9.770   -2.371  1.00 10.45 ? 256 TYR A OH  1 
ATOM   274 N N   . ILE A 1 37 ? -3.789  2.366   -3.967  1.00 4.69  ? 257 ILE A N   1 
ATOM   275 C CA  . ILE A 1 37 ? -3.685  1.079   -4.638  1.00 5.10  ? 257 ILE A CA  1 
ATOM   276 C C   . ILE A 1 37 ? -4.531  1.099   -5.915  1.00 4.78  ? 257 ILE A C   1 
ATOM   277 O O   . ILE A 1 37 ? -5.745  1.351   -5.875  1.00 6.12  ? 257 ILE A O   1 
ATOM   278 C CB  . ILE A 1 37 ? -4.149  -0.059  -3.712  1.00 5.81  ? 257 ILE A CB  1 
ATOM   279 C CG1 . ILE A 1 37 ? -3.251  -0.097  -2.450  1.00 6.41  ? 257 ILE A CG1 1 
ATOM   280 C CG2 . ILE A 1 37 ? -4.138  -1.396  -4.479  1.00 6.43  ? 257 ILE A CG2 1 
ATOM   281 C CD1 . ILE A 1 37 ? -3.556  -1.258  -1.491  1.00 8.87  ? 257 ILE A CD1 1 
ATOM   282 N N   . THR A 1 38 ? -3.892  0.832   -7.043  1.00 5.68  ? 258 THR A N   1 
ATOM   283 C CA  . THR A 1 38 ? -4.550  0.922   -8.344  1.00 6.10  ? 258 THR A CA  1 
ATOM   284 C C   . THR A 1 38 ? -4.761  -0.417  -9.047  1.00 5.63  ? 258 THR A C   1 
ATOM   285 O O   . THR A 1 38 ? -5.551  -0.479  -9.987  1.00 6.86  ? 258 THR A O   1 
ATOM   286 C CB  . THR A 1 38 ? -3.768  1.809   -9.294  1.00 7.57  ? 258 THR A CB  1 
ATOM   287 O OG1 . THR A 1 38 ? -2.425  1.317   -9.359  1.00 9.59  ? 258 THR A OG1 1 
ATOM   288 C CG2 . THR A 1 38 ? -3.774  3.254   -8.814  1.00 10.96 ? 258 THR A CG2 1 
ATOM   289 N N   . LYS A 1 39 ? -4.062  -1.475  -8.631  1.00 5.62  ? 259 LYS A N   1 
ATOM   290 C CA  . LYS A 1 39 ? -4.196  -2.804  -9.236  1.00 5.99  ? 259 LYS A CA  1 
ATOM   291 C C   . LYS A 1 39 ? -3.911  -3.860  -8.190  1.00 6.93  ? 259 LYS A C   1 
ATOM   292 O O   . LYS A 1 39 ? -3.006  -3.665  -7.371  1.00 7.55  ? 259 LYS A O   1 
ATOM   293 C CB  A LYS A 1 39 ? -3.272  -2.948  -10.433 0.60 7.34  ? 259 LYS A CB  1 
ATOM   294 C CB  B LYS A 1 39 ? -3.160  -3.014  -10.344 0.40 7.99  ? 259 LYS A CB  1 
ATOM   295 C CG  A LYS A 1 39 ? -3.638  -4.106  -11.324 0.60 11.12 ? 259 LYS A CG  1 
ATOM   296 C CG  B LYS A 1 39 ? -3.255  -2.088  -11.519 0.40 7.03  ? 259 LYS A CG  1 
ATOM   297 C CD  A LYS A 1 39 ? -2.519  -4.415  -12.235 0.60 15.00 ? 259 LYS A CD  1 
ATOM   298 C CD  B LYS A 1 39 ? -4.518  -2.372  -12.311 0.40 9.70  ? 259 LYS A CD  1 
ATOM   299 C CE  A LYS A 1 39 ? -2.572  -3.649  -13.499 0.60 18.43 ? 259 LYS A CE  1 
ATOM   300 C CE  B LYS A 1 39 ? -4.429  -1.886  -13.735 0.40 15.25 ? 259 LYS A CE  1 
ATOM   301 N NZ  A LYS A 1 39 ? -1.470  -4.220  -14.252 0.60 12.18 ? 259 LYS A NZ  1 
ATOM   302 N NZ  B LYS A 1 39 ? -3.958  -2.985  -14.601 0.40 14.08 ? 259 LYS A NZ  1 
ATOM   303 N N   . ILE A 1 40 ? -4.652  -4.968  -8.245  1.00 6.78  ? 260 ILE A N   1 
ATOM   304 C CA  . ILE A 1 40 ? -4.362  -6.169  -7.467  1.00 7.57  ? 260 ILE A CA  1 
ATOM   305 C C   . ILE A 1 40 ? -3.920  -7.208  -8.488  1.00 7.97  ? 260 ILE A C   1 
ATOM   306 O O   . ILE A 1 40 ? -4.708  -7.608  -9.349  1.00 10.78 ? 260 ILE A O   1 
ATOM   307 C CB  . ILE A 1 40 ? -5.593  -6.680  -6.684  1.00 8.84  ? 260 ILE A CB  1 
ATOM   308 C CG1 . ILE A 1 40 ? -6.163  -5.606  -5.746  1.00 10.32 ? 260 ILE A CG1 1 
ATOM   309 C CG2 . ILE A 1 40 ? -5.244  -7.963  -5.930  1.00 10.45 ? 260 ILE A CG2 1 
ATOM   310 C CD1 . ILE A 1 40 ? -5.242  -5.156  -4.642  1.00 11.06 ? 260 ILE A CD1 1 
ATOM   311 N N   . ILE A 1 41 ? -2.661  -7.618  -8.416  1.00 7.32  ? 261 ILE A N   1 
ATOM   312 C CA  . ILE A 1 41 ? -2.044  -8.469  -9.428  1.00 7.38  ? 261 ILE A CA  1 
ATOM   313 C C   . ILE A 1 41 ? -2.481  -9.927  -9.229  1.00 6.37  ? 261 ILE A C   1 
ATOM   314 O O   . ILE A 1 41 ? -2.454  -10.463 -8.119  1.00 6.83  ? 261 ILE A O   1 
ATOM   315 C CB  . ILE A 1 41 ? -0.508  -8.366  -9.383  1.00 7.59  ? 261 ILE A CB  1 
ATOM   316 C CG1 A ILE A 1 41 ? -0.020  -6.915  -9.445  0.70 9.83  ? 261 ILE A CG1 1 
ATOM   317 C CG1 B ILE A 1 41 ? -0.100  -6.889  -9.530  0.30 10.02 ? 261 ILE A CG1 1 
ATOM   318 C CG2 . ILE A 1 41 ? 0.122   -9.218  -10.478 1.00 9.36  ? 261 ILE A CG2 1 
ATOM   319 C CD1 A ILE A 1 41 ? -0.441  -6.173  -10.634 0.70 9.26  ? 261 ILE A CD1 1 
ATOM   320 C CD1 B ILE A 1 41 ? 1.373   -6.633  -9.748  0.30 12.03 ? 261 ILE A CD1 1 
ATOM   321 N N   . GLU A 1 42 ? -2.884  -10.579 -10.311 1.00 7.04  ? 262 GLU A N   1 
ATOM   322 C CA  . GLU A 1 42 ? -3.332  -11.951 -10.194 1.00 6.09  ? 262 GLU A CA  1 
ATOM   323 C C   . GLU A 1 42 ? -2.190  -12.827 -9.704  1.00 5.78  ? 262 GLU A C   1 
ATOM   324 O O   . GLU A 1 42 ? -1.084  -12.760 -10.241 1.00 7.45  ? 262 GLU A O   1 
ATOM   325 C CB  . GLU A 1 42 ? -3.825  -12.469 -11.546 1.00 6.91  ? 262 GLU A CB  1 
ATOM   326 C CG  . GLU A 1 42 ? -5.121  -11.869 -12.023 1.00 10.02 ? 262 GLU A CG  1 
ATOM   327 C CD  . GLU A 1 42 ? -6.314  -12.322 -11.239 1.00 9.72  ? 262 GLU A CD  1 
ATOM   328 O OE1 . GLU A 1 42 ? -6.479  -13.545 -11.010 1.00 10.01 ? 262 GLU A OE1 1 
ATOM   329 O OE2 . GLU A 1 42 ? -7.115  -11.443 -10.879 1.00 14.58 ? 262 GLU A OE2 1 
ATOM   330 N N   . GLY A 1 43 ? -2.478  -13.660 -8.710  1.00 5.95  ? 263 GLY A N   1 
ATOM   331 C CA  . GLY A 1 43 ? -1.511  -14.613 -8.165  1.00 6.75  ? 263 GLY A CA  1 
ATOM   332 C C   . GLY A 1 43 ? -0.690  -14.117 -6.998  1.00 5.53  ? 263 GLY A C   1 
ATOM   333 O O   . GLY A 1 43 ? 0.014   -14.912 -6.388  1.00 6.37  ? 263 GLY A O   1 
ATOM   334 N N   . GLY A 1 44 ? -0.758  -12.829 -6.694  1.00 4.89  ? 264 GLY A N   1 
ATOM   335 C CA  . GLY A 1 44 ? 0.035   -12.258 -5.614  1.00 5.64  ? 264 GLY A CA  1 
ATOM   336 C C   . GLY A 1 44 ? -0.605  -12.440 -4.254  1.00 4.53  ? 264 GLY A C   1 
ATOM   337 O O   . GLY A 1 44 ? -1.736  -12.904 -4.116  1.00 5.17  ? 264 GLY A O   1 
ATOM   338 N N   . ALA A 1 45 ? 0.129   -12.037 -3.228  1.00 4.83  ? 265 ALA A N   1 
ATOM   339 C CA  . ALA A 1 45 ? -0.323  -12.199 -1.847  1.00 5.30  ? 265 ALA A CA  1 
ATOM   340 C C   . ALA A 1 45 ? -1.577  -11.374 -1.565  1.00 4.50  ? 265 ALA A C   1 
ATOM   341 O O   . ALA A 1 45 ? -2.452  -11.813 -0.827  1.00 5.38  ? 265 ALA A O   1 
ATOM   342 C CB  . ALA A 1 45 ? 0.777   -11.805 -0.872  1.00 6.50  ? 265 ALA A CB  1 
ATOM   343 N N   . ALA A 1 46 ? -1.651  -10.175 -2.123  1.00 4.71  ? 266 ALA A N   1 
ATOM   344 C CA  . ALA A 1 46 ? -2.792  -9.311  -1.852  1.00 5.24  ? 266 ALA A CA  1 
ATOM   345 C C   . ALA A 1 46 ? -4.078  -9.959  -2.346  1.00 5.29  ? 266 ALA A C   1 
ATOM   346 O O   . ALA A 1 46 ? -5.102  -9.923  -1.664  1.00 5.19  ? 266 ALA A O   1 
ATOM   347 C CB  . ALA A 1 46 ? -2.592  -7.935  -2.472  1.00 5.78  ? 266 ALA A CB  1 
ATOM   348 N N   . GLN A 1 47 ? -4.045  -10.535 -3.548  1.00 5.22  ? 267 GLN A N   1 
ATOM   349 C CA  . GLN A 1 47 ? -5.219  -11.208 -4.101  1.00 6.45  ? 267 GLN A CA  1 
ATOM   350 C C   . GLN A 1 47 ? -5.616  -12.388 -3.216  1.00 6.52  ? 267 GLN A C   1 
ATOM   351 O O   . GLN A 1 47 ? -6.784  -12.572 -2.897  1.00 7.64  ? 267 GLN A O   1 
ATOM   352 C CB  . GLN A 1 47 ? -4.976  -11.716 -5.518  1.00 7.34  ? 267 GLN A CB  1 
ATOM   353 C CG  . GLN A 1 47 ? -6.225  -12.425 -6.081  1.00 10.94 ? 267 GLN A CG  1 
ATOM   354 C CD  . GLN A 1 47 ? -5.962  -13.194 -7.335  1.00 9.62  ? 267 GLN A CD  1 
ATOM   355 O OE1 . GLN A 1 47 ? -4.934  -13.863 -7.454  1.00 10.25 ? 267 GLN A OE1 1 
ATOM   356 N NE2 . GLN A 1 47 ? -6.896  -13.137 -8.274  1.00 12.91 ? 267 GLN A NE2 1 
ATOM   357 N N   . LYS A 1 48 ? -4.645  -13.233 -2.880  1.00 6.42  ? 268 LYS A N   1 
ATOM   358 C CA  . LYS A 1 48 ? -4.932  -14.429 -2.104  1.00 7.74  ? 268 LYS A CA  1 
ATOM   359 C C   . LYS A 1 48 ? -5.606  -14.066 -0.783  1.00 6.48  ? 268 LYS A C   1 
ATOM   360 O O   . LYS A 1 48 ? -6.608  -14.664 -0.387  1.00 8.60  ? 268 LYS A O   1 
ATOM   361 C CB  . LYS A 1 48 ? -3.641  -15.221 -1.860  1.00 8.46  ? 268 LYS A CB  1 
ATOM   362 C CG  . LYS A 1 48 ? -3.819  -16.433 -0.963  1.00 10.29 ? 268 LYS A CG  1 
ATOM   363 C CD  . LYS A 1 48 ? -2.486  -17.157 -0.724  1.00 12.47 ? 268 LYS A CD  1 
ATOM   364 C CE  . LYS A 1 48 ? -2.618  -18.239 0.334   1.00 15.03 ? 268 LYS A CE  1 
ATOM   365 N NZ  . LYS A 1 48 ? -1.309  -18.889 0.629   1.00 16.77 ? 268 LYS A NZ  1 
ATOM   366 N N   . ASP A 1 49 ? -5.082  -13.048 -0.122  1.00 5.94  ? 269 ASP A N   1 
ATOM   367 C CA  . ASP A 1 49 ? -5.614  -12.623 1.162   1.00 5.25  ? 269 ASP A CA  1 
ATOM   368 C C   . ASP A 1 49 ? -6.987  -11.960 1.025   1.00 6.14  ? 269 ASP A C   1 
ATOM   369 O O   . ASP A 1 49 ? -7.846  -12.144 1.883   1.00 7.13  ? 269 ASP A O   1 
ATOM   370 C CB  . ASP A 1 49 ? -4.615  -11.692 1.840   1.00 5.37  ? 269 ASP A CB  1 
ATOM   371 C CG  . ASP A 1 49 ? -5.192  -11.028 3.067   1.00 5.27  ? 269 ASP A CG  1 
ATOM   372 O OD1 . ASP A 1 49 ? -5.130  -11.651 4.147   1.00 6.29  ? 269 ASP A OD1 1 
ATOM   373 O OD2 . ASP A 1 49 ? -5.718  -9.899  2.932   1.00 5.20  ? 269 ASP A OD2 1 
ATOM   374 N N   . GLY A 1 50 ? -7.153  -11.162 -0.027  1.00 5.53  ? 270 GLY A N   1 
ATOM   375 C CA  . GLY A 1 50 ? -8.446  -10.592 -0.386  1.00 6.54  ? 270 GLY A CA  1 
ATOM   376 C C   . GLY A 1 50 ? -8.870  -9.298  0.294   1.00 5.82  ? 270 GLY A C   1 
ATOM   377 O O   . GLY A 1 50 ? -9.861  -8.697  -0.112  1.00 8.37  ? 270 GLY A O   1 
ATOM   378 N N   . ARG A 1 51 ? -8.167  -8.850  1.326   1.00 5.22  ? 271 ARG A N   1 
ATOM   379 C CA  . ARG A 1 51 ? -8.615  -7.680  2.090   1.00 5.93  ? 271 ARG A CA  1 
ATOM   380 C C   . ARG A 1 51 ? -8.301  -6.348  1.413   1.00 5.41  ? 271 ARG A C   1 
ATOM   381 O O   . ARG A 1 51 ? -9.102  -5.412  1.492   1.00 6.58  ? 271 ARG A O   1 
ATOM   382 C CB  . ARG A 1 51 ? -8.054  -7.708  3.503   1.00 5.91  ? 271 ARG A CB  1 
ATOM   383 C CG  . ARG A 1 51 ? -8.654  -8.805  4.364   1.00 6.26  ? 271 ARG A CG  1 
ATOM   384 C CD  . ARG A 1 51 ? -8.034  -8.850  5.726   1.00 6.29  ? 271 ARG A CD  1 
ATOM   385 N NE  . ARG A 1 51 ? -6.689  -9.397  5.664   1.00 6.61  ? 271 ARG A NE  1 
ATOM   386 C CZ  . ARG A 1 51 ? -5.889  -9.517  6.723   1.00 6.31  ? 271 ARG A CZ  1 
ATOM   387 N NH1 . ARG A 1 51 ? -6.266  -9.026  7.897   1.00 7.33  ? 271 ARG A NH1 1 
ATOM   388 N NH2 . ARG A 1 51 ? -4.719  -10.128 6.599   1.00 6.65  ? 271 ARG A NH2 1 
ATOM   389 N N   . LEU A 1 52 ? -7.146  -6.246  0.770   1.00 5.25  ? 272 LEU A N   1 
ATOM   390 C CA  . LEU A 1 52 ? -6.797  -5.027  0.051   1.00 5.33  ? 272 LEU A CA  1 
ATOM   391 C C   . LEU A 1 52 ? -7.636  -4.914  -1.203  1.00 5.44  ? 272 LEU A C   1 
ATOM   392 O O   . LEU A 1 52 ? -7.923  -5.909  -1.865  1.00 7.97  ? 272 LEU A O   1 
ATOM   393 C CB  . LEU A 1 52 ? -5.317  -5.004  -0.307  1.00 5.38  ? 272 LEU A CB  1 
ATOM   394 C CG  . LEU A 1 52 ? -4.341  -4.978  0.875   1.00 6.02  ? 272 LEU A CG  1 
ATOM   395 C CD1 . LEU A 1 52 ? -2.920  -5.061  0.341   1.00 10.06 ? 272 LEU A CD1 1 
ATOM   396 C CD2 . LEU A 1 52 ? -4.544  -3.737  1.729   1.00 8.81  ? 272 LEU A CD2 1 
ATOM   397 N N   . GLN A 1 53 ? -8.014  -3.687  -1.524  1.00 5.98  ? 273 GLN A N   1 
ATOM   398 C CA  . GLN A 1 53 ? -8.892  -3.399  -2.657  1.00 7.63  ? 273 GLN A CA  1 
ATOM   399 C C   . GLN A 1 53 ? -8.363  -2.204  -3.446  1.00 5.95  ? 273 GLN A C   1 
ATOM   400 O O   . GLN A 1 53 ? -7.819  -1.260  -2.878  1.00 5.94  ? 273 GLN A O   1 
ATOM   401 C CB  . GLN A 1 53 ? -10.334 -3.109  -2.165  1.00 7.61  ? 273 GLN A CB  1 
ATOM   402 C CG  . GLN A 1 53 ? -11.056 -4.302  -1.493  1.00 8.73  ? 273 GLN A CG  1 
ATOM   403 C CD  . GLN A 1 53 ? -12.264 -3.886  -0.650  1.00 7.66  ? 273 GLN A CD  1 
ATOM   404 O OE1 . GLN A 1 53 ? -12.103 -3.252  0.392   1.00 9.59  ? 273 GLN A OE1 1 
ATOM   405 N NE2 . GLN A 1 53 ? -13.479 -4.255  -1.088  1.00 10.59 ? 273 GLN A NE2 1 
ATOM   406 N N   . ILE A 1 54 ? -8.577  -2.217  -4.758  1.00 5.79  ? 274 ILE A N   1 
ATOM   407 C CA  . ILE A 1 54 ? -8.338  -1.031  -5.575  1.00 5.27  ? 274 ILE A CA  1 
ATOM   408 C C   . ILE A 1 54 ? -9.097  0.136   -4.953  1.00 5.05  ? 274 ILE A C   1 
ATOM   409 O O   . ILE A 1 54 ? -10.274 0.008   -4.586  1.00 5.61  ? 274 ILE A O   1 
ATOM   410 C CB  . ILE A 1 54 ? -8.740  -1.241  -7.045  1.00 5.91  ? 274 ILE A CB  1 
ATOM   411 C CG1 . ILE A 1 54 ? -7.829  -2.296  -7.689  1.00 7.12  ? 274 ILE A CG1 1 
ATOM   412 C CG2 . ILE A 1 54 ? -8.685  0.078   -7.813  1.00 6.19  ? 274 ILE A CG2 1 
ATOM   413 C CD1 . ILE A 1 54 ? -8.214  -2.651  -9.125  1.00 8.31  ? 274 ILE A CD1 1 
ATOM   414 N N   . GLY A 1 55 ? -8.400  1.260   -4.813  1.00 4.95  ? 275 GLY A N   1 
ATOM   415 C CA  . GLY A 1 55 ? -8.967  2.468   -4.227  1.00 5.48  ? 275 GLY A CA  1 
ATOM   416 C C   . GLY A 1 55 ? -8.523  2.710   -2.796  1.00 4.72  ? 275 GLY A C   1 
ATOM   417 O O   . GLY A 1 55 ? -8.720  3.809   -2.269  1.00 5.06  ? 275 GLY A O   1 
ATOM   418 N N   . ASP A 1 56 ? -7.931  1.707   -2.149  1.00 5.10  ? 276 ASP A N   1 
ATOM   419 C CA  . ASP A 1 56 ? -7.404  1.902   -0.802  1.00 5.29  ? 276 ASP A CA  1 
ATOM   420 C C   . ASP A 1 56 ? -6.261  2.902   -0.825  1.00 4.38  ? 276 ASP A C   1 
ATOM   421 O O   . ASP A 1 56 ? -5.480  2.962   -1.774  1.00 5.39  ? 276 ASP A O   1 
ATOM   422 C CB  . ASP A 1 56 ? -6.896  0.577   -0.243  1.00 5.13  ? 276 ASP A CB  1 
ATOM   423 C CG  . ASP A 1 56 ? -8.011  -0.390  0.140   1.00 7.32  ? 276 ASP A CG  1 
ATOM   424 O OD1 . ASP A 1 56 ? -9.199  -0.013  0.100   1.00 8.51  ? 276 ASP A OD1 1 
ATOM   425 O OD2 . ASP A 1 56 ? -7.683  -1.536  0.517   1.00 8.68  ? 276 ASP A OD2 1 
ATOM   426 N N   . ARG A 1 57 ? -6.158  3.688   0.241   1.00 4.46  ? 277 ARG A N   1 
ATOM   427 C CA  . ARG A 1 57 ? -5.022  4.583   0.441   1.00 5.36  ? 277 ARG A CA  1 
ATOM   428 C C   . ARG A 1 57 ? -4.039  3.904   1.373   1.00 5.12  ? 277 ARG A C   1 
ATOM   429 O O   . ARG A 1 57 ? -4.408  3.464   2.458   1.00 6.09  ? 277 ARG A O   1 
ATOM   430 C CB  A ARG A 1 57 ? -5.481  5.904   1.019   0.70 7.14  ? 277 ARG A CB  1 
ATOM   431 C CB  B ARG A 1 57 ? -5.480  5.920   1.019   0.30 7.10  ? 277 ARG A CB  1 
ATOM   432 C CG  A ARG A 1 57 ? -5.977  6.862   -0.028  0.70 10.05 ? 277 ARG A CG  1 
ATOM   433 C CG  B ARG A 1 57 ? -6.331  6.736   0.061   0.30 9.28  ? 277 ARG A CG  1 
ATOM   434 C CD  A ARG A 1 57 ? -6.760  7.963   0.633   0.70 9.83  ? 277 ARG A CD  1 
ATOM   435 C CD  B ARG A 1 57 ? -6.370  8.210   0.447   0.30 15.49 ? 277 ARG A CD  1 
ATOM   436 N NE  A ARG A 1 57 ? -8.036  7.467   1.123   0.70 8.04  ? 277 ARG A NE  1 
ATOM   437 N NE  B ARG A 1 57 ? -6.598  8.413   1.879   0.30 17.77 ? 277 ARG A NE  1 
ATOM   438 C CZ  A ARG A 1 57 ? -8.773  8.063   2.056   0.70 9.25  ? 277 ARG A CZ  1 
ATOM   439 C CZ  B ARG A 1 57 ? -7.754  8.779   2.435   0.30 20.53 ? 277 ARG A CZ  1 
ATOM   440 N NH1 A ARG A 1 57 ? -8.381  9.193   2.618   0.70 13.35 ? 277 ARG A NH1 1 
ATOM   441 N NH1 B ARG A 1 57 ? -7.820  8.924   3.753   0.30 21.97 ? 277 ARG A NH1 1 
ATOM   442 N NH2 A ARG A 1 57 ? -9.921  7.524   2.417   0.70 10.15 ? 277 ARG A NH2 1 
ATOM   443 N NH2 B ARG A 1 57 ? -8.840  9.014   1.700   0.30 19.19 ? 277 ARG A NH2 1 
ATOM   444 N N   . LEU A 1 58 ? -2.790  3.820   0.946   1.00 4.68  ? 278 LEU A N   1 
ATOM   445 C CA  . LEU A 1 58 ? -1.758  3.162   1.736   1.00 5.26  ? 278 LEU A CA  1 
ATOM   446 C C   . LEU A 1 58 ? -1.172  4.183   2.713   1.00 4.60  ? 278 LEU A C   1 
ATOM   447 O O   . LEU A 1 58 ? -0.445  5.101   2.311   1.00 5.29  ? 278 LEU A O   1 
ATOM   448 C CB  . LEU A 1 58 ? -0.690  2.566   0.817   1.00 5.99  ? 278 LEU A CB  1 
ATOM   449 C CG  . LEU A 1 58 ? 0.444   1.798   1.500   1.00 5.47  ? 278 LEU A CG  1 
ATOM   450 C CD1 . LEU A 1 58 ? -0.104  0.611   2.305   1.00 6.56  ? 278 LEU A CD1 1 
ATOM   451 C CD2 . LEU A 1 58 ? 1.451   1.341   0.466   1.00 6.45  ? 278 LEU A CD2 1 
ATOM   452 N N   . LEU A 1 59 ? -1.523  4.040   3.983   1.00 4.26  ? 279 LEU A N   1 
ATOM   453 C CA  . LEU A 1 59 ? -1.093  4.956   5.029   1.00 4.04  ? 279 LEU A CA  1 
ATOM   454 C C   . LEU A 1 59 ? 0.303   4.676   5.585   1.00 4.36  ? 279 LEU A C   1 
ATOM   455 O O   . LEU A 1 59 ? 1.003   5.601   5.981   1.00 5.12  ? 279 LEU A O   1 
ATOM   456 C CB  . LEU A 1 59 ? -2.068  4.946   6.201   1.00 4.97  ? 279 LEU A CB  1 
ATOM   457 C CG  . LEU A 1 59 ? -3.527  5.270   5.879   1.00 5.22  ? 279 LEU A CG  1 
ATOM   458 C CD1 . LEU A 1 59 ? -4.373  5.145   7.141   1.00 7.50  ? 279 LEU A CD1 1 
ATOM   459 C CD2 . LEU A 1 59 ? -3.681  6.632   5.222   1.00 8.56  ? 279 LEU A CD2 1 
ATOM   460 N N   . ALA A 1 60 ? 0.669   3.393   5.668   1.00 4.23  ? 280 ALA A N   1 
ATOM   461 C CA  . ALA A 1 60 ? 1.958   3.000   6.245   1.00 4.93  ? 280 ALA A CA  1 
ATOM   462 C C   . ALA A 1 60 ? 2.341   1.620   5.774   1.00 4.14  ? 280 ALA A C   1 
ATOM   463 O O   . ALA A 1 60 ? 1.477   0.776   5.500   1.00 4.63  ? 280 ALA A O   1 
ATOM   464 C CB  . ALA A 1 60 ? 1.906   3.003   7.789   1.00 5.49  ? 280 ALA A CB  1 
ATOM   465 N N   . VAL A 1 61 ? 3.648   1.405   5.716   1.00 4.19  ? 281 VAL A N   1 
ATOM   466 C CA  . VAL A 1 61 ? 4.262   0.094   5.540   1.00 4.08  ? 281 VAL A CA  1 
ATOM   467 C C   . VAL A 1 61 ? 5.154   -0.101  6.759   1.00 4.14  ? 281 VAL A C   1 
ATOM   468 O O   . VAL A 1 61 ? 6.042   0.728   7.012   1.00 4.33  ? 281 VAL A O   1 
ATOM   469 C CB  . VAL A 1 61 ? 5.098   0.025   4.258   1.00 4.65  ? 281 VAL A CB  1 
ATOM   470 C CG1 . VAL A 1 61 ? 5.891   -1.288  4.185   1.00 6.34  ? 281 VAL A CG1 1 
ATOM   471 C CG2 . VAL A 1 61 ? 4.211   0.200   3.029   1.00 6.51  ? 281 VAL A CG2 1 
ATOM   472 N N   . ASN A 1 62 ? 4.918   -1.151  7.533   1.00 4.51  ? 282 ASN A N   1 
ATOM   473 C CA  . ASN A 1 62 ? 5.645   -1.344  8.790   1.00 5.87  ? 282 ASN A CA  1 
ATOM   474 C C   . ASN A 1 62 ? 5.595   -0.048  9.605   1.00 5.35  ? 282 ASN A C   1 
ATOM   475 O O   . ASN A 1 62 ? 4.490   0.460   9.827   1.00 6.50  ? 282 ASN A O   1 
ATOM   476 C CB  . ASN A 1 62 ? 7.046   -1.894  8.523   1.00 5.97  ? 282 ASN A CB  1 
ATOM   477 C CG  . ASN A 1 62 ? 7.010   -3.292  7.934   1.00 6.57  ? 282 ASN A CG  1 
ATOM   478 O OD1 . ASN A 1 62 ? 6.046   -4.041  8.112   1.00 7.05  ? 282 ASN A OD1 1 
ATOM   479 N ND2 . ASN A 1 62 ? 8.058   -3.654  7.220   1.00 8.06  ? 282 ASN A ND2 1 
ATOM   480 N N   . ASN A 1 63 ? 6.737   0.497   10.029  1.00 6.10  ? 283 ASN A N   1 
ATOM   481 C CA  . ASN A 1 63 ? 6.772   1.741   10.807  1.00 7.17  ? 283 ASN A CA  1 
ATOM   482 C C   . ASN A 1 63 ? 6.997   2.988   9.962   1.00 7.38  ? 283 ASN A C   1 
ATOM   483 O O   . ASN A 1 63 ? 7.362   4.038   10.508  1.00 10.12 ? 283 ASN A O   1 
ATOM   484 C CB  . ASN A 1 63 ? 7.894   1.685   11.860  1.00 9.23  ? 283 ASN A CB  1 
ATOM   485 C CG  . ASN A 1 63 ? 7.401   1.384   13.249  1.00 9.53  ? 283 ASN A CG  1 
ATOM   486 O OD1 . ASN A 1 63 ? 6.270   0.946   13.465  1.00 11.48 ? 283 ASN A OD1 1 
ATOM   487 N ND2 . ASN A 1 63 ? 8.270   1.631   14.228  1.00 13.63 ? 283 ASN A ND2 1 
ATOM   488 N N   . THR A 1 64 ? 6.812   2.886   8.649   1.00 6.05  ? 284 THR A N   1 
ATOM   489 C CA  . THR A 1 64 ? 7.047   4.005   7.745   1.00 6.21  ? 284 THR A CA  1 
ATOM   490 C C   . THR A 1 64 ? 5.721   4.626   7.307   1.00 5.59  ? 284 THR A C   1 
ATOM   491 O O   . THR A 1 64 ? 4.903   3.976   6.649   1.00 5.86  ? 284 THR A O   1 
ATOM   492 C CB  . THR A 1 64 ? 7.833   3.546   6.517   1.00 5.44  ? 284 THR A CB  1 
ATOM   493 O OG1 . THR A 1 64 ? 9.065   2.959   6.957   1.00 6.27  ? 284 THR A OG1 1 
ATOM   494 C CG2 . THR A 1 64 ? 8.136   4.696   5.580   1.00 6.85  ? 284 THR A CG2 1 
ATOM   495 N N   . ASN A 1 65 ? 5.514   5.881   7.681   1.00 5.18  ? 285 ASN A N   1 
ATOM   496 C CA  . ASN A 1 65 ? 4.287   6.609   7.341   1.00 6.04  ? 285 ASN A CA  1 
ATOM   497 C C   . ASN A 1 65 ? 4.388   7.133   5.910   1.00 5.06  ? 285 ASN A C   1 
ATOM   498 O O   . ASN A 1 65 ? 5.347   7.830   5.561   1.00 7.56  ? 285 ASN A O   1 
ATOM   499 C CB  . ASN A 1 65 ? 4.130   7.770   8.334   1.00 7.04  ? 285 ASN A CB  1 
ATOM   500 C CG  . ASN A 1 65 ? 2.821   8.511   8.185   1.00 8.47  ? 285 ASN A CG  1 
ATOM   501 O OD1 . ASN A 1 65 ? 2.428   8.861   7.093   1.00 12.01 ? 285 ASN A OD1 1 
ATOM   502 N ND2 . ASN A 1 65 ? 2.194   8.850   9.317   1.00 11.15 ? 285 ASN A ND2 1 
ATOM   503 N N   . LEU A 1 66 ? 3.398   6.798   5.096   1.00 4.67  ? 286 LEU A N   1 
ATOM   504 C CA  . LEU A 1 66 ? 3.378   7.157   3.675   1.00 5.10  ? 286 LEU A CA  1 
ATOM   505 C C   . LEU A 1 66 ? 2.286   8.177   3.354   1.00 5.59  ? 286 LEU A C   1 
ATOM   506 O O   . LEU A 1 66 ? 1.899   8.324   2.195   1.00 6.05  ? 286 LEU A O   1 
ATOM   507 C CB  . LEU A 1 66 ? 3.202   5.900   2.807   1.00 5.79  ? 286 LEU A CB  1 
ATOM   508 C CG  . LEU A 1 66 ? 4.298   4.844   2.955   1.00 7.07  ? 286 LEU A CG  1 
ATOM   509 C CD1 . LEU A 1 66 ? 3.968   3.659   2.044   1.00 9.29  ? 286 LEU A CD1 1 
ATOM   510 C CD2 . LEU A 1 66 ? 5.698   5.373   2.658   1.00 7.64  ? 286 LEU A CD2 1 
ATOM   511 N N   . GLN A 1 67 ? 1.809   8.918   4.352   1.00 5.79  ? 287 GLN A N   1 
ATOM   512 C CA  . GLN A 1 67 ? 0.743   9.897   4.110   1.00 6.81  ? 287 GLN A CA  1 
ATOM   513 C C   . GLN A 1 67 ? 1.204   11.092  3.277   1.00 8.53  ? 287 GLN A C   1 
ATOM   514 O O   . GLN A 1 67 ? 0.358   11.742  2.669   1.00 14.64 ? 287 GLN A O   1 
ATOM   515 C CB  . GLN A 1 67 ? 0.095   10.338  5.426   1.00 7.25  ? 287 GLN A CB  1 
ATOM   516 C CG  . GLN A 1 67 ? -0.705  9.217   6.035   1.00 7.09  ? 287 GLN A CG  1 
ATOM   517 C CD  . GLN A 1 67 ? -1.399  9.594   7.327   1.00 7.06  ? 287 GLN A CD  1 
ATOM   518 O OE1 . GLN A 1 67 ? -0.870  9.356   8.407   1.00 8.30  ? 287 GLN A OE1 1 
ATOM   519 N NE2 . GLN A 1 67 ? -2.589  10.174  7.231   1.00 7.80  ? 287 GLN A NE2 1 
ATOM   520 N N   . ASP A 1 68 ? 2.499   11.386  3.240   1.00 7.64  ? 288 ASP A N   1 
ATOM   521 C CA  . ASP A 1 68 ? 3.000   12.527  2.471   1.00 8.66  ? 288 ASP A CA  1 
ATOM   522 C C   . ASP A 1 68 ? 4.442   12.290  2.021   1.00 7.91  ? 288 ASP A C   1 
ATOM   523 O O   . ASP A 1 68 ? 5.383   12.833  2.604   1.00 9.05  ? 288 ASP A O   1 
ATOM   524 C CB  . ASP A 1 68 ? 2.862   13.806  3.299   1.00 12.08 ? 288 ASP A CB  1 
ATOM   525 C CG  . ASP A 1 68 ? 3.159   15.059  2.503   1.00 15.22 ? 288 ASP A CG  1 
ATOM   526 O OD1 . ASP A 1 68 ? 2.770   15.133  1.321   1.00 22.81 ? 288 ASP A OD1 1 
ATOM   527 O OD2 . ASP A 1 68 ? 3.773   15.972  3.074   1.00 24.68 ? 288 ASP A OD2 1 
ATOM   528 N N   . VAL A 1 69 ? 4.588   11.466  0.984   1.00 6.46  ? 289 VAL A N   1 
ATOM   529 C CA  . VAL A 1 69 ? 5.896   11.093  0.469   1.00 6.27  ? 289 VAL A CA  1 
ATOM   530 C C   . VAL A 1 69 ? 5.854   11.096  -1.053  1.00 5.78  ? 289 VAL A C   1 
ATOM   531 O O   . VAL A 1 69 ? 4.784   11.075  -1.677  1.00 6.78  ? 289 VAL A O   1 
ATOM   532 C CB  . VAL A 1 69 ? 6.318   9.675   0.953   1.00 6.24  ? 289 VAL A CB  1 
ATOM   533 C CG1 . VAL A 1 69 ? 6.438   9.619   2.467   1.00 7.64  ? 289 VAL A CG1 1 
ATOM   534 C CG2 . VAL A 1 69 ? 5.356   8.598   0.446   1.00 6.62  ? 289 VAL A CG2 1 
ATOM   535 N N   . ARG A 1 70 ? 7.040   11.080  -1.644  1.00 6.06  ? 290 ARG A N   1 
ATOM   536 C CA  . ARG A 1 70 ? 7.194   10.833  -3.076  1.00 6.32  ? 290 ARG A CA  1 
ATOM   537 C C   . ARG A 1 70 ? 6.773   9.421   -3.432  1.00 5.66  ? 290 ARG A C   1 
ATOM   538 O O   . ARG A 1 70 ? 6.954   8.500   -2.642  1.00 5.64  ? 290 ARG A O   1 
ATOM   539 C CB  . ARG A 1 70 ? 8.662   11.016  -3.464  1.00 7.95  ? 290 ARG A CB  1 
ATOM   540 C CG  . ARG A 1 70 ? 9.112   12.461  -3.458  1.00 11.64 ? 290 ARG A CG  1 
ATOM   541 C CD  . ARG A 1 70 ? 8.778   13.135  -4.758  1.00 12.54 ? 290 ARG A CD  1 
ATOM   542 N NE  . ARG A 1 70 ? 9.575   12.639  -5.883  1.00 12.44 ? 290 ARG A NE  1 
ATOM   543 C CZ  . ARG A 1 70 ? 10.696  13.206  -6.349  1.00 13.02 ? 290 ARG A CZ  1 
ATOM   544 N NH1 . ARG A 1 70 ? 11.235  14.274  -5.784  1.00 15.07 ? 290 ARG A NH1 1 
ATOM   545 N NH2 . ARG A 1 70 ? 11.284  12.689  -7.402  1.00 12.23 ? 290 ARG A NH2 1 
ATOM   546 N N   . HIS A 1 71 ? 6.257   9.238   -4.649  1.00 5.35  ? 291 HIS A N   1 
ATOM   547 C CA  . HIS A 1 71 ? 5.926   7.895   -5.126  1.00 5.07  ? 291 HIS A CA  1 
ATOM   548 C C   . HIS A 1 71 ? 7.139   6.955   -5.052  1.00 5.18  ? 291 HIS A C   1 
ATOM   549 O O   . HIS A 1 71 ? 7.009   5.785   -4.684  1.00 5.44  ? 291 HIS A O   1 
ATOM   550 C CB  . HIS A 1 71 ? 5.381   7.979   -6.556  1.00 5.42  ? 291 HIS A CB  1 
ATOM   551 C CG  . HIS A 1 71 ? 4.887   6.676   -7.103  1.00 5.07  ? 291 HIS A CG  1 
ATOM   552 N ND1 . HIS A 1 71 ? 5.659   5.881   -7.914  1.00 8.43  ? 291 HIS A ND1 1 
ATOM   553 C CD2 . HIS A 1 71 ? 3.710   6.023   -6.944  1.00 6.03  ? 291 HIS A CD2 1 
ATOM   554 C CE1 . HIS A 1 71 ? 4.975   4.804   -8.246  1.00 7.30  ? 291 HIS A CE1 1 
ATOM   555 N NE2 . HIS A 1 71 ? 3.791   4.860   -7.665  1.00 5.98  ? 291 HIS A NE2 1 
ATOM   556 N N   . GLU A 1 72 ? 8.322   7.470   -5.396  1.00 5.26  ? 292 GLU A N   1 
ATOM   557 C CA  . GLU A 1 72 ? 9.527   6.646   -5.379  1.00 6.49  ? 292 GLU A CA  1 
ATOM   558 C C   . GLU A 1 72 ? 9.826   6.122   -3.973  1.00 5.74  ? 292 GLU A C   1 
ATOM   559 O O   . GLU A 1 72 ? 10.325  5.003   -3.810  1.00 6.01  ? 292 GLU A O   1 
ATOM   560 C CB  . GLU A 1 72 ? 10.738  7.430   -5.898  1.00 7.91  ? 292 GLU A CB  1 
ATOM   561 C CG  . GLU A 1 72 ? 10.604  7.998   -7.315  1.00 7.92  ? 292 GLU A CG  1 
ATOM   562 C CD  . GLU A 1 72 ? 9.997   9.402   -7.389  1.00 7.46  ? 292 GLU A CD  1 
ATOM   563 O OE1 . GLU A 1 72 ? 9.300   9.848   -6.459  1.00 8.18  ? 292 GLU A OE1 1 
ATOM   564 O OE2 . GLU A 1 72 ? 10.244  10.096  -8.402  1.00 9.65  ? 292 GLU A OE2 1 
ATOM   565 N N   . GLU A 1 73 ? 9.552   6.950   -2.970  1.00 5.57  ? 293 GLU A N   1 
ATOM   566 C CA  . GLU A 1 73 ? 9.753   6.586   -1.575  1.00 5.69  ? 293 GLU A CA  1 
ATOM   567 C C   . GLU A 1 73 ? 8.744   5.540   -1.118  1.00 4.86  ? 293 GLU A C   1 
ATOM   568 O O   . GLU A 1 73 ? 9.068   4.633   -0.337  1.00 5.98  ? 293 GLU A O   1 
ATOM   569 C CB  . GLU A 1 73 ? 9.684   7.837   -0.700  1.00 7.23  ? 293 GLU A CB  1 
ATOM   570 C CG  . GLU A 1 73 ? 10.909  8.712   -0.915  1.00 10.20 ? 293 GLU A CG  1 
ATOM   571 C CD  . GLU A 1 73 ? 10.760  10.169  -0.559  1.00 14.74 ? 293 GLU A CD  1 
ATOM   572 O OE1 . GLU A 1 73 ? 9.662   10.626  -0.190  1.00 13.81 ? 293 GLU A OE1 1 
ATOM   573 O OE2 . GLU A 1 73 ? 11.788  10.870  -0.668  1.00 20.47 ? 293 GLU A OE2 1 
ATOM   574 N N   . ALA A 1 74 ? 7.498   5.650   -1.583  1.00 4.67  ? 294 ALA A N   1 
ATOM   575 C CA  . ALA A 1 74 ? 6.487   4.649   -1.265  1.00 4.90  ? 294 ALA A CA  1 
ATOM   576 C C   . ALA A 1 74 ? 6.849   3.298   -1.886  1.00 4.82  ? 294 ALA A C   1 
ATOM   577 O O   . ALA A 1 74 ? 6.746   2.255   -1.245  1.00 4.55  ? 294 ALA A O   1 
ATOM   578 C CB  . ALA A 1 74 ? 5.103   5.098   -1.730  1.00 5.64  ? 294 ALA A CB  1 
ATOM   579 N N   . VAL A 1 75 ? 7.252   3.302   -3.161  1.00 4.66  ? 295 VAL A N   1 
ATOM   580 C CA  . VAL A 1 75 ? 7.690   2.073   -3.814  1.00 5.65  ? 295 VAL A CA  1 
ATOM   581 C C   . VAL A 1 75 ? 8.859   1.462   -3.049  1.00 6.34  ? 295 VAL A C   1 
ATOM   582 O O   . VAL A 1 75 ? 8.860   0.270   -2.758  1.00 6.36  ? 295 VAL A O   1 
ATOM   583 C CB  . VAL A 1 75 ? 8.068   2.312   -5.284  1.00 5.81  ? 295 VAL A CB  1 
ATOM   584 C CG1 . VAL A 1 75 ? 8.724   1.061   -5.889  1.00 7.44  ? 295 VAL A CG1 1 
ATOM   585 C CG2 . VAL A 1 75 ? 6.840   2.704   -6.087  1.00 7.18  ? 295 VAL A CG2 1 
ATOM   586 N N   . ALA A 1 76 ? 9.836   2.288   -2.688  1.00 5.85  ? 296 ALA A N   1 
ATOM   587 C CA  . ALA A 1 76 ? 11.012  1.797   -1.952  1.00 7.13  ? 296 ALA A CA  1 
ATOM   588 C C   . ALA A 1 76 ? 10.593  1.150   -0.628  1.00 6.45  ? 296 ALA A C   1 
ATOM   589 O O   . ALA A 1 76 ? 11.111  0.102   -0.257  1.00 7.15  ? 296 ALA A O   1 
ATOM   590 C CB  . ALA A 1 76 ? 12.013  2.928   -1.689  1.00 8.98  ? 296 ALA A CB  1 
ATOM   591 N N   . SER A 1 77 ? 9.656   1.767   0.076   1.00 6.11  ? 297 SER A N   1 
ATOM   592 C CA  A SER A 1 77 ? 9.210   1.242   1.352   0.75 5.93  ? 297 SER A CA  1 
ATOM   593 C CA  B SER A 1 77 ? 9.192   1.239   1.366   0.25 5.91  ? 297 SER A CA  1 
ATOM   594 C C   . SER A 1 77 ? 8.605   -0.156  1.200   1.00 5.92  ? 297 SER A C   1 
ATOM   595 O O   . SER A 1 77 ? 8.822   -1.037  2.027   1.00 8.07  ? 297 SER A O   1 
ATOM   596 C CB  A SER A 1 77 ? 8.212   2.214   1.958   0.75 7.17  ? 297 SER A CB  1 
ATOM   597 C CB  B SER A 1 77 ? 8.171   2.179   2.034   0.25 5.46  ? 297 SER A CB  1 
ATOM   598 O OG  A SER A 1 77 ? 7.766   1.776   3.213   0.75 8.69  ? 297 SER A OG  1 
ATOM   599 O OG  B SER A 1 77 ? 6.841   1.988   1.555   0.25 3.35  ? 297 SER A OG  1 
ATOM   600 N N   . LEU A 1 78 ? 7.860   -0.373  0.124   1.00 5.73  ? 298 LEU A N   1 
ATOM   601 C CA  . LEU A 1 78 ? 7.283   -1.694  -0.145  1.00 6.59  ? 298 LEU A CA  1 
ATOM   602 C C   . LEU A 1 78 ? 8.355   -2.723  -0.487  1.00 7.63  ? 298 LEU A C   1 
ATOM   603 O O   . LEU A 1 78 ? 8.245   -3.885  -0.116  1.00 9.64  ? 298 LEU A O   1 
ATOM   604 C CB  . LEU A 1 78 ? 6.255   -1.593  -1.273  1.00 7.23  ? 298 LEU A CB  1 
ATOM   605 C CG  . LEU A 1 78 ? 4.945   -0.918  -0.858  1.00 7.02  ? 298 LEU A CG  1 
ATOM   606 C CD1 . LEU A 1 78 ? 4.154   -0.493  -2.073  1.00 9.16  ? 298 LEU A CD1 1 
ATOM   607 C CD2 . LEU A 1 78 ? 4.132   -1.857  0.004   1.00 6.99  ? 298 LEU A CD2 1 
ATOM   608 N N   . LYS A 1 79 ? 9.380   -2.296  -1.213  1.00 8.35  ? 299 LYS A N   1 
ATOM   609 C CA  . LYS A 1 79 ? 10.469  -3.194  -1.593  1.00 10.07 ? 299 LYS A CA  1 
ATOM   610 C C   . LYS A 1 79 ? 11.471  -3.446  -0.431  1.00 9.99  ? 299 LYS A C   1 
ATOM   611 O O   . LYS A 1 79 ? 12.077  -4.526  -0.381  1.00 16.40 ? 299 LYS A O   1 
ATOM   612 C CB  . LYS A 1 79 ? 11.170  -2.659  -2.849  1.00 13.02 ? 299 LYS A CB  1 
ATOM   613 C CG  . LYS A 1 79 ? 10.244  -2.374  -4.052  1.00 12.85 ? 299 LYS A CG  1 
ATOM   614 C CD  . LYS A 1 79 ? 9.440   -3.591  -4.535  1.00 15.98 ? 299 LYS A CD  1 
ATOM   615 C CE  . LYS A 1 79 ? 8.383   -3.181  -5.551  1.00 18.55 ? 299 LYS A CE  1 
ATOM   616 N NZ  . LYS A 1 79 ? 7.631   -4.338  -6.097  1.00 25.14 ? 299 LYS A NZ  1 
ATOM   617 N N   A ASN A 1 80 ? 11.601  -2.507  0.510   0.50 9.03  ? 300 ASN A N   1 
ATOM   618 N N   B ASN A 1 80 ? 11.641  -2.464  0.461   0.50 13.20 ? 300 ASN A N   1 
ATOM   619 C CA  A ASN A 1 80 ? 12.536  -2.638  1.651   0.50 10.13 ? 300 ASN A CA  1 
ATOM   620 C CA  B ASN A 1 80 ? 12.585  -2.546  1.596   0.50 11.69 ? 300 ASN A CA  1 
ATOM   621 C C   A ASN A 1 80 ? 11.990  -3.558  2.750   0.50 12.83 ? 300 ASN A C   1 
ATOM   622 C C   B ASN A 1 80 ? 11.954  -3.301  2.776   0.50 10.07 ? 300 ASN A C   1 
ATOM   623 O O   A ASN A 1 80 ? 12.540  -3.596  3.854   0.50 20.36 ? 300 ASN A O   1 
ATOM   624 O O   B ASN A 1 80 ? 11.834  -2.779  3.888   0.50 12.41 ? 300 ASN A O   1 
ATOM   625 C CB  A ASN A 1 80 ? 12.866  -1.263  2.273   0.50 9.09  ? 300 ASN A CB  1 
ATOM   626 C CB  B ASN A 1 80 ? 13.034  -1.140  2.048   0.50 14.18 ? 300 ASN A CB  1 
ATOM   627 C CG  A ASN A 1 80 ? 13.728  -0.385  1.374   0.50 8.89  ? 300 ASN A CG  1 
ATOM   628 C CG  B ASN A 1 80 ? 13.730  -0.338  0.942   0.50 16.88 ? 300 ASN A CG  1 
ATOM   629 O OD1 A ASN A 1 80 ? 14.474  -0.882  0.522   0.50 13.26 ? 300 ASN A OD1 1 
ATOM   630 O OD1 B ASN A 1 80 ? 14.178  -0.889  -0.070  0.50 17.16 ? 300 ASN A OD1 1 
ATOM   631 N ND2 A ASN A 1 80 ? 13.637  0.935   1.570   0.50 11.92 ? 300 ASN A ND2 1 
ATOM   632 N ND2 B ASN A 1 80 ? 13.821  0.980   1.141   0.50 16.01 ? 300 ASN A ND2 1 
ATOM   633 N N   A THR A 1 81 ? 10.918  -4.296  2.459   0.50 12.00 ? 301 THR A N   1 
ATOM   634 N N   B THR A 1 81 ? 11.565  -4.547  2.534   0.50 9.15  ? 301 THR A N   1 
ATOM   635 C CA  A THR A 1 81 ? 10.280  -5.155  3.454   0.50 12.67 ? 301 THR A CA  1 
ATOM   636 C CA  B THR A 1 81 ? 10.812  -5.321  3.515   0.50 9.69  ? 301 THR A CA  1 
ATOM   637 C C   A THR A 1 81 ? 10.672  -6.628  3.311   0.50 14.61 ? 301 THR A C   1 
ATOM   638 C C   B THR A 1 81 ? 11.299  -6.754  3.520   0.50 8.86  ? 301 THR A C   1 
ATOM   639 O O   A THR A 1 81 ? 10.946  -7.107  2.202   0.50 15.24 ? 301 THR A O   1 
ATOM   640 O O   B THR A 1 81 ? 12.013  -7.166  2.620   0.50 13.63 ? 301 THR A O   1 
ATOM   641 C CB  A THR A 1 81 ? 8.736   -5.048  3.382   0.50 10.95 ? 301 THR A CB  1 
ATOM   642 C CB  B THR A 1 81 ? 9.315   -5.379  3.144   0.50 10.81 ? 301 THR A CB  1 
ATOM   643 O OG1 A THR A 1 81 ? 8.276   -5.446  2.084   0.50 12.22 ? 301 THR A OG1 1 
ATOM   644 O OG1 B THR A 1 81 ? 9.187   -5.744  1.767   0.50 12.82 ? 301 THR A OG1 1 
ATOM   645 C CG2 A THR A 1 81 ? 8.274   -3.632  3.673   0.50 13.57 ? 301 THR A CG2 1 
ATOM   646 C CG2 B THR A 1 81 ? 8.630   -4.046  3.362   0.50 10.49 ? 301 THR A CG2 1 
ATOM   647 N N   A SER A 1 82 ? 10.666  -7.323  4.452   0.50 13.83 ? 302 SER A N   1 
ATOM   648 N N   B SER A 1 82 ? 10.890  -7.524  4.521   0.50 9.57  ? 302 SER A N   1 
ATOM   649 C CA  A SER A 1 82 ? 11.026  -8.747  4.571   0.50 12.93 ? 302 SER A CA  1 
ATOM   650 C CA  B SER A 1 82 ? 11.074  -8.967  4.464   0.50 14.15 ? 302 SER A CA  1 
ATOM   651 C C   A SER A 1 82 ? 9.853   -9.631  4.134   0.50 11.18 ? 302 SER A C   1 
ATOM   652 C C   B SER A 1 82 ? 9.756   -9.669  4.712   0.50 16.18 ? 302 SER A C   1 
ATOM   653 O O   A SER A 1 82 ? 9.042   -9.187  3.329   0.50 11.46 ? 302 SER A O   1 
ATOM   654 O O   B SER A 1 82 ? 8.742   -9.045  5.012   0.50 24.49 ? 302 SER A O   1 
ATOM   655 C CB  A SER A 1 82 ? 11.443  -9.065  6.016   0.50 12.90 ? 302 SER A CB  1 
ATOM   656 C CB  B SER A 1 82 ? 12.160  -9.466  5.420   0.50 17.20 ? 302 SER A CB  1 
ATOM   657 O OG  A SER A 1 82 ? 12.804  -8.735  6.254   0.50 16.35 ? 302 SER A OG  1 
ATOM   658 O OG  B SER A 1 82 ? 11.638  -9.817  6.689   0.50 25.40 ? 302 SER A OG  1 
ATOM   659 N N   A ASP A 1 83 ? 9.732   -10.852 4.670   0.50 12.52 ? 303 ASP A N   1 
ATOM   660 N N   B ASP A 1 83 ? 9.806   -10.985 4.621   0.50 15.64 ? 303 ASP A N   1 
ATOM   661 C CA  A ASP A 1 83 ? 8.657   -11.747 4.219   0.50 11.94 ? 303 ASP A CA  1 
ATOM   662 C CA  B ASP A 1 83 ? 8.660   -11.772 4.221   0.50 12.97 ? 303 ASP A CA  1 
ATOM   663 C C   . ASP A 1 83 ? 7.275   -11.379 4.755   1.00 11.55 ? 303 ASP A C   1 
ATOM   664 O O   . ASP A 1 83 ? 6.336   -11.388 4.001   1.00 12.95 ? 303 ASP A O   1 
ATOM   665 C CB  . ASP A 1 83 ? 8.937   -13.244 4.443   1.00 15.77 ? 303 ASP A CB  1 
ATOM   666 C CG  . ASP A 1 83 ? 8.947   -13.641 5.890   1.00 17.46 ? 303 ASP A CG  1 
ATOM   667 O OD1 . ASP A 1 83 ? 9.310   -12.809 6.737   1.00 23.51 ? 303 ASP A OD1 1 
ATOM   668 O OD2 . ASP A 1 83 ? 8.642   -14.835 6.153   1.00 14.72 ? 303 ASP A OD2 1 
ATOM   669 N N   . MET A 1 84 ? 7.144   -11.043 6.040   1.00 12.20 ? 304 MET A N   1 
ATOM   670 C CA  . MET A 1 84 ? 5.851   -10.542 6.565   1.00 10.17 ? 304 MET A CA  1 
ATOM   671 C C   . MET A 1 84 ? 5.876   -9.030  6.546   1.00 10.74 ? 304 MET A C   1 
ATOM   672 O O   . MET A 1 84 ? 6.832   -8.417  7.023   1.00 10.85 ? 304 MET A O   1 
ATOM   673 C CB  . MET A 1 84 ? 5.579   -10.975 8.002   1.00 13.45 ? 304 MET A CB  1 
ATOM   674 C CG  . MET A 1 84 ? 5.185   -12.433 8.218   1.00 16.02 ? 304 MET A CG  1 
ATOM   675 S SD  . MET A 1 84 ? 3.661   -13.025 7.431   1.00 11.92 ? 304 MET A SD  1 
ATOM   676 C CE  . MET A 1 84 ? 2.441   -11.841 7.913   1.00 12.03 ? 304 MET A CE  1 
ATOM   677 N N   . VAL A 1 85 ? 4.812   -8.435  6.030   1.00 6.29  ? 305 VAL A N   1 
ATOM   678 C CA  . VAL A 1 85 ? 4.743   -7.014  5.803   1.00 5.42  ? 305 VAL A CA  1 
ATOM   679 C C   . VAL A 1 85 ? 3.438   -6.460  6.364   1.00 4.74  ? 305 VAL A C   1 
ATOM   680 O O   . VAL A 1 85 ? 2.360   -6.917  6.011   1.00 5.86  ? 305 VAL A O   1 
ATOM   681 C CB  . VAL A 1 85 ? 4.808   -6.708  4.297   1.00 5.84  ? 305 VAL A CB  1 
ATOM   682 C CG1 . VAL A 1 85 ? 4.870   -5.202  4.067   1.00 7.00  ? 305 VAL A CG1 1 
ATOM   683 C CG2 . VAL A 1 85 ? 6.023   -7.420  3.631   1.00 8.46  ? 305 VAL A CG2 1 
ATOM   684 N N   . TYR A 1 86 ? 3.556   -5.473  7.245   1.00 4.68  ? 306 TYR A N   1 
ATOM   685 C CA  . TYR A 1 86 ? 2.404   -4.770  7.802   1.00 4.07  ? 306 TYR A CA  1 
ATOM   686 C C   . TYR A 1 86 ? 2.014   -3.632  6.870   1.00 4.10  ? 306 TYR A C   1 
ATOM   687 O O   . TYR A 1 86 ? 2.850   -2.774  6.540   1.00 4.89  ? 306 TYR A O   1 
ATOM   688 C CB  . TYR A 1 86 ? 2.748   -4.236  9.171   1.00 4.77  ? 306 TYR A CB  1 
ATOM   689 C CG  . TYR A 1 86 ? 1.754   -3.267  9.778   1.00 4.60  ? 306 TYR A CG  1 
ATOM   690 C CD1 . TYR A 1 86 ? 0.722   -3.731  10.589  1.00 5.13  ? 306 TYR A CD1 1 
ATOM   691 C CD2 . TYR A 1 86 ? 1.889   -1.890  9.611   1.00 5.02  ? 306 TYR A CD2 1 
ATOM   692 C CE1 . TYR A 1 86 ? -0.150  -2.850  11.214  1.00 5.04  ? 306 TYR A CE1 1 
ATOM   693 C CE2 . TYR A 1 86 ? 1.017   -0.996  10.232  1.00 5.27  ? 306 TYR A CE2 1 
ATOM   694 C CZ  . TYR A 1 86 ? 0.000   -1.489  11.036  1.00 5.53  ? 306 TYR A CZ  1 
ATOM   695 O OH  . TYR A 1 86 ? -0.825  -0.609  11.692  1.00 6.48  ? 306 TYR A OH  1 
ATOM   696 N N   . LEU A 1 87 ? 0.743   -3.614  6.474   1.00 3.82  ? 307 LEU A N   1 
ATOM   697 C CA  . LEU A 1 87 ? 0.211   -2.586  5.601   1.00 4.42  ? 307 LEU A CA  1 
ATOM   698 C C   . LEU A 1 87 ? -1.004  -1.986  6.294   1.00 4.70  ? 307 LEU A C   1 
ATOM   699 O O   . LEU A 1 87 ? -1.907  -2.698  6.708   1.00 6.50  ? 307 LEU A O   1 
ATOM   700 C CB  . LEU A 1 87 ? -0.214  -3.196  4.261   1.00 4.78  ? 307 LEU A CB  1 
ATOM   701 C CG  . LEU A 1 87 ? 0.923   -3.909  3.513   1.00 5.30  ? 307 LEU A CG  1 
ATOM   702 C CD1 . LEU A 1 87 ? 0.388   -4.729  2.363   1.00 8.21  ? 307 LEU A CD1 1 
ATOM   703 C CD2 . LEU A 1 87 ? 1.964   -2.921  3.029   1.00 6.52  ? 307 LEU A CD2 1 
ATOM   704 N N   . LYS A 1 88 ? -1.031  -0.675  6.426   1.00 3.98  ? 308 LYS A N   1 
ATOM   705 C CA  . LYS A 1 88 ? -2.158  0.022   7.027   1.00 4.43  ? 308 LYS A CA  1 
ATOM   706 C C   . LYS A 1 88 ? -2.781  0.864   5.927   1.00 4.22  ? 308 LYS A C   1 
ATOM   707 O O   . LYS A 1 88 ? -2.079  1.648   5.288   1.00 4.68  ? 308 LYS A O   1 
ATOM   708 C CB  . LYS A 1 88 ? -1.684  0.903   8.184   1.00 4.76  ? 308 LYS A CB  1 
ATOM   709 C CG  . LYS A 1 88 ? -2.822  1.627   8.879   1.00 5.51  ? 308 LYS A CG  1 
ATOM   710 C CD  . LYS A 1 88 ? -2.387  2.245   10.192  1.00 6.40  ? 308 LYS A CD  1 
ATOM   711 C CE  . LYS A 1 88 ? -1.330  3.298   10.000  1.00 7.09  ? 308 LYS A CE  1 
ATOM   712 N NZ  . LYS A 1 88 ? -0.876  3.870   11.310  1.00 8.19  ? 308 LYS A NZ  1 
ATOM   713 N N   . VAL A 1 89 ? -4.085  0.690   5.717   1.00 4.26  ? 309 VAL A N   1 
ATOM   714 C CA  . VAL A 1 89 ? -4.800  1.370   4.645   1.00 4.66  ? 309 VAL A CA  1 
ATOM   715 C C   . VAL A 1 89 ? -6.020  2.092   5.183   1.00 4.51  ? 309 VAL A C   1 
ATOM   716 O O   . VAL A 1 89 ? -6.591  1.706   6.208   1.00 5.55  ? 309 VAL A O   1 
ATOM   717 C CB  . VAL A 1 89 ? -5.221  0.409   3.509   1.00 5.35  ? 309 VAL A CB  1 
ATOM   718 C CG1 . VAL A 1 89 ? -3.994  -0.221  2.855   1.00 6.16  ? 309 VAL A CG1 1 
ATOM   719 C CG2 . VAL A 1 89 ? -6.207  -0.658  3.994   1.00 6.79  ? 309 VAL A CG2 1 
ATOM   720 N N   . ALA A 1 90 ? -6.409  3.144   4.473   1.00 4.95  ? 310 ALA A N   1 
ATOM   721 C CA  . ALA A 1 90 ? -7.713  3.781   4.624   1.00 5.73  ? 310 ALA A CA  1 
ATOM   722 C C   . ALA A 1 90 ? -8.588  3.355   3.472   1.00 5.69  ? 310 ALA A C   1 
ATOM   723 O O   . ALA A 1 90 ? -8.199  3.448   2.309   1.00 7.15  ? 310 ALA A O   1 
ATOM   724 C CB  . ALA A 1 90 ? -7.608  5.307   4.664   1.00 7.38  ? 310 ALA A CB  1 
ATOM   725 N N   . LYS A 1 91 ? -9.790  2.904   3.799   1.00 7.08  ? 311 LYS A N   1 
ATOM   726 C CA  . LYS A 1 91 ? -10.761 2.513   2.793   1.00 7.07  ? 311 LYS A CA  1 
ATOM   727 C C   . LYS A 1 91 ? -11.396 3.787   2.259   1.00 9.04  ? 311 LYS A C   1 
ATOM   728 O O   . LYS A 1 91 ? -11.212 4.866   2.832   1.00 10.67 ? 311 LYS A O   1 
ATOM   729 C CB  . LYS A 1 91 ? -11.769 1.526   3.378   1.00 8.41  ? 311 LYS A CB  1 
ATOM   730 C CG  . LYS A 1 91 ? -11.123 0.360   4.152   1.00 10.58 ? 311 LYS A CG  1 
ATOM   731 C CD  . LYS A 1 91 ? -10.125 -0.480  3.365   1.00 12.84 ? 311 LYS A CD  1 
ATOM   732 C CE  . LYS A 1 91 ? -10.816 -1.445  2.438   1.00 13.07 ? 311 LYS A CE  1 
ATOM   733 N NZ  . LYS A 1 91 ? -9.911  -2.505  1.833   1.00 9.11  ? 311 LYS A NZ  1 
ATOM   734 N N   . PRO A 1 92 ? -12.051 3.701   1.097   1.00 10.51 ? 312 PRO A N   1 
ATOM   735 C CA  . PRO A 1 92 ? -12.614 4.920   0.510   1.00 11.10 ? 312 PRO A CA  1 
ATOM   736 C C   . PRO A 1 92 ? -13.546 5.626   1.469   1.00 14.99 ? 312 PRO A C   1 
ATOM   737 O O   . PRO A 1 92 ? -14.325 4.987   2.168   1.00 15.89 ? 312 PRO A O   1 
ATOM   738 C CB  . PRO A 1 92 ? -13.338 4.412   -0.737  1.00 12.01 ? 312 PRO A CB  1 
ATOM   739 C CG  . PRO A 1 92 ? -12.567 3.170   -1.106  1.00 12.34 ? 312 PRO A CG  1 
ATOM   740 C CD  . PRO A 1 92 ? -12.219 2.538   0.213   1.00 10.78 ? 312 PRO A CD  1 
ATOM   741 N N   . GLY A 1 93 ? -13.411 6.943   1.531   1.00 21.87 ? 313 GLY A N   1 
ATOM   742 C CA  . GLY A 1 93 ? -14.200 7.741   2.440   1.00 22.50 ? 313 GLY A CA  1 
ATOM   743 C C   . GLY A 1 93 ? -15.394 8.332   1.735   1.00 29.42 ? 313 GLY A C   1 
ATOM   744 O O   . GLY A 1 93 ? -16.486 8.380   2.298   1.00 39.73 ? 313 GLY A O   1 
ATOM   745 N N   . SER A 1 94 ? -15.195 8.746   0.484   1.00 25.65 ? 314 SER A N   1 
ATOM   746 C CA  . SER A 1 94 ? -16.142 9.608   -0.216  1.00 22.39 ? 314 SER A CA  1 
ATOM   747 C C   . SER A 1 94 ? -16.891 8.908   -1.348  1.00 25.13 ? 314 SER A C   1 
ATOM   748 O O   . SER A 1 94 ? -17.029 7.684   -1.358  1.00 27.49 ? 314 SER A O   1 
ATOM   749 C CB  . SER A 1 94 ? -15.398 10.823  -0.768  1.00 22.82 ? 314 SER A CB  1 
ATOM   750 O OG  . SER A 1 94 ? -14.374 10.439  -1.679  1.00 25.70 ? 314 SER A OG  1 
ATOM   751 O OXT . SER A 1 94 ? -17.385 9.562   -2.279  1.00 21.00 ? 314 SER A OXT 1 
HETATM 752 S S   . SO4 B 2 .  ? -3.637  -9.781  10.449  0.75 11.36 ? 501 SO4 A S   1 
HETATM 753 O O1  . SO4 B 2 .  ? -3.317  -9.592  9.080   0.75 7.26  ? 501 SO4 A O1  1 
HETATM 754 O O2  . SO4 B 2 .  ? -3.275  -8.571  11.173  0.75 15.73 ? 501 SO4 A O2  1 
HETATM 755 O O3  . SO4 B 2 .  ? -5.066  -10.033 10.587  0.75 15.76 ? 501 SO4 A O3  1 
HETATM 756 O O4  . SO4 B 2 .  ? -2.889  -10.902 11.009  0.75 16.29 ? 501 SO4 A O4  1 
HETATM 757 C C1  A GOL C 3 .  ? 7.575   -7.907  -4.035  0.50 6.10  ? 401 GOL A C1  1 
HETATM 758 C C1  B GOL C 3 .  ? 7.517   -7.918  -3.563  0.50 8.15  ? 401 GOL A C1  1 
HETATM 759 O O1  A GOL C 3 .  ? 6.448   -7.940  -3.184  0.50 9.21  ? 401 GOL A O1  1 
HETATM 760 O O1  B GOL C 3 .  ? 8.564   -7.021  -3.255  0.50 13.35 ? 401 GOL A O1  1 
HETATM 761 C C2  A GOL C 3 .  ? 7.182   -7.876  -5.516  0.50 20.28 ? 401 GOL A C2  1 
HETATM 762 C C2  B GOL C 3 .  ? 6.982   -7.717  -4.981  0.50 17.67 ? 401 GOL A C2  1 
HETATM 763 O O2  A GOL C 3 .  ? 7.265   -9.172  -6.062  0.50 26.74 ? 401 GOL A O2  1 
HETATM 764 O O2  B GOL C 3 .  ? 7.919   -6.988  -5.738  0.50 29.01 ? 401 GOL A O2  1 
HETATM 765 C C3  A GOL C 3 .  ? 5.798   -7.273  -5.784  0.50 23.08 ? 401 GOL A C3  1 
HETATM 766 C C3  B GOL C 3 .  ? 5.636   -6.995  -5.000  0.50 20.55 ? 401 GOL A C3  1 
HETATM 767 O O3  A GOL C 3 .  ? 4.805   -8.265  -5.958  0.50 18.24 ? 401 GOL A O3  1 
HETATM 768 O O3  B GOL C 3 .  ? 4.696   -7.691  -5.783  0.50 16.35 ? 401 GOL A O3  1 
HETATM 769 O O   . HOH D 4 .  ? -2.012  -9.893  -5.471  1.00 5.54  ? 1   HOH A O   1 
HETATM 770 O O   . HOH D 4 .  ? -5.062  -8.320  0.709   1.00 5.27  ? 2   HOH A O   1 
HETATM 771 O O   . HOH D 4 .  ? -0.720  7.701   1.546   1.00 5.82  ? 3   HOH A O   1 
HETATM 772 O O   . HOH D 4 .  ? -12.367 -1.302  -5.953  1.00 7.26  ? 4   HOH A O   1 
HETATM 773 O O   . HOH D 4 .  ? -1.660  -13.846 0.895   1.00 6.51  ? 5   HOH A O   1 
HETATM 774 O O   . HOH D 4 .  ? 10.202  1.814   4.759   1.00 8.18  ? 6   HOH A O   1 
HETATM 775 O O   . HOH D 4 .  ? -3.743  -13.879 4.834   1.00 8.82  ? 7   HOH A O   1 
HETATM 776 O O   . HOH D 4 .  ? 2.991   -14.621 -3.458  1.00 10.78 ? 8   HOH A O   1 
HETATM 777 O O   . HOH D 4 .  ? 4.353   16.680  -10.895 1.00 8.55  ? 9   HOH A O   1 
HETATM 778 O O   . HOH D 4 .  ? -8.783  -15.089 -11.103 1.00 10.46 ? 10  HOH A O   1 
HETATM 779 O O   . HOH D 4 .  ? -11.544 -5.957  2.632   1.00 9.92  ? 11  HOH A O   1 
HETATM 780 O O   . HOH D 4 .  ? 0.483   1.703   12.456  1.00 8.06  ? 12  HOH A O   1 
HETATM 781 O O   . HOH D 4 .  ? 0.899   -14.832 0.563   1.00 9.56  ? 13  HOH A O   1 
HETATM 782 O O   . HOH D 4 .  ? 3.296   0.200   -8.203  1.00 11.36 ? 14  HOH A O   1 
HETATM 783 O O   . HOH D 4 .  ? 2.205   10.223  0.091   1.00 10.10 ? 15  HOH A O   1 
HETATM 784 O O   . HOH D 4 .  ? -13.302 -3.821  2.888   1.00 8.83  ? 16  HOH A O   1 
HETATM 785 O O   . HOH D 4 .  ? 10.752  4.831   7.984   1.00 9.79  ? 17  HOH A O   1 
HETATM 786 O O   . HOH D 4 .  ? -0.888  9.112   -9.538  1.00 10.87 ? 18  HOH A O   1 
HETATM 787 O O   . HOH D 4 .  ? 10.203  -0.871  4.401   1.00 10.17 ? 19  HOH A O   1 
HETATM 788 O O   . HOH D 4 .  ? 2.917   2.231   11.210  1.00 10.29 ? 20  HOH A O   1 
HETATM 789 O O   . HOH D 4 .  ? -1.976  11.187  -4.747  1.00 11.41 ? 21  HOH A O   1 
HETATM 790 O O   . HOH D 4 .  ? -7.208  1.470   -10.905 1.00 11.05 ? 22  HOH A O   1 
HETATM 791 O O   . HOH D 4 .  ? 0.945   5.910   10.794  1.00 9.50  ? 23  HOH A O   1 
HETATM 792 O O   . HOH D 4 .  ? -11.004 0.399   -1.851  1.00 9.26  ? 24  HOH A O   1 
HETATM 793 O O   . HOH D 4 .  ? -5.625  -15.301 -12.868 1.00 9.58  ? 25  HOH A O   1 
HETATM 794 O O   . HOH D 4 .  ? 12.088  2.856   3.148   1.00 9.16  ? 26  HOH A O   1 
HETATM 795 O O   . HOH D 4 .  ? 1.266   14.555  -11.706 1.00 8.84  ? 27  HOH A O   1 
HETATM 796 O O   . HOH D 4 .  ? 9.485   5.963   10.141  1.00 10.37 ? 28  HOH A O   1 
HETATM 797 O O   . HOH D 4 .  ? 4.403   10.684  5.294   1.00 9.47  ? 29  HOH A O   1 
HETATM 798 O O   . HOH D 4 .  ? -13.971 -5.703  -3.421  1.00 12.25 ? 30  HOH A O   1 
HETATM 799 O O   . HOH D 4 .  ? -0.109  6.639   8.470   1.00 12.07 ? 31  HOH A O   1 
HETATM 800 O O   . HOH D 4 .  ? 0.938   -14.838 -11.079 1.00 14.58 ? 32  HOH A O   1 
HETATM 801 O O   . HOH D 4 .  ? 9.210   -13.700 8.879   1.00 27.87 ? 33  HOH A O   1 
HETATM 802 O O   A HOH D 4 .  ? 8.803   -6.459  6.343   0.50 6.81  ? 34  HOH A O   1 
HETATM 803 O O   B HOH D 4 .  ? 8.460   -6.432  6.660   0.50 25.13 ? 34  HOH A O   1 
HETATM 804 O O   . HOH D 4 .  ? -7.216  -8.406  -2.677  1.00 13.37 ? 35  HOH A O   1 
HETATM 805 O O   . HOH D 4 .  ? -10.368 5.523   -3.698  1.00 11.97 ? 36  HOH A O   1 
HETATM 806 O O   . HOH D 4 .  ? 6.168   -1.058  15.415  1.00 12.37 ? 37  HOH A O   1 
HETATM 807 O O   . HOH D 4 .  ? 8.069   8.342   5.751   1.00 18.33 ? 38  HOH A O   1 
HETATM 808 O O   . HOH D 4 .  ? 4.794   12.756  -11.967 1.00 15.78 ? 39  HOH A O   1 
HETATM 809 O O   . HOH D 4 .  ? 7.132   2.137   17.131  1.00 14.11 ? 40  HOH A O   1 
HETATM 810 O O   . HOH D 4 .  ? -2.561  -12.369 6.708   1.00 18.38 ? 41  HOH A O   1 
HETATM 811 O O   . HOH D 4 .  ? 7.629   7.497   8.854   1.00 14.69 ? 42  HOH A O   1 
HETATM 812 O O   . HOH D 4 .  ? 5.656   5.824   11.800  1.00 14.07 ? 43  HOH A O   1 
HETATM 813 O O   . HOH D 4 .  ? 9.948   -1.270  7.158   1.00 10.01 ? 44  HOH A O   1 
HETATM 814 O O   . HOH D 4 .  ? 7.330   10.142  -9.043  1.00 13.75 ? 45  HOH A O   1 
HETATM 815 O O   A HOH D 4 .  ? -10.473 -12.791 1.502   0.50 8.04  ? 46  HOH A O   1 
HETATM 816 O O   B HOH D 4 .  ? -10.530 -11.042 2.364   0.50 18.53 ? 46  HOH A O   1 
HETATM 817 O O   . HOH D 4 .  ? 10.877  4.943   1.795   1.00 12.37 ? 47  HOH A O   1 
HETATM 818 O O   . HOH D 4 .  ? 3.427   4.855   10.412  1.00 11.26 ? 48  HOH A O   1 
HETATM 819 O O   . HOH D 4 .  ? 6.367   11.070  -6.794  1.00 12.43 ? 49  HOH A O   1 
HETATM 820 O O   . HOH D 4 .  ? 15.338  -3.112  4.360   1.00 17.65 ? 50  HOH A O   1 
HETATM 821 O O   . HOH D 4 .  ? -3.033  8.880   2.750   1.00 13.89 ? 51  HOH A O   1 
HETATM 822 O O   . HOH D 4 .  ? -2.173  15.244  0.529   1.00 16.63 ? 52  HOH A O   1 
HETATM 823 O O   . HOH D 4 .  ? -6.996  3.877   -6.755  1.00 15.76 ? 53  HOH A O   1 
HETATM 824 O O   . HOH D 4 .  ? -14.127 -1.640  4.513   1.00 11.84 ? 54  HOH A O   1 
HETATM 825 O O   . HOH D 4 .  ? -6.935  11.486  0.889   1.00 16.13 ? 55  HOH A O   1 
HETATM 826 O O   . HOH D 4 .  ? -0.859  12.748  -11.691 1.00 16.22 ? 56  HOH A O   1 
HETATM 827 O O   . HOH D 4 .  ? -10.966 2.745   11.513  1.00 18.12 ? 57  HOH A O   1 
HETATM 828 O O   . HOH D 4 .  ? -7.483  3.760   -9.584  1.00 16.56 ? 58  HOH A O   1 
HETATM 829 O O   . HOH D 4 .  ? -3.896  10.517  4.755   1.00 15.70 ? 59  HOH A O   1 
HETATM 830 O O   . HOH D 4 .  ? 0.266   -2.781  -12.685 1.00 20.34 ? 60  HOH A O   1 
HETATM 831 O O   . HOH D 4 .  ? 7.947   13.756  2.262   1.00 19.02 ? 61  HOH A O   1 
HETATM 832 O O   . HOH D 4 .  ? -10.572 -7.631  -2.606  1.00 19.05 ? 62  HOH A O   1 
HETATM 833 O O   . HOH D 4 .  ? -5.414  10.272  -11.170 1.00 16.79 ? 63  HOH A O   1 
HETATM 834 O O   . HOH D 4 .  ? 1.575   -19.226 2.554   1.00 16.38 ? 64  HOH A O   1 
HETATM 835 O O   . HOH D 4 .  ? 1.525   -12.586 -9.660  1.00 20.70 ? 65  HOH A O   1 
HETATM 836 O O   . HOH D 4 .  ? 3.273   -14.445 -12.265 1.00 13.75 ? 66  HOH A O   1 
HETATM 837 O O   . HOH D 4 .  ? -10.352 5.818   12.540  1.00 23.76 ? 67  HOH A O   1 
HETATM 838 O O   . HOH D 4 .  ? 3.119   -18.199 0.429   1.00 17.02 ? 68  HOH A O   1 
HETATM 839 O O   . HOH D 4 .  ? -11.515 -6.233  -4.615  1.00 13.90 ? 69  HOH A O   1 
HETATM 840 O O   . HOH D 4 .  ? -3.389  8.374   -10.405 1.00 16.48 ? 70  HOH A O   1 
HETATM 841 O O   A HOH D 4 .  ? 3.817   -8.283  9.550   0.50 12.67 ? 71  HOH A O   1 
HETATM 842 O O   B HOH D 4 .  ? 3.938   -7.457  10.872  0.50 18.66 ? 71  HOH A O   1 
HETATM 843 O O   . HOH D 4 .  ? 3.376   11.802  7.813   1.00 23.79 ? 72  HOH A O   1 
HETATM 844 O O   . HOH D 4 .  ? 0.161   -16.217 -3.925  1.00 20.45 ? 73  HOH A O   1 
HETATM 845 O O   . HOH D 4 .  ? 2.200   -10.592 -7.923  1.00 17.24 ? 74  HOH A O   1 
HETATM 846 O O   . HOH D 4 .  ? 10.012  7.141   3.697   1.00 22.25 ? 75  HOH A O   1 
HETATM 847 O O   . HOH D 4 .  ? 10.234  -6.424  8.707   1.00 20.75 ? 76  HOH A O   1 
HETATM 848 O O   . HOH D 4 .  ? 4.062   2.494   13.821  1.00 21.89 ? 77  HOH A O   1 
HETATM 849 O O   A HOH D 4 .  ? -2.104  12.554  2.163   0.50 12.23 ? 78  HOH A O   1 
HETATM 850 O O   B HOH D 4 .  ? -2.573  12.941  3.608   0.50 20.76 ? 78  HOH A O   1 
HETATM 851 O O   . HOH D 4 .  ? 9.134   -13.319 -2.796  1.00 19.96 ? 79  HOH A O   1 
HETATM 852 O O   . HOH D 4 .  ? -9.910  9.591   -1.538  1.00 22.42 ? 80  HOH A O   1 
HETATM 853 O O   . HOH D 4 .  ? 1.601   -16.231 -1.623  1.00 18.48 ? 81  HOH A O   1 
HETATM 854 O O   . HOH D 4 .  ? 12.817  -4.047  6.599   1.00 18.43 ? 82  HOH A O   1 
HETATM 855 O O   . HOH D 4 .  ? -15.500 2.555   2.062   1.00 19.24 ? 83  HOH A O   1 
HETATM 856 O O   . HOH D 4 .  ? 7.456   7.387   -9.484  1.00 17.63 ? 84  HOH A O   1 
HETATM 857 O O   . HOH D 4 .  ? -8.635  -9.280  -4.692  1.00 20.60 ? 85  HOH A O   1 
HETATM 858 O O   . HOH D 4 .  ? 3.268   8.344   11.906  1.00 19.94 ? 86  HOH A O   1 
HETATM 859 O O   . HOH D 4 .  ? 3.644   -8.350  -8.955  1.00 21.33 ? 87  HOH A O   1 
HETATM 860 O O   . HOH D 4 .  ? 2.256   6.479   -10.804 1.00 22.43 ? 88  HOH A O   1 
HETATM 861 O O   . HOH D 4 .  ? -16.789 2.788   -0.552  1.00 21.23 ? 89  HOH A O   1 
HETATM 862 O O   . HOH D 4 .  ? -6.128  11.474  3.638   1.00 21.82 ? 90  HOH A O   1 
HETATM 863 O O   . HOH D 4 .  ? -9.893  18.239  -11.445 1.00 21.91 ? 91  HOH A O   1 
HETATM 864 O O   A HOH D 4 .  ? 9.774   13.438  0.366   0.50 18.78 ? 92  HOH A O   1 
HETATM 865 O O   B HOH D 4 .  ? 9.064   12.920  -0.057  0.50 25.53 ? 92  HOH A O   1 
HETATM 866 O O   . HOH D 4 .  ? -7.388  -17.197 0.205   1.00 20.76 ? 93  HOH A O   1 
HETATM 867 O O   . HOH D 4 .  ? 13.165  -6.564  7.596   1.00 23.71 ? 94  HOH A O   1 
HETATM 868 O O   . HOH D 4 .  ? 11.783  6.463   6.184   1.00 18.13 ? 95  HOH A O   1 
HETATM 869 O O   . HOH D 4 .  ? -6.229  -9.962  -8.523  1.00 25.16 ? 96  HOH A O   1 
HETATM 870 O O   . HOH D 4 .  ? 8.391   5.569   -8.321  1.00 22.60 ? 97  HOH A O   1 
HETATM 871 O O   A HOH D 4 .  ? 9.398   15.495  -1.723  0.50 19.75 ? 98  HOH A O   1 
HETATM 872 O O   B HOH D 4 .  ? 10.435  15.526  -2.824  0.50 16.36 ? 98  HOH A O   1 
HETATM 873 O O   . HOH D 4 .  ? -12.306 -0.519  9.567   1.00 19.75 ? 99  HOH A O   1 
HETATM 874 O O   A HOH D 4 .  ? -11.345 7.900   -3.157  0.50 15.95 ? 101 HOH A O   1 
HETATM 875 O O   B HOH D 4 .  ? -11.435 7.444   -1.478  0.50 20.82 ? 101 HOH A O   1 
HETATM 876 O O   . HOH D 4 .  ? 0.689   -18.764 -1.537  1.00 25.07 ? 103 HOH A O   1 
HETATM 877 O O   . HOH D 4 .  ? -7.835  16.602  -3.034  1.00 21.29 ? 104 HOH A O   1 
HETATM 878 O O   . HOH D 4 .  ? 5.734   -11.980 -9.241  1.00 27.91 ? 105 HOH A O   1 
HETATM 879 O O   . HOH D 4 .  ? -9.480  6.244   -6.448  1.00 18.35 ? 106 HOH A O   1 
HETATM 880 O O   . HOH D 4 .  ? -5.424  -6.891  11.212  1.00 27.05 ? 107 HOH A O   1 
HETATM 881 O O   . HOH D 4 .  ? 12.198  -12.890 6.310   1.00 19.39 ? 108 HOH A O   1 
HETATM 882 O O   . HOH D 4 .  ? -9.275  -11.828 -3.867  1.00 20.90 ? 109 HOH A O   1 
HETATM 883 O O   . HOH D 4 .  ? -0.079  14.151  1.778   1.00 27.23 ? 110 HOH A O   1 
HETATM 884 O O   . HOH D 4 .  ? -9.491  11.915  8.306   1.00 20.52 ? 111 HOH A O   1 
HETATM 885 O O   . HOH D 4 .  ? 1.958   -10.438 11.562  1.00 28.69 ? 112 HOH A O   1 
HETATM 886 O O   . HOH D 4 .  ? 4.202   17.766  1.048   1.00 32.60 ? 113 HOH A O   1 
HETATM 887 O O   . HOH D 4 .  ? 8.692   -8.226  9.801   1.00 34.52 ? 114 HOH A O   1 
HETATM 888 O O   . HOH D 4 .  ? -10.526 8.549   -7.550  1.00 29.32 ? 115 HOH A O   1 
HETATM 889 O O   A HOH D 4 .  ? 11.691  15.491  -3.279  0.50 19.47 ? 116 HOH A O   1 
HETATM 890 O O   . HOH D 4 .  ? 10.113  9.660   2.404   1.00 29.58 ? 117 HOH A O   1 
HETATM 891 O O   . HOH D 4 .  ? 4.831   10.885  9.912   1.00 24.86 ? 118 HOH A O   1 
HETATM 892 O O   . HOH D 4 .  ? 5.892   -4.381  -3.608  1.00 29.48 ? 119 HOH A O   1 
HETATM 893 O O   . HOH D 4 .  ? 1.552   18.014  1.458   1.00 32.21 ? 120 HOH A O   1 
HETATM 894 O O   . HOH D 4 .  ? 8.301   -11.825 10.000  1.00 31.97 ? 121 HOH A O   1 
HETATM 895 O O   . HOH D 4 .  ? 5.152   -0.795  -6.265  1.00 29.14 ? 122 HOH A O   1 
HETATM 896 O O   . HOH D 4 .  ? -3.294  17.114  -9.419  1.00 8.55  ? 123 HOH A O   1 
HETATM 897 O O   . HOH D 4 .  ? -4.509  14.662  -9.689  1.00 10.37 ? 124 HOH A O   1 
HETATM 898 O O   . HOH D 4 .  ? -9.267  5.017   0.210   1.00 8.71  ? 125 HOH A O   1 
HETATM 899 O O   . HOH D 4 .  ? 2.459   17.129  -4.845  1.00 13.59 ? 126 HOH A O   1 
HETATM 900 O O   . HOH D 4 .  ? -6.275  14.518  -11.644 1.00 15.54 ? 127 HOH A O   1 
HETATM 901 O O   A HOH D 4 .  ? 6.151   -6.634  9.252   0.50 8.40  ? 128 HOH A O   1 
HETATM 902 O O   . HOH D 4 .  ? -11.751 6.188   5.169   1.00 19.90 ? 129 HOH A O   1 
HETATM 903 O O   . HOH D 4 .  ? -6.477  16.390  -0.429  1.00 23.74 ? 130 HOH A O   1 
HETATM 904 O O   A HOH D 4 .  ? 3.468   -5.783  -6.540  0.50 14.62 ? 131 HOH A O   1 
HETATM 905 O O   B HOH D 4 .  ? 3.735   -5.214  -7.924  0.50 28.11 ? 131 HOH A O   1 
HETATM 906 O O   A HOH D 4 .  ? 3.341   -4.047  -3.784  0.50 14.39 ? 132 HOH A O   1 
HETATM 907 O O   B HOH D 4 .  ? 3.652   -5.301  -5.166  0.50 18.12 ? 132 HOH A O   1 
HETATM 908 O O   . HOH D 4 .  ? 9.318   -10.179 8.105   1.00 27.14 ? 133 HOH A O   1 
HETATM 909 O O   . HOH D 4 .  ? 14.845  -2.929  -1.148  1.00 26.23 ? 135 HOH A O   1 
HETATM 910 O O   . HOH D 4 .  ? -7.743  -11.769 -14.351 1.00 27.11 ? 136 HOH A O   1 
HETATM 911 O O   . HOH D 4 .  ? -10.970 14.903  -8.429  1.00 35.12 ? 137 HOH A O   1 
HETATM 912 O O   . HOH D 4 .  ? -15.580 5.643   10.836  1.00 26.18 ? 138 HOH A O   1 
HETATM 913 O O   . HOH D 4 .  ? 11.210  -9.686  -2.268  1.00 31.64 ? 139 HOH A O   1 
HETATM 914 O O   . HOH D 4 .  ? -8.537  9.851   -9.157  1.00 25.89 ? 140 HOH A O   1 
HETATM 915 O O   . HOH D 4 .  ? 5.109   8.013   -11.986 1.00 44.00 ? 141 HOH A O   1 
HETATM 916 O O   A HOH D 4 .  ? 2.738   -3.998  -9.263  0.50 16.69 ? 142 HOH A O   1 
HETATM 917 O O   B HOH D 4 .  ? 3.109   -2.526  -9.872  0.50 20.08 ? 142 HOH A O   1 
HETATM 918 O O   . HOH D 4 .  ? -13.892 7.974   -2.103  1.00 29.80 ? 143 HOH A O   1 
HETATM 919 O O   . HOH D 4 .  ? 12.037  -10.992 8.766   1.00 30.25 ? 144 HOH A O   1 
HETATM 920 O O   . HOH D 4 .  ? 6.445   8.487   11.418  1.00 29.13 ? 146 HOH A O   1 
HETATM 921 O O   . HOH D 4 .  ? -3.509  19.831  -0.323  1.00 25.87 ? 148 HOH A O   1 
HETATM 922 O O   . HOH D 4 .  ? -0.173  9.873   -12.035 1.00 27.11 ? 149 HOH A O   1 
HETATM 923 O O   . HOH D 4 .  ? 9.672   11.971  3.730   1.00 36.04 ? 150 HOH A O   1 
HETATM 924 O O   . HOH D 4 .  ? -14.854 5.510   5.187   1.00 35.15 ? 152 HOH A O   1 
HETATM 925 O O   . HOH D 4 .  ? 14.718  -6.776  2.746   1.00 34.27 ? 153 HOH A O   1 
HETATM 926 O O   . HOH D 4 .  ? 7.303   10.010  9.472   1.00 36.16 ? 154 HOH A O   1 
HETATM 927 O O   . HOH D 4 .  ? -3.743  3.892   -12.617 1.00 36.23 ? 155 HOH A O   1 
HETATM 928 O O   . HOH D 4 .  ? 8.494   17.781  -1.498  1.00 27.53 ? 156 HOH A O   1 
HETATM 929 O O   . HOH D 4 .  ? 7.362   -16.012 -10.721 1.00 39.37 ? 157 HOH A O   1 
HETATM 930 O O   . HOH D 4 .  ? -12.245 13.174  -6.673  1.00 38.87 ? 158 HOH A O   1 
HETATM 931 O O   . HOH D 4 .  ? 6.128   -15.639 -14.183 1.00 35.32 ? 159 HOH A O   1 
HETATM 932 O O   . HOH D 4 .  ? 6.854   11.849  5.740   1.00 33.01 ? 160 HOH A O   1 
HETATM 933 O O   . HOH D 4 .  ? -10.416 15.751  -10.824 1.00 46.90 ? 161 HOH A O   1 
HETATM 934 O O   . HOH D 4 .  ? -12.078 9.222   -5.420  1.00 29.71 ? 163 HOH A O   1 
HETATM 935 O O   . HOH D 4 .  ? -13.565 4.096   14.378  1.00 45.78 ? 164 HOH A O   1 
HETATM 936 O O   . HOH D 4 .  ? 6.301   -18.152 -13.159 1.00 34.67 ? 165 HOH A O   1 
HETATM 937 O O   . HOH D 4 .  ? -9.952  -4.570  -6.062  1.00 13.26 ? 166 HOH A O   1 
HETATM 938 O O   A HOH D 4 .  ? -6.055  -5.020  12.897  0.50 10.79 ? 167 HOH A O   1 
HETATM 939 O O   B HOH D 4 .  ? -4.834  -4.972  13.758  0.50 15.17 ? 167 HOH A O   1 
HETATM 940 O O   . HOH D 4 .  ? -3.303  -15.004 -5.380  1.00 16.16 ? 168 HOH A O   1 
HETATM 941 O O   A HOH D 4 .  ? 7.030   -17.550 -8.488  0.50 11.84 ? 169 HOH A O   1 
HETATM 942 O O   B HOH D 4 .  ? 7.887   -18.382 -8.090  0.50 15.98 ? 169 HOH A O   1 
HETATM 943 O O   . HOH D 4 .  ? 15.398  3.487   -0.043  1.00 25.89 ? 170 HOH A O   1 
HETATM 944 O O   . HOH D 4 .  ? -5.781  5.113   -11.321 1.00 37.66 ? 172 HOH A O   1 
HETATM 945 O O   . HOH D 4 .  ? -0.669  -10.845 12.344  1.00 25.93 ? 175 HOH A O   1 
HETATM 946 O O   . HOH D 4 .  ? -7.352  18.534  -2.413  1.00 26.78 ? 176 HOH A O   1 
HETATM 947 O O   A HOH D 4 .  ? 7.647   -5.747  -2.237  0.50 18.61 ? 177 HOH A O   1 
HETATM 948 O O   . HOH D 4 .  ? -8.837  13.699  -11.351 1.00 40.15 ? 179 HOH A O   1 
HETATM 949 O O   . HOH D 4 .  ? -12.605 12.132  9.056   1.00 46.95 ? 181 HOH A O   1 
HETATM 950 O O   . HOH D 4 .  ? -11.007 8.966   4.939   1.00 26.26 ? 182 HOH A O   1 
HETATM 951 O O   . HOH D 4 .  ? -12.194 10.198  1.904   1.00 44.55 ? 183 HOH A O   1 
HETATM 952 O O   . HOH D 4 .  ? -13.500 -1.688  7.392   1.00 20.02 ? 185 HOH A O   1 
HETATM 953 O O   . HOH D 4 .  ? 10.720  -2.890  6.370   1.00 26.15 ? 191 HOH A O   1 
# 
loop_
_atom_site_anisotrop.id 
_atom_site_anisotrop.type_symbol 
_atom_site_anisotrop.pdbx_label_atom_id 
_atom_site_anisotrop.pdbx_label_alt_id 
_atom_site_anisotrop.pdbx_label_comp_id 
_atom_site_anisotrop.pdbx_label_asym_id 
_atom_site_anisotrop.pdbx_label_seq_id 
_atom_site_anisotrop.pdbx_PDB_ins_code 
_atom_site_anisotrop.U[1][1] 
_atom_site_anisotrop.U[2][2] 
_atom_site_anisotrop.U[3][3] 
_atom_site_anisotrop.U[1][2] 
_atom_site_anisotrop.U[1][3] 
_atom_site_anisotrop.U[2][3] 
_atom_site_anisotrop.pdbx_auth_seq_id 
_atom_site_anisotrop.pdbx_auth_comp_id 
_atom_site_anisotrop.pdbx_auth_asym_id 
_atom_site_anisotrop.pdbx_auth_atom_id 
1   N N   . SER A 1  ? 0.3466 0.2868 0.3408 0.0286  -0.0025 0.0071  221 SER A N   
2   C CA  . SER A 1  ? 0.3120 0.2741 0.2943 0.0194  0.0315  -0.0377 221 SER A CA  
3   C C   . SER A 1  ? 0.2680 0.2803 0.2731 0.0200  -0.0010 -0.0116 221 SER A C   
4   O O   . SER A 1  ? 0.2682 0.3149 0.2551 0.0088  -0.0291 -0.0643 221 SER A O   
5   C CB  . SER A 1  ? 0.3132 0.2947 0.2896 0.0172  0.0255  -0.0295 221 SER A CB  
6   O OG  . SER A 1  ? 0.3832 0.4113 0.3170 0.0216  -0.0243 -0.0546 221 SER A OG  
7   N N   . MET A 2  ? 0.2772 0.2256 0.2619 -0.0157 0.0026  -0.0465 222 MET A N   
8   C CA  A MET A 2  ? 0.1640 0.1605 0.2202 -0.0120 0.0096  0.0003  222 MET A CA  
9   C CA  B MET A 2  ? 0.1991 0.1628 0.2099 -0.0121 -0.0001 -0.0016 222 MET A CA  
10  C C   . MET A 2  ? 0.1118 0.1202 0.1760 -0.0037 0.0169  -0.0074 222 MET A C   
11  O O   . MET A 2  ? 0.1732 0.1555 0.1892 -0.0020 0.0008  -0.0501 222 MET A O   
12  C CB  A MET A 2  ? 0.1887 0.2290 0.2330 -0.0521 -0.0280 0.0131  222 MET A CB  
13  C CB  B MET A 2  ? 0.2035 0.2130 0.1960 -0.0219 -0.0080 0.0043  222 MET A CB  
14  C CG  A MET A 2  ? 0.2551 0.2603 0.2620 -0.0048 -0.0119 -0.0148 222 MET A CG  
15  C CG  B MET A 2  ? 0.2286 0.2184 0.2150 -0.0196 -0.0047 0.0068  222 MET A CG  
16  S SD  A MET A 2  ? 0.1648 0.1677 0.2122 0.0423  0.0187  -0.0102 222 MET A SD  
17  S SD  B MET A 2  ? 0.2338 0.1791 0.2096 -0.0337 -0.0255 -0.0539 222 MET A SD  
18  C CE  A MET A 2  ? 0.2937 0.2612 0.2660 0.0531  0.0641  0.0101  222 MET A CE  
19  C CE  B MET A 2  ? 0.0649 0.0279 0.1240 -0.0022 -0.0072 -0.0001 222 MET A CE  
20  N N   . THR A 3  ? 0.0842 0.1207 0.1384 0.0061  0.0018  0.0125  223 THR A N   
21  C CA  . THR A 3  ? 0.0730 0.1275 0.1064 -0.0067 0.0195  -0.0031 223 THR A CA  
22  C C   . THR A 3  ? 0.0534 0.1179 0.0857 0.0001  0.0144  0.0104  223 THR A C   
23  O O   . THR A 3  ? 0.0665 0.1817 0.0810 -0.0047 0.0068  0.0132  223 THR A O   
24  C CB  . THR A 3  ? 0.0671 0.1432 0.1372 -0.0054 0.0176  -0.0007 223 THR A CB  
25  O OG1 . THR A 3  ? 0.0561 0.2231 0.2039 0.0200  0.0242  0.0112  223 THR A OG1 
26  C CG2 . THR A 3  ? 0.1019 0.1421 0.1782 -0.0196 0.0026  -0.0134 223 THR A CG2 
27  N N   . ILE A 4  ? 0.0689 0.1087 0.0770 0.0065  0.0211  -0.0043 224 ILE A N   
28  C CA  . ILE A 4  ? 0.0633 0.1178 0.0909 0.0098  0.0284  0.0193  224 ILE A CA  
29  C C   . ILE A 4  ? 0.1022 0.1304 0.0992 0.0205  0.0532  0.0205  224 ILE A C   
30  O O   . ILE A 4  ? 0.1706 0.1492 0.1717 0.0493  0.1106  0.0638  224 ILE A O   
31  C CB  . ILE A 4  ? 0.0727 0.1440 0.0944 0.0173  0.0204  0.0214  224 ILE A CB  
32  C CG1 . ILE A 4  ? 0.0780 0.1460 0.1177 0.0064  -0.0068 0.0054  224 ILE A CG1 
33  C CG2 . ILE A 4  ? 0.0812 0.1846 0.1232 0.0531  0.0093  -0.0128 224 ILE A CG2 
34  C CD1 . ILE A 4  ? 0.1156 0.1556 0.1547 -0.0099 -0.0294 -0.0269 224 ILE A CD1 
35  N N   . MET A 5  ? 0.0664 0.0940 0.0931 0.0099  0.0218  0.0237  225 MET A N   
36  C CA  . MET A 5  ? 0.0507 0.1026 0.1065 -0.0107 0.0131  0.0071  225 MET A CA  
37  C C   . MET A 5  ? 0.0545 0.0756 0.0633 -0.0143 0.0223  -0.0022 225 MET A C   
38  O O   . MET A 5  ? 0.0547 0.0976 0.0898 0.0005  0.0076  0.0216  225 MET A O   
39  C CB  . MET A 5  ? 0.0521 0.1451 0.1300 -0.0267 -0.0096 0.0024  225 MET A CB  
40  C CG  . MET A 5  ? 0.0884 0.1914 0.2008 0.0137  -0.0099 0.0054  225 MET A CG  
41  S SD  A MET A 5  ? 0.0434 0.1101 0.1651 -0.0359 -0.0286 0.0550  225 MET A SD  
42  S SD  B MET A 5  ? 0.2262 0.3123 0.2280 0.0339  -0.0409 -0.0366 225 MET A SD  
43  C CE  A MET A 5  ? 0.0437 0.0686 0.1081 -0.0063 -0.0006 -0.0115 225 MET A CE  
44  C CE  B MET A 5  ? 0.0876 0.0402 0.1568 0.0029  -0.0676 -0.0324 225 MET A CE  
45  N N   . GLU A 6  ? 0.0525 0.0626 0.0643 -0.0111 0.0289  0.0046  226 GLU A N   
46  C CA  A GLU A 6  ? 0.0535 0.0538 0.0770 -0.0096 0.0127  0.0088  226 GLU A CA  
47  C CA  B GLU A 6  ? 0.0522 0.0683 0.0751 -0.0085 0.0085  0.0036  226 GLU A CA  
48  C C   . GLU A 6  ? 0.0464 0.0773 0.0896 -0.0098 0.0006  -0.0007 226 GLU A C   
49  O O   . GLU A 6  ? 0.0597 0.0843 0.1022 -0.0151 0.0274  0.0055  226 GLU A O   
50  C CB  A GLU A 6  ? 0.0841 0.1043 0.0926 -0.0067 0.0001  0.0051  226 GLU A CB  
51  C CB  B GLU A 6  ? 0.0747 0.0882 0.0858 0.0079  -0.0070 -0.0108 226 GLU A CB  
52  C CG  A GLU A 6  ? 0.0753 0.1319 0.0957 -0.0268 0.0085  -0.0084 226 GLU A CG  
53  C CG  B GLU A 6  ? 0.0714 0.0966 0.0429 -0.0233 0.0143  -0.0191 226 GLU A CG  
54  C CD  A GLU A 6  ? 0.0941 0.1264 0.0849 -0.0302 0.0357  0.0102  226 GLU A CD  
55  C CD  B GLU A 6  ? 0.0988 0.1245 0.1210 -0.0144 -0.0095 -0.0188 226 GLU A CD  
56  O OE1 A GLU A 6  ? 0.1923 0.2241 0.1032 -0.0900 -0.0329 0.0366  226 GLU A OE1 
57  O OE1 B GLU A 6  ? 0.1796 0.1161 0.2288 -0.0115 0.0458  -0.0055 226 GLU A OE1 
58  O OE2 A GLU A 6  ? 0.0394 0.0805 0.0946 0.0029  -0.0115 -0.0206 226 GLU A OE2 
59  O OE2 B GLU A 6  ? 0.1377 0.1018 0.1051 0.0247  0.0141  -0.0104 226 GLU A OE2 
60  N N   . VAL A 7  ? 0.0494 0.0699 0.0810 -0.0136 0.0147  -0.0209 227 VAL A N   
61  C CA  . VAL A 7  ? 0.0779 0.0877 0.1196 -0.0226 0.0269  -0.0108 227 VAL A CA  
62  C C   . VAL A 7  ? 0.0395 0.0653 0.1323 -0.0234 0.0218  -0.0297 227 VAL A C   
63  O O   . VAL A 7  ? 0.0554 0.0946 0.2615 -0.0132 0.0233  0.0062  227 VAL A O   
64  C CB  . VAL A 7  ? 0.0761 0.1422 0.1165 -0.0285 0.0040  -0.0462 227 VAL A CB  
65  C CG1 . VAL A 7  ? 0.1110 0.1298 0.1308 -0.0379 0.0088  -0.0423 227 VAL A CG1 
66  C CG2 . VAL A 7  ? 0.0832 0.1880 0.1332 -0.0188 0.0162  -0.0174 227 VAL A CG2 
67  N N   . ASN A 8  ? 0.0418 0.0971 0.0975 -0.0157 0.0208  -0.0108 228 ASN A N   
68  C CA  . ASN A 8  ? 0.0817 0.0792 0.0865 -0.0181 0.0261  -0.0021 228 ASN A CA  
69  C C   . ASN A 8  ? 0.0717 0.0667 0.1106 -0.0177 0.0019  -0.0203 228 ASN A C   
70  O O   . ASN A 8  ? 0.1315 0.1059 0.1528 -0.0450 0.0517  -0.0674 228 ASN A O   
71  C CB  . ASN A 8  ? 0.0893 0.0852 0.1132 -0.0105 0.0132  -0.0146 228 ASN A CB  
72  C CG  . ASN A 8  ? 0.1094 0.1072 0.0973 -0.0479 -0.0082 -0.0135 228 ASN A CG  
73  O OD1 . ASN A 8  ? 0.1679 0.1749 0.1265 -0.0519 -0.0116 -0.0393 228 ASN A OD1 
74  N ND2 . ASN A 8  ? 0.1662 0.1513 0.1326 -0.0417 0.0459  -0.0211 228 ASN A ND2 
75  N N   . LEU A 9  ? 0.0536 0.0625 0.1004 -0.0121 -0.0059 -0.0252 229 LEU A N   
76  C CA  . LEU A 9  ? 0.0749 0.0624 0.0821 -0.0071 0.0004  -0.0206 229 LEU A CA  
77  C C   . LEU A 9  ? 0.0736 0.0581 0.0894 -0.0114 -0.0086 -0.0181 229 LEU A C   
78  O O   . LEU A 9  ? 0.0780 0.0685 0.0953 0.0035  -0.0140 -0.0277 229 LEU A O   
79  C CB  . LEU A 9  ? 0.0589 0.0877 0.0831 0.0128  -0.0149 -0.0273 229 LEU A CB  
80  C CG  . LEU A 9  ? 0.0818 0.0905 0.1123 -0.0045 -0.0159 -0.0256 229 LEU A CG  
81  C CD1 . LEU A 9  ? 0.1376 0.0882 0.1149 0.0108  -0.0382 -0.0166 229 LEU A CD1 
82  C CD2 . LEU A 9  ? 0.0784 0.1043 0.2006 -0.0206 -0.0285 -0.0131 229 LEU A CD2 
83  N N   . LEU A 10 ? 0.0656 0.0731 0.0718 -0.0050 -0.0089 -0.0096 230 LEU A N   
84  C CA  . LEU A 10 ? 0.1001 0.0680 0.0730 0.0145  -0.0121 -0.0064 230 LEU A CA  
85  C C   . LEU A 10 ? 0.0888 0.0752 0.0894 0.0286  -0.0007 -0.0156 230 LEU A C   
86  O O   . LEU A 10 ? 0.0943 0.0956 0.0835 0.0144  -0.0266 -0.0207 230 LEU A O   
87  C CB  . LEU A 10 ? 0.1439 0.0939 0.0881 0.0069  -0.0228 -0.0118 230 LEU A CB  
88  C CG  . LEU A 10 ? 0.1844 0.1123 0.1421 0.0136  -0.0093 0.0117  230 LEU A CG  
89  C CD1 . LEU A 10 ? 0.1544 0.1485 0.1909 -0.0132 -0.0039 -0.0015 230 LEU A CD1 
90  C CD2 . LEU A 10 ? 0.2351 0.1136 0.2511 0.0144  -0.0367 0.0179  230 LEU A CD2 
91  N N   . LYS A 11 ? 0.0882 0.0801 0.0961 0.0219  -0.0098 -0.0210 231 LYS A N   
92  C CA  . LYS A 11 ? 0.1061 0.1028 0.1060 0.0297  0.0324  0.0047  231 LYS A CA  
93  C C   . LYS A 11 ? 0.1074 0.1278 0.0768 -0.0011 -0.0050 -0.0061 231 LYS A C   
94  O O   . LYS A 11 ? 0.1454 0.1553 0.1010 0.0260  -0.0272 0.0047  231 LYS A O   
95  C CB  . LYS A 11 ? 0.1178 0.1438 0.1352 0.0267  -0.0113 0.0016  231 LYS A CB  
96  C CG  . LYS A 11 ? 0.1428 0.2023 0.2024 -0.0296 -0.0201 -0.0355 231 LYS A CG  
97  C CD  . LYS A 11 ? 0.2074 0.2574 0.2248 -0.0259 0.0179  -0.0142 231 LYS A CD  
98  C CE  . LYS A 11 ? 0.1445 0.2363 0.2744 -0.0500 0.0195  0.0039  231 LYS A CE  
99  N NZ  . LYS A 11 ? 0.2255 0.2723 0.3150 -0.0739 0.0524  -0.0237 231 LYS A NZ  
100 N N   . GLY A 12 ? 0.0968 0.1121 0.0842 0.0032  -0.0057 -0.0310 232 GLY A N   
101 C CA  . GLY A 12 ? 0.0823 0.1077 0.0819 0.0220  -0.0106 -0.0016 232 GLY A CA  
102 C C   . GLY A 12 ? 0.0643 0.0806 0.0827 0.0172  -0.0083 -0.0137 232 GLY A C   
103 O O   . GLY A 12 ? 0.0784 0.0976 0.0924 0.0053  -0.0029 -0.0285 232 GLY A O   
104 N N   . PRO A 13 ? 0.0840 0.0796 0.0966 0.0118  -0.0106 -0.0050 233 PRO A N   
105 C CA  . PRO A 13 ? 0.0857 0.0822 0.0825 0.0215  -0.0187 -0.0276 233 PRO A CA  
106 C C   . PRO A 13 ? 0.0774 0.1059 0.0866 0.0110  -0.0051 -0.0250 233 PRO A C   
107 O O   . PRO A 13 ? 0.0956 0.2139 0.1094 0.0395  0.0220  -0.0116 233 PRO A O   
108 C CB  . PRO A 13 ? 0.1206 0.0972 0.1538 0.0307  -0.0432 -0.0365 233 PRO A CB  
109 C CG  . PRO A 13 ? 0.1341 0.1218 0.1922 0.0044  -0.0244 -0.0364 233 PRO A CG  
110 C CD  . PRO A 13 ? 0.0899 0.0864 0.1068 0.0027  -0.0367 0.0077  233 PRO A CD  
111 N N   . LYS A 14 ? 0.0598 0.0815 0.0736 0.0121  -0.0118 -0.0311 234 LYS A N   
112 C CA  . LYS A 14 ? 0.0772 0.0957 0.0762 0.0085  -0.0033 -0.0097 234 LYS A CA  
113 C C   . LYS A 14 ? 0.0850 0.0769 0.0857 0.0013  0.0011  -0.0150 234 LYS A C   
114 O O   . LYS A 14 ? 0.1976 0.0913 0.0973 0.0146  -0.0363 0.0062  234 LYS A O   
115 C CB  . LYS A 14 ? 0.0864 0.0984 0.1038 0.0239  -0.0241 -0.0282 234 LYS A CB  
116 C CG  . LYS A 14 ? 0.1019 0.1008 0.0924 -0.0024 -0.0172 -0.0210 234 LYS A CG  
117 C CD  . LYS A 14 ? 0.1097 0.1168 0.1122 0.0154  -0.0118 -0.0170 234 LYS A CD  
118 C CE  . LYS A 14 ? 0.1235 0.1486 0.1422 0.0142  -0.0110 -0.0426 234 LYS A CE  
119 N NZ  . LYS A 14 ? 0.2116 0.2233 0.1271 -0.0005 0.0232  -0.0245 234 LYS A NZ  
120 N N   . GLY A 15 ? 0.0678 0.0712 0.0760 0.0126  -0.0039 -0.0034 235 GLY A N   
121 C CA  . GLY A 15 ? 0.0687 0.0748 0.0925 0.0002  0.0071  0.0001  235 GLY A CA  
122 C C   . GLY A 15 ? 0.0631 0.0741 0.0718 -0.0134 0.0088  -0.0033 235 GLY A C   
123 O O   . GLY A 15 ? 0.0653 0.0839 0.1273 -0.0081 0.0104  -0.0270 235 GLY A O   
124 N N   . LEU A 16 ? 0.0443 0.0676 0.0853 -0.0073 -0.0096 -0.0087 236 LEU A N   
125 C CA  . LEU A 16 ? 0.0616 0.0698 0.0817 -0.0008 0.0053  0.0008  236 LEU A CA  
126 C C   . LEU A 16 ? 0.0673 0.0500 0.1032 0.0101  -0.0051 -0.0038 236 LEU A C   
127 O O   . LEU A 16 ? 0.0572 0.0810 0.1417 0.0042  0.0114  -0.0081 236 LEU A O   
128 C CB  . LEU A 16 ? 0.0879 0.0841 0.0740 -0.0047 0.0069  -0.0070 236 LEU A CB  
129 C CG  . LEU A 16 ? 0.1116 0.1040 0.0844 0.0122  -0.0063 -0.0279 236 LEU A CG  
130 C CD1 . LEU A 16 ? 0.1372 0.1263 0.1477 -0.0084 -0.0408 -0.0511 236 LEU A CD1 
131 C CD2 . LEU A 16 ? 0.1292 0.1583 0.0845 0.0112  0.0112  0.0122  236 LEU A CD2 
132 N N   . GLY A 17 ? 0.0613 0.0682 0.0852 0.0001  -0.0137 -0.0201 237 GLY A N   
133 C CA  . GLY A 17 ? 0.1070 0.0585 0.1176 0.0062  -0.0243 -0.0268 237 GLY A CA  
134 C C   . GLY A 17 ? 0.0879 0.0551 0.0727 0.0000  -0.0154 -0.0095 237 GLY A C   
135 O O   . GLY A 17 ? 0.0826 0.0599 0.0953 -0.0002 -0.0271 -0.0189 237 GLY A O   
136 N N   . PHE A 18 ? 0.0729 0.0765 0.0837 -0.0059 -0.0297 -0.0189 238 PHE A N   
137 C CA  . PHE A 18 ? 0.0617 0.0723 0.0852 0.0113  -0.0261 -0.0309 238 PHE A CA  
138 C C   . PHE A 18 ? 0.0796 0.0652 0.1059 0.0011  0.0038  -0.0216 238 PHE A C   
139 O O   . PHE A 18 ? 0.0773 0.0935 0.1439 -0.0133 -0.0197 0.0060  238 PHE A O   
140 C CB  . PHE A 18 ? 0.0720 0.0558 0.0808 -0.0119 -0.0111 -0.0118 238 PHE A CB  
141 C CG  . PHE A 18 ? 0.0516 0.0594 0.0995 -0.0031 -0.0014 -0.0169 238 PHE A CG  
142 C CD1 . PHE A 18 ? 0.0775 0.0563 0.0802 -0.0088 0.0000  -0.0165 238 PHE A CD1 
143 C CD2 . PHE A 18 ? 0.0795 0.0495 0.1016 -0.0075 -0.0184 -0.0129 238 PHE A CD2 
144 C CE1 . PHE A 18 ? 0.0893 0.0825 0.0871 0.0102  0.0047  -0.0107 238 PHE A CE1 
145 C CE2 . PHE A 18 ? 0.0859 0.0615 0.1166 -0.0181 -0.0340 -0.0158 238 PHE A CE2 
146 C CZ  . PHE A 18 ? 0.0777 0.0913 0.0797 -0.0106 -0.0039 -0.0245 238 PHE A CZ  
147 N N   . SER A 19 ? 0.0643 0.0549 0.1055 -0.0037 -0.0038 -0.0118 239 SER A N   
148 C CA  . SER A 19 ? 0.0938 0.0716 0.0763 -0.0127 -0.0047 -0.0109 239 SER A CA  
149 C C   . SER A 19 ? 0.0589 0.0702 0.0709 0.0015  0.0076  -0.0071 239 SER A C   
150 O O   . SER A 19 ? 0.0706 0.0494 0.0862 -0.0013 -0.0062 -0.0193 239 SER A O   
151 C CB  . SER A 19 ? 0.1109 0.0941 0.0991 0.0020  0.0225  -0.0288 239 SER A CB  
152 O OG  . SER A 19 ? 0.1519 0.1262 0.1368 0.0019  0.0098  -0.0695 239 SER A OG  
153 N N   . ILE A 20 ? 0.0564 0.0657 0.0700 0.0012  0.0131  -0.0130 240 ILE A N   
154 C CA  . ILE A 20 ? 0.0707 0.0468 0.0749 -0.0080 0.0134  -0.0108 240 ILE A CA  
155 C C   . ILE A 20 ? 0.0625 0.0680 0.0740 -0.0164 0.0014  -0.0057 240 ILE A C   
156 O O   . ILE A 20 ? 0.0805 0.0713 0.0997 -0.0080 0.0275  -0.0070 240 ILE A O   
157 C CB  . ILE A 20 ? 0.0613 0.0677 0.0714 -0.0082 0.0056  -0.0027 240 ILE A CB  
158 C CG1 . ILE A 20 ? 0.0526 0.0658 0.0841 -0.0006 0.0078  -0.0143 240 ILE A CG1 
159 C CG2 . ILE A 20 ? 0.0915 0.0703 0.0918 -0.0020 0.0122  0.0071  240 ILE A CG2 
160 C CD1 . ILE A 20 ? 0.0502 0.1105 0.1028 -0.0105 -0.0099 -0.0313 240 ILE A CD1 
161 N N   . ALA A 21 ? 0.0617 0.0452 0.0763 -0.0119 0.0106  -0.0069 241 ALA A N   
162 C CA  . ALA A 21 ? 0.0820 0.0556 0.0736 -0.0152 0.0010  -0.0025 241 ALA A CA  
163 C C   . ALA A 21 ? 0.0499 0.0568 0.0692 -0.0164 -0.0009 0.0157  241 ALA A C   
164 O O   . ALA A 21 ? 0.0900 0.0601 0.0786 -0.0199 0.0138  0.0032  241 ALA A O   
165 C CB  . ALA A 21 ? 0.1562 0.0854 0.0995 -0.0067 -0.0491 -0.0179 241 ALA A CB  
166 N N   . GLY A 22 ? 0.0578 0.0582 0.0681 0.0010  0.0090  0.0003  242 GLY A N   
167 C CA  . GLY A 22 ? 0.0733 0.0512 0.0644 -0.0009 0.0019  0.0037  242 GLY A CA  
168 C C   . GLY A 22 ? 0.0702 0.0472 0.0574 -0.0014 0.0104  0.0118  242 GLY A C   
169 O O   . GLY A 22 ? 0.0645 0.0646 0.0786 -0.0030 0.0124  -0.0028 242 GLY A O   
170 N N   . GLY A 23 ? 0.0616 0.0726 0.0787 -0.0071 0.0053  -0.0131 243 GLY A N   
171 C CA  . GLY A 23 ? 0.0628 0.0722 0.0639 -0.0054 0.0075  -0.0031 243 GLY A CA  
172 C C   . GLY A 23 ? 0.0629 0.0815 0.0609 -0.0032 0.0080  0.0109  243 GLY A C   
173 O O   . GLY A 23 ? 0.0680 0.0807 0.0822 -0.0121 0.0051  0.0163  243 GLY A O   
174 N N   . ILE A 24 ? 0.0652 0.0721 0.0703 0.0005  -0.0046 -0.0068 244 ILE A N   
175 C CA  . ILE A 24 ? 0.0541 0.0684 0.0934 -0.0248 0.0036  0.0076  244 ILE A CA  
176 C C   . ILE A 24 ? 0.0630 0.0760 0.1091 -0.0161 -0.0068 -0.0027 244 ILE A C   
177 O O   . ILE A 24 ? 0.0752 0.1430 0.0988 -0.0121 -0.0047 -0.0034 244 ILE A O   
178 C CB  . ILE A 24 ? 0.0847 0.0606 0.0991 -0.0240 0.0034  -0.0073 244 ILE A CB  
179 C CG1 . ILE A 24 ? 0.1212 0.0668 0.1035 -0.0299 -0.0101 -0.0154 244 ILE A CG1 
180 C CG2 . ILE A 24 ? 0.1173 0.1002 0.1250 -0.0428 -0.0185 0.0024  244 ILE A CG2 
181 C CD1 . ILE A 24 ? 0.1350 0.1139 0.1055 -0.0422 -0.0165 -0.0106 244 ILE A CD1 
182 N N   . GLY A 25 ? 0.0749 0.0906 0.0910 -0.0340 -0.0002 0.0046  245 GLY A N   
183 C CA  . GLY A 25 ? 0.0901 0.1349 0.0759 -0.0429 -0.0024 0.0063  245 GLY A CA  
184 C C   . GLY A 25 ? 0.0601 0.1076 0.0881 -0.0174 -0.0028 0.0205  245 GLY A C   
185 O O   . GLY A 25 ? 0.0986 0.1299 0.0798 -0.0352 0.0090  0.0176  245 GLY A O   
186 N N   . ASN A 26 ? 0.0635 0.0849 0.0772 -0.0141 0.0017  0.0065  246 ASN A N   
187 C CA  . ASN A 26 ? 0.0660 0.0880 0.0723 -0.0116 -0.0056 0.0242  246 ASN A CA  
188 C C   . ASN A 26 ? 0.0690 0.0762 0.0687 -0.0077 -0.0074 0.0118  246 ASN A C   
189 O O   . ASN A 26 ? 0.0684 0.0736 0.0885 -0.0044 0.0010  0.0024  246 ASN A O   
190 C CB  . ASN A 26 ? 0.0554 0.0990 0.1027 -0.0176 -0.0003 0.0177  246 ASN A CB  
191 C CG  . ASN A 26 ? 0.0951 0.1016 0.0721 0.0111  0.0074  0.0037  246 ASN A CG  
192 O OD1 . ASN A 26 ? 0.1721 0.1110 0.0720 -0.0022 0.0275  0.0207  246 ASN A OD1 
193 N ND2 . ASN A 26 ? 0.1042 0.0794 0.0798 0.0152  0.0089  -0.0066 246 ASN A ND2 
194 N N   . GLN A 27 ? 0.0565 0.0744 0.0826 -0.0167 -0.0064 0.0221  247 GLN A N   
195 C CA  . GLN A 27 ? 0.0654 0.0793 0.0876 -0.0116 -0.0080 0.0089  247 GLN A CA  
196 C C   . GLN A 27 ? 0.0585 0.0652 0.0837 -0.0027 0.0102  0.0126  247 GLN A C   
197 O O   . GLN A 27 ? 0.0868 0.0983 0.0790 -0.0257 -0.0070 0.0108  247 GLN A O   
198 C CB  . GLN A 27 ? 0.0584 0.0771 0.1169 -0.0060 0.0058  0.0091  247 GLN A CB  
199 C CG  . GLN A 27 ? 0.0629 0.0830 0.1209 -0.0157 -0.0090 -0.0089 247 GLN A CG  
200 C CD  . GLN A 27 ? 0.0686 0.0622 0.1343 -0.0080 0.0073  0.0029  247 GLN A CD  
201 O OE1 . GLN A 27 ? 0.0763 0.0750 0.1385 -0.0090 -0.0014 0.0107  247 GLN A OE1 
202 N NE2 . GLN A 27 ? 0.0947 0.0904 0.1189 -0.0211 0.0015  -0.0151 247 GLN A NE2 
203 N N   . HIS A 28 ? 0.0596 0.0732 0.0900 -0.0037 -0.0034 0.0073  248 HIS A N   
204 C CA  . HIS A 28 ? 0.0757 0.0768 0.1081 -0.0152 -0.0094 0.0079  248 HIS A CA  
205 C C   . HIS A 28 ? 0.0757 0.0838 0.0765 -0.0176 -0.0015 0.0039  248 HIS A C   
206 O O   . HIS A 28 ? 0.0969 0.1080 0.1311 -0.0113 -0.0307 -0.0093 248 HIS A O   
207 C CB  . HIS A 28 ? 0.0909 0.0715 0.1185 -0.0032 -0.0067 0.0147  248 HIS A CB  
208 C CG  . HIS A 28 ? 0.1101 0.0868 0.1117 -0.0160 -0.0366 0.0027  248 HIS A CG  
209 N ND1 . HIS A 28 ? 0.1975 0.1118 0.1668 -0.0309 -0.0308 -0.0073 248 HIS A ND1 
210 C CD2 . HIS A 28 ? 0.0909 0.1179 0.1760 -0.0305 -0.0327 -0.0084 248 HIS A CD2 
211 C CE1 . HIS A 28 ? 0.2078 0.1300 0.1965 -0.0660 -0.0261 -0.0441 248 HIS A CE1 
212 N NE2 . HIS A 28 ? 0.1764 0.1243 0.1893 -0.0778 -0.0504 0.0319  248 HIS A NE2 
213 N N   . ILE A 29 ? 0.0851 0.0748 0.0970 -0.0107 -0.0123 0.0075  249 ILE A N   
214 C CA  . ILE A 29 ? 0.0554 0.0970 0.1431 -0.0032 -0.0008 0.0056  249 ILE A CA  
215 C C   . ILE A 29 ? 0.0792 0.0833 0.1251 -0.0057 0.0072  0.0198  249 ILE A C   
216 O O   . ILE A 29 ? 0.0736 0.0742 0.1158 -0.0010 -0.0127 0.0042  249 ILE A O   
217 C CB  . ILE A 29 ? 0.0742 0.1135 0.1861 0.0049  0.0276  -0.0113 249 ILE A CB  
218 C CG1 . ILE A 29 ? 0.1033 0.1104 0.2064 -0.0201 -0.0002 0.0098  249 ILE A CG1 
219 C CG2 . ILE A 29 ? 0.1169 0.1508 0.2186 0.0178  0.0431  0.0048  249 ILE A CG2 
220 C CD1 . ILE A 29 ? 0.1846 0.1538 0.2082 -0.0439 0.0159  0.0308  249 ILE A CD1 
221 N N   . PRO A 30 ? 0.0593 0.1070 0.1289 -0.0020 -0.0037 -0.0007 250 PRO A N   
222 C CA  . PRO A 30 ? 0.0741 0.0765 0.1413 0.0133  0.0102  0.0229  250 PRO A CA  
223 C C   . PRO A 30 ? 0.0826 0.0692 0.1154 0.0123  0.0054  0.0190  250 PRO A C   
224 O O   . PRO A 30 ? 0.0974 0.1015 0.1075 0.0064  0.0134  0.0113  250 PRO A O   
225 C CB  . PRO A 30 ? 0.0854 0.0852 0.1044 0.0103  0.0192  0.0159  250 PRO A CB  
226 C CG  . PRO A 30 ? 0.0880 0.1192 0.1152 0.0274  0.0082  0.0060  250 PRO A CG  
227 C CD  . PRO A 30 ? 0.0955 0.1234 0.1124 0.0117  -0.0142 0.0133  250 PRO A CD  
228 N N   . GLY A 31 ? 0.0817 0.0562 0.1450 0.0085  -0.0045 0.0018  251 GLY A N   
229 C CA  . GLY A 31 ? 0.1168 0.0792 0.1416 -0.0066 -0.0054 -0.0127 251 GLY A CA  
230 C C   . GLY A 31 ? 0.0987 0.0544 0.1544 0.0155  -0.0144 -0.0204 251 GLY A C   
231 O O   . GLY A 31 ? 0.1674 0.0832 0.1683 -0.0037 -0.0291 -0.0193 251 GLY A O   
232 N N   . ASP A 32 ? 0.0656 0.0712 0.1256 0.0169  0.0050  -0.0139 252 ASP A N   
233 C CA  . ASP A 32 ? 0.0653 0.0758 0.1079 0.0027  0.0092  0.0038  252 ASP A CA  
234 C C   . ASP A 32 ? 0.0768 0.0529 0.0880 -0.0086 0.0061  -0.0096 252 ASP A C   
235 O O   . ASP A 32 ? 0.0667 0.0705 0.1029 0.0085  -0.0050 0.0001  252 ASP A O   
236 C CB  . ASP A 32 ? 0.0562 0.0995 0.1326 -0.0001 0.0207  -0.0136 252 ASP A CB  
237 C CG  . ASP A 32 ? 0.0975 0.0974 0.1592 -0.0011 0.0532  -0.0200 252 ASP A CG  
238 O OD1 . ASP A 32 ? 0.0957 0.1488 0.2841 0.0277  0.0689  0.0973  252 ASP A OD1 
239 O OD2 . ASP A 32 ? 0.1315 0.1043 0.2558 -0.0299 0.0703  -0.0277 252 ASP A OD2 
240 N N   . ASN A 33 ? 0.0833 0.0511 0.0859 -0.0148 0.0161  -0.0115 253 ASN A N   
241 C CA  . ASN A 33 ? 0.0546 0.0640 0.0736 0.0028  0.0197  -0.0127 253 ASN A CA  
242 C C   . ASN A 33 ? 0.0842 0.0544 0.0704 -0.0102 0.0185  -0.0112 253 ASN A C   
243 O O   . ASN A 33 ? 0.0566 0.0727 0.0879 0.0137  0.0033  -0.0009 253 ASN A O   
244 C CB  . ASN A 33 ? 0.0847 0.0844 0.0987 -0.0109 0.0081  -0.0082 253 ASN A CB  
245 C CG  . ASN A 33 ? 0.0772 0.0871 0.1129 -0.0159 0.0218  -0.0128 253 ASN A CG  
246 O OD1 . ASN A 33 ? 0.0919 0.0818 0.1388 -0.0232 -0.0139 0.0257  253 ASN A OD1 
247 N ND2 . ASN A 33 ? 0.1991 0.1105 0.1831 -0.0550 0.0238  -0.0460 253 ASN A ND2 
248 N N   . SER A 34 ? 0.0635 0.0491 0.0790 -0.0001 0.0034  0.0000  254 SER A N   
249 C CA  . SER A 34 ? 0.0741 0.0637 0.0632 -0.0018 -0.0034 -0.0031 254 SER A CA  
250 C C   . SER A 34 ? 0.0511 0.0684 0.0687 -0.0218 -0.0014 -0.0080 254 SER A C   
251 O O   . SER A 34 ? 0.0689 0.0639 0.0618 0.0103  -0.0021 0.0039  254 SER A O   
252 C CB  . SER A 34 ? 0.0926 0.0741 0.0902 0.0134  0.0125  -0.0027 254 SER A CB  
253 O OG  . SER A 34 ? 0.1210 0.0883 0.1009 0.0105  0.0335  -0.0003 254 SER A OG  
254 N N   . ILE A 35 ? 0.0487 0.0621 0.0600 -0.0059 0.0036  0.0013  255 ILE A N   
255 C CA  . ILE A 35 ? 0.0623 0.0464 0.0542 -0.0122 0.0015  -0.0084 255 ILE A CA  
256 C C   . ILE A 35 ? 0.0688 0.0481 0.0488 -0.0062 0.0023  0.0011  255 ILE A C   
257 O O   . ILE A 35 ? 0.0490 0.0695 0.0631 -0.0143 -0.0049 0.0045  255 ILE A O   
258 C CB  . ILE A 35 ? 0.0598 0.0503 0.0564 -0.0001 0.0019  0.0010  255 ILE A CB  
259 C CG1 . ILE A 35 ? 0.0500 0.0647 0.0707 -0.0083 0.0016  0.0018  255 ILE A CG1 
260 C CG2 . ILE A 35 ? 0.0705 0.0474 0.0862 0.0010  0.0022  -0.0046 255 ILE A CG2 
261 C CD1 . ILE A 35 ? 0.0692 0.1018 0.0778 -0.0191 -0.0036 0.0234  255 ILE A CD1 
262 N N   . TYR A 36 ? 0.0493 0.0502 0.0663 -0.0049 0.0152  -0.0055 256 TYR A N   
263 C CA  . TYR A 36 ? 0.0466 0.0662 0.0701 -0.0186 0.0016  -0.0097 256 TYR A CA  
264 C C   . TYR A 36 ? 0.0648 0.0413 0.0636 -0.0109 0.0026  -0.0004 256 TYR A C   
265 O O   . TYR A 36 ? 0.0611 0.0544 0.0792 -0.0139 0.0057  -0.0033 256 TYR A O   
266 C CB  . TYR A 36 ? 0.0840 0.0452 0.0904 0.0000  -0.0009 -0.0070 256 TYR A CB  
267 C CG  . TYR A 36 ? 0.0586 0.0619 0.1116 -0.0073 -0.0069 -0.0142 256 TYR A CG  
268 C CD1 . TYR A 36 ? 0.0651 0.0699 0.1639 -0.0182 0.0171  -0.0079 256 TYR A CD1 
269 C CD2 . TYR A 36 ? 0.0653 0.0457 0.1046 -0.0084 -0.0091 -0.0017 256 TYR A CD2 
270 C CE1 . TYR A 36 ? 0.0772 0.0922 0.2142 -0.0079 0.0195  -0.0223 256 TYR A CE1 
271 C CE2 . TYR A 36 ? 0.0760 0.0638 0.1141 -0.0211 -0.0050 -0.0095 256 TYR A CE2 
272 C CZ  . TYR A 36 ? 0.0584 0.0723 0.1763 -0.0025 0.0162  0.0161  256 TYR A CZ  
273 O OH  . TYR A 36 ? 0.0885 0.0834 0.2248 0.0061  0.0415  -0.0178 256 TYR A OH  
274 N N   . ILE A 37 ? 0.0615 0.0576 0.0588 -0.0041 0.0135  -0.0089 257 ILE A N   
275 C CA  . ILE A 37 ? 0.0603 0.0505 0.0828 -0.0032 0.0094  -0.0184 257 ILE A CA  
276 C C   . ILE A 37 ? 0.0582 0.0546 0.0687 -0.0018 -0.0131 -0.0184 257 ILE A C   
277 O O   . ILE A 37 ? 0.0547 0.0908 0.0867 -0.0124 -0.0058 -0.0201 257 ILE A O   
278 C CB  . ILE A 37 ? 0.0599 0.0616 0.0990 0.0040  0.0079  -0.0009 257 ILE A CB  
279 C CG1 . ILE A 37 ? 0.0889 0.0682 0.0863 0.0066  -0.0122 -0.0003 257 ILE A CG1 
280 C CG2 . ILE A 37 ? 0.0724 0.0619 0.1099 -0.0108 0.0022  -0.0127 257 ILE A CG2 
281 C CD1 . ILE A 37 ? 0.1252 0.0980 0.1135 0.0082  0.0355  0.0330  257 ILE A CD1 
282 N N   . THR A 38 ? 0.0697 0.0686 0.0774 -0.0018 -0.0172 -0.0200 258 THR A N   
283 C CA  . THR A 38 ? 0.0774 0.0730 0.0811 -0.0005 -0.0122 -0.0073 258 THR A CA  
284 C C   . THR A 38 ? 0.0749 0.0569 0.0821 0.0015  -0.0161 -0.0079 258 THR A C   
285 O O   . THR A 38 ? 0.0869 0.0855 0.0880 -0.0010 -0.0324 -0.0186 258 THR A O   
286 C CB  . THR A 38 ? 0.0941 0.1127 0.0808 -0.0078 -0.0185 -0.0030 258 THR A CB  
287 O OG1 . THR A 38 ? 0.1124 0.1413 0.1104 -0.0272 0.0143  -0.0065 258 THR A OG1 
288 C CG2 . THR A 38 ? 0.1874 0.0884 0.1404 -0.0269 -0.0447 0.0078  258 THR A CG2 
289 N N   . LYS A 39 ? 0.0693 0.0654 0.0785 -0.0097 -0.0122 -0.0100 259 LYS A N   
290 C CA  . LYS A 39 ? 0.0741 0.0722 0.0813 0.0006  -0.0227 -0.0294 259 LYS A CA  
291 C C   . LYS A 39 ? 0.0987 0.0590 0.1057 0.0074  -0.0187 -0.0183 259 LYS A C   
292 O O   . LYS A 39 ? 0.0987 0.0849 0.1030 0.0059  -0.0501 -0.0200 259 LYS A O   
293 C CB  A LYS A 39 ? 0.0960 0.1035 0.0793 -0.0036 -0.0305 -0.0296 259 LYS A CB  
294 C CB  B LYS A 39 ? 0.0989 0.1035 0.1008 -0.0056 -0.0067 -0.0237 259 LYS A CB  
295 C CG  A LYS A 39 ? 0.1562 0.1460 0.1199 0.0021  -0.0128 -0.0363 259 LYS A CG  
296 C CG  B LYS A 39 ? 0.0812 0.1155 0.0704 0.0050  -0.0086 -0.0194 259 LYS A CG  
297 C CD  A LYS A 39 ? 0.1776 0.1913 0.2008 0.0183  0.0167  -0.0438 259 LYS A CD  
298 C CD  B LYS A 39 ? 0.1005 0.1589 0.1089 -0.0039 -0.0303 -0.0049 259 LYS A CD  
299 C CE  A LYS A 39 ? 0.2057 0.2700 0.2243 -0.0323 -0.0365 -0.0459 259 LYS A CE  
300 C CE  B LYS A 39 ? 0.1924 0.2272 0.1597 -0.0024 -0.0262 0.0285  259 LYS A CE  
301 N NZ  A LYS A 39 ? 0.1711 0.1406 0.1510 -0.0148 -0.0283 -0.0378 259 LYS A NZ  
302 N NZ  B LYS A 39 ? 0.1231 0.2038 0.2080 -0.0157 -0.0751 -0.0158 259 LYS A NZ  
303 N N   . ILE A 40 ? 0.0697 0.0686 0.1194 0.0042  -0.0326 -0.0139 260 ILE A N   
304 C CA  . ILE A 40 ? 0.0967 0.0736 0.1171 0.0047  -0.0429 -0.0113 260 ILE A CA  
305 C C   . ILE A 40 ? 0.1255 0.0579 0.1192 0.0187  -0.0413 -0.0398 260 ILE A C   
306 O O   . ILE A 40 ? 0.1518 0.0972 0.1604 0.0098  -0.0828 -0.0583 260 ILE A O   
307 C CB  . ILE A 40 ? 0.1077 0.0865 0.1417 0.0037  -0.0297 0.0084  260 ILE A CB  
308 C CG1 . ILE A 40 ? 0.0887 0.1187 0.1847 0.0073  -0.0315 0.0359  260 ILE A CG1 
309 C CG2 . ILE A 40 ? 0.1224 0.0869 0.1877 0.0018  -0.0260 0.0228  260 ILE A CG2 
310 C CD1 . ILE A 40 ? 0.1100 0.1337 0.1765 -0.0262 -0.0259 0.0141  260 ILE A CD1 
311 N N   . ILE A 41 ? 0.1049 0.0871 0.0858 0.0026  -0.0339 -0.0308 261 ILE A N   
312 C CA  . ILE A 41 ? 0.1227 0.0739 0.0836 -0.0045 -0.0302 -0.0162 261 ILE A CA  
313 C C   . ILE A 41 ? 0.1221 0.0608 0.0590 -0.0044 -0.0234 -0.0120 261 ILE A C   
314 O O   . ILE A 41 ? 0.1201 0.0725 0.0667 -0.0040 -0.0005 -0.0220 261 ILE A O   
315 C CB  . ILE A 41 ? 0.0978 0.0898 0.1006 -0.0108 -0.0020 -0.0371 261 ILE A CB  
316 C CG1 A ILE A 41 ? 0.1512 0.1207 0.1014 -0.0113 0.0253  -0.0407 261 ILE A CG1 
317 C CG1 B ILE A 41 ? 0.1485 0.1166 0.1156 -0.0107 0.0082  -0.0251 261 ILE A CG1 
318 C CG2 . ILE A 41 ? 0.1609 0.0928 0.1019 -0.0081 -0.0010 -0.0474 261 ILE A CG2 
319 C CD1 A ILE A 41 ? 0.1317 0.1010 0.1191 -0.0102 -0.0127 -0.0280 261 ILE A CD1 
320 C CD1 B ILE A 41 ? 0.1531 0.1538 0.1500 -0.0200 0.0105  -0.0033 261 ILE A CD1 
321 N N   . GLU A 42 ? 0.1424 0.0660 0.0588 -0.0252 -0.0233 -0.0045 262 GLU A N   
322 C CA  . GLU A 42 ? 0.0951 0.0758 0.0603 -0.0139 -0.0063 -0.0058 262 GLU A CA  
323 C C   . GLU A 42 ? 0.0906 0.0641 0.0648 -0.0013 -0.0027 -0.0272 262 GLU A C   
324 O O   . GLU A 42 ? 0.1126 0.0725 0.0978 -0.0019 0.0052  -0.0015 262 GLU A O   
325 C CB  . GLU A 42 ? 0.1322 0.0747 0.0554 -0.0143 0.0006  0.0005  262 GLU A CB  
326 C CG  . GLU A 42 ? 0.1363 0.1064 0.1376 -0.0241 -0.0383 0.0128  262 GLU A CG  
327 C CD  . GLU A 42 ? 0.1353 0.1060 0.1279 -0.0095 -0.0440 -0.0194 262 GLU A CD  
328 O OE1 . GLU A 42 ? 0.1233 0.1201 0.1367 -0.0246 -0.0112 -0.0396 262 GLU A OE1 
329 O OE2 . GLU A 42 ? 0.1474 0.1659 0.2403 0.0271  -0.0138 -0.0081 262 GLU A OE2 
330 N N   . GLY A 43 ? 0.0853 0.0740 0.0666 0.0017  -0.0022 -0.0012 263 GLY A N   
331 C CA  . GLY A 43 ? 0.0936 0.0673 0.0954 -0.0041 -0.0032 -0.0106 263 GLY A CA  
332 C C   . GLY A 43 ? 0.0807 0.0565 0.0727 0.0011  0.0066  -0.0223 263 GLY A C   
333 O O   . GLY A 43 ? 0.0988 0.0617 0.0813 0.0043  -0.0112 -0.0119 263 GLY A O   
334 N N   . GLY A 44 ? 0.0675 0.0617 0.0562 0.0059  0.0108  -0.0098 264 GLY A N   
335 C CA  . GLY A 44 ? 0.0868 0.0611 0.0662 -0.0001 0.0034  -0.0179 264 GLY A CA  
336 C C   . GLY A 44 ? 0.0539 0.0513 0.0667 0.0060  0.0134  -0.0185 264 GLY A C   
337 O O   . GLY A 44 ? 0.0640 0.0696 0.0627 0.0011  0.0041  -0.0138 264 GLY A O   
338 N N   . ALA A 45 ? 0.0581 0.0618 0.0637 -0.0020 -0.0050 -0.0137 265 ALA A N   
339 C CA  . ALA A 45 ? 0.0595 0.0767 0.0649 -0.0001 0.0015  -0.0011 265 ALA A CA  
340 C C   . ALA A 45 ? 0.0739 0.0590 0.0380 0.0001  -0.0104 -0.0172 265 ALA A C   
341 O O   . ALA A 45 ? 0.0750 0.0695 0.0597 0.0009  0.0083  -0.0048 265 ALA A O   
342 C CB  . ALA A 45 ? 0.0524 0.1128 0.0817 -0.0061 -0.0185 -0.0098 265 ALA A CB  
343 N N   . ALA A 46 ? 0.0566 0.0641 0.0581 0.0011  0.0020  -0.0129 266 ALA A N   
344 C CA  . ALA A 46 ? 0.0710 0.0638 0.0643 0.0069  -0.0089 -0.0157 266 ALA A CA  
345 C C   . ALA A 46 ? 0.0763 0.0621 0.0624 0.0056  -0.0061 -0.0124 266 ALA A C   
346 O O   . ALA A 46 ? 0.0602 0.0618 0.0749 -0.0017 0.0103  -0.0212 266 ALA A O   
347 C CB  . ALA A 46 ? 0.0723 0.0632 0.0839 0.0098  0.0062  -0.0098 266 ALA A CB  
348 N N   . GLN A 47 ? 0.0524 0.0786 0.0672 0.0047  -0.0032 -0.0092 267 GLN A N   
349 C CA  . GLN A 47 ? 0.0742 0.0957 0.0750 0.0194  -0.0108 -0.0308 267 GLN A CA  
350 C C   . GLN A 47 ? 0.0885 0.0823 0.0766 -0.0012 -0.0108 -0.0235 267 GLN A C   
351 O O   . GLN A 47 ? 0.0780 0.1116 0.1005 -0.0184 -0.0027 -0.0156 267 GLN A O   
352 C CB  . GLN A 47 ? 0.0726 0.1176 0.0886 0.0095  -0.0231 -0.0307 267 GLN A CB  
353 C CG  . GLN A 47 ? 0.1200 0.1628 0.1325 -0.0012 -0.0151 -0.0441 267 GLN A CG  
354 C CD  . GLN A 47 ? 0.0933 0.1228 0.1493 -0.0086 -0.0139 -0.0328 267 GLN A CD  
355 O OE1 . GLN A 47 ? 0.1047 0.1152 0.1695 -0.0102 -0.0157 -0.0312 267 GLN A OE1 
356 N NE2 . GLN A 47 ? 0.1373 0.1761 0.1771 0.0134  -0.0432 -0.0265 267 GLN A NE2 
357 N N   . LYS A 48 ? 0.0976 0.0658 0.0805 -0.0066 -0.0045 -0.0231 268 LYS A N   
358 C CA  . LYS A 48 ? 0.1187 0.0625 0.1129 -0.0096 -0.0181 -0.0318 268 LYS A CA  
359 C C   . LYS A 48 ? 0.0894 0.0600 0.0966 -0.0056 -0.0062 -0.0277 268 LYS A C   
360 O O   . LYS A 48 ? 0.1082 0.0866 0.1318 -0.0443 -0.0139 -0.0137 268 LYS A O   
361 C CB  . LYS A 48 ? 0.1314 0.0908 0.0992 0.0101  -0.0075 -0.0326 268 LYS A CB  
362 C CG  . LYS A 48 ? 0.1808 0.0823 0.1274 -0.0111 -0.0282 -0.0236 268 LYS A CG  
363 C CD  . LYS A 48 ? 0.2390 0.1092 0.1255 0.0411  -0.0278 -0.0169 268 LYS A CD  
364 C CE  . LYS A 48 ? 0.2002 0.1811 0.1895 -0.0172 -0.0229 0.0026  268 LYS A CE  
365 N NZ  . LYS A 48 ? 0.2679 0.1854 0.1838 0.0434  -0.0318 0.0096  268 LYS A NZ  
366 N N   . ASP A 49 ? 0.0734 0.0618 0.0904 -0.0140 -0.0004 -0.0075 269 ASP A N   
367 C CA  . ASP A 49 ? 0.0773 0.0568 0.0654 -0.0175 0.0041  -0.0084 269 ASP A CA  
368 C C   . ASP A 49 ? 0.0671 0.0572 0.1087 -0.0259 0.0049  -0.0098 269 ASP A C   
369 O O   . ASP A 49 ? 0.0635 0.1088 0.0984 -0.0227 -0.0059 0.0122  269 ASP A O   
370 C CB  . ASP A 49 ? 0.0643 0.0710 0.0685 -0.0017 -0.0072 0.0030  269 ASP A CB  
371 C CG  . ASP A 49 ? 0.0697 0.0679 0.0626 -0.0230 0.0042  0.0004  269 ASP A CG  
372 O OD1 . ASP A 49 ? 0.0812 0.0799 0.0779 -0.0027 0.0172  0.0048  269 ASP A OD1 
373 O OD2 . ASP A 49 ? 0.0622 0.0607 0.0745 -0.0037 0.0097  -0.0042 269 ASP A OD2 
374 N N   . GLY A 50 ? 0.0660 0.0687 0.0753 -0.0161 -0.0035 -0.0065 270 GLY A N   
375 C CA  . GLY A 50 ? 0.0723 0.0859 0.0900 -0.0122 -0.0134 -0.0093 270 GLY A CA  
376 C C   . GLY A 50 ? 0.0468 0.0877 0.0864 -0.0197 -0.0016 -0.0105 270 GLY A C   
377 O O   . GLY A 50 ? 0.0649 0.1458 0.1071 0.0176  -0.0115 0.0080  270 GLY A O   
378 N N   . ARG A 51 ? 0.0518 0.0634 0.0833 -0.0046 0.0063  0.0051  271 ARG A N   
379 C CA  . ARG A 51 ? 0.0646 0.0747 0.0858 -0.0008 0.0076  -0.0063 271 ARG A CA  
380 C C   . ARG A 51 ? 0.0470 0.0662 0.0922 -0.0059 0.0114  0.0035  271 ARG A C   
381 O O   . ARG A 51 ? 0.0626 0.0722 0.1150 0.0091  0.0135  0.0015  271 ARG A O   
382 C CB  . ARG A 51 ? 0.0649 0.0774 0.0819 -0.0048 0.0163  -0.0054 271 ARG A CB  
383 C CG  . ARG A 51 ? 0.0760 0.0763 0.0854 -0.0092 0.0152  -0.0047 271 ARG A CG  
384 C CD  . ARG A 51 ? 0.0645 0.0893 0.0850 -0.0126 0.0138  0.0008  271 ARG A CD  
385 N NE  . ARG A 51 ? 0.0929 0.0921 0.0658 -0.0009 0.0078  -0.0045 271 ARG A NE  
386 C CZ  . ARG A 51 ? 0.1173 0.0585 0.0639 -0.0199 0.0244  -0.0059 271 ARG A CZ  
387 N NH1 . ARG A 51 ? 0.1060 0.0864 0.0859 -0.0165 0.0085  -0.0016 271 ARG A NH1 
388 N NH2 . ARG A 51 ? 0.0994 0.0661 0.0871 -0.0012 0.0272  0.0009  271 ARG A NH2 
389 N N   . LEU A 52 ? 0.0575 0.0560 0.0860 0.0045  0.0022  0.0070  272 LEU A N   
390 C CA  . LEU A 52 ? 0.0625 0.0744 0.0653 -0.0039 0.0062  -0.0110 272 LEU A CA  
391 C C   . LEU A 52 ? 0.0748 0.0685 0.0634 0.0101  -0.0041 -0.0078 272 LEU A C   
392 O O   . LEU A 52 ? 0.1286 0.0706 0.1034 -0.0046 -0.0352 -0.0047 272 LEU A O   
393 C CB  . LEU A 52 ? 0.0707 0.0608 0.0729 -0.0044 0.0034  0.0049  272 LEU A CB  
394 C CG  . LEU A 52 ? 0.0748 0.0601 0.0940 -0.0140 -0.0097 0.0008  272 LEU A CG  
395 C CD1 . LEU A 52 ? 0.0727 0.1377 0.1719 -0.0204 0.0033  0.0082  272 LEU A CD1 
396 C CD2 . LEU A 52 ? 0.1292 0.0840 0.1214 0.0207  -0.0226 -0.0232 272 LEU A CD2 
397 N N   . GLN A 53 ? 0.0889 0.0686 0.0696 -0.0035 -0.0184 0.0070  273 GLN A N   
398 C CA  . GLN A 53 ? 0.1004 0.0961 0.0935 -0.0155 -0.0284 0.0126  273 GLN A CA  
399 C C   . GLN A 53 ? 0.0707 0.0745 0.0805 -0.0006 -0.0092 -0.0096 273 GLN A C   
400 O O   . GLN A 53 ? 0.0665 0.0699 0.0891 -0.0032 -0.0217 0.0008  273 GLN A O   
401 C CB  . GLN A 53 ? 0.0896 0.1064 0.0933 -0.0379 -0.0175 0.0205  273 GLN A CB  
402 C CG  . GLN A 53 ? 0.1151 0.1032 0.1134 -0.0264 -0.0237 0.0134  273 GLN A CG  
403 C CD  . GLN A 53 ? 0.0755 0.1143 0.1010 -0.0328 -0.0106 0.0022  273 GLN A CD  
404 O OE1 . GLN A 53 ? 0.0847 0.1741 0.1054 -0.0320 -0.0106 -0.0034 273 GLN A OE1 
405 N NE2 . GLN A 53 ? 0.0965 0.1727 0.1332 -0.0343 -0.0168 0.0305  273 GLN A NE2 
406 N N   . ILE A 54 ? 0.0703 0.0619 0.0876 -0.0118 -0.0189 -0.0100 274 ILE A N   
407 C CA  . ILE A 54 ? 0.0419 0.0777 0.0803 -0.0145 -0.0203 -0.0019 274 ILE A CA  
408 C C   . ILE A 54 ? 0.0512 0.0768 0.0638 -0.0111 -0.0149 0.0179  274 ILE A C   
409 O O   . ILE A 54 ? 0.0555 0.0885 0.0689 -0.0163 -0.0169 0.0032  274 ILE A O   
410 C CB  . ILE A 54 ? 0.0490 0.0946 0.0807 -0.0096 -0.0186 -0.0083 274 ILE A CB  
411 C CG1 . ILE A 54 ? 0.0586 0.1008 0.1111 -0.0154 -0.0104 -0.0213 274 ILE A CG1 
412 C CG2 . ILE A 54 ? 0.0706 0.0955 0.0689 -0.0062 -0.0090 -0.0065 274 ILE A CG2 
413 C CD1 . ILE A 54 ? 0.0706 0.1411 0.1038 -0.0103 -0.0027 -0.0573 274 ILE A CD1 
414 N N   . GLY A 55 ? 0.0465 0.0688 0.0724 -0.0101 -0.0233 0.0014  275 GLY A N   
415 C CA  . GLY A 55 ? 0.0656 0.0663 0.0762 -0.0075 -0.0217 0.0032  275 GLY A CA  
416 C C   . GLY A 55 ? 0.0418 0.0745 0.0629 -0.0079 0.0006  -0.0030 275 GLY A C   
417 O O   . GLY A 55 ? 0.0497 0.0709 0.0715 -0.0074 -0.0067 -0.0054 275 GLY A O   
418 N N   . ASP A 56 ? 0.0622 0.0684 0.0631 -0.0082 -0.0124 -0.0046 276 ASP A N   
419 C CA  . ASP A 56 ? 0.0747 0.0685 0.0576 -0.0067 -0.0046 0.0101  276 ASP A CA  
420 C C   . ASP A 56 ? 0.0344 0.0518 0.0799 -0.0104 -0.0045 0.0104  276 ASP A C   
421 O O   . ASP A 56 ? 0.0536 0.0689 0.0821 -0.0168 0.0013  -0.0102 276 ASP A O   
422 C CB  . ASP A 56 ? 0.0460 0.0721 0.0769 -0.0174 -0.0269 -0.0004 276 ASP A CB  
423 C CG  . ASP A 56 ? 0.1163 0.0900 0.0715 -0.0073 -0.0121 0.0160  276 ASP A CG  
424 O OD1 . ASP A 56 ? 0.0745 0.1412 0.1076 -0.0402 -0.0291 0.0339  276 ASP A OD1 
425 O OD2 . ASP A 56 ? 0.1376 0.1018 0.0900 -0.0271 -0.0306 0.0098  276 ASP A OD2 
426 N N   . ARG A 57 ? 0.0541 0.0638 0.0516 -0.0150 -0.0045 0.0029  277 ARG A N   
427 C CA  . ARG A 57 ? 0.0636 0.0739 0.0660 -0.0271 -0.0190 0.0006  277 ARG A CA  
428 C C   . ARG A 57 ? 0.0604 0.0772 0.0566 -0.0295 -0.0023 0.0142  277 ARG A C   
429 O O   . ARG A 57 ? 0.0464 0.1138 0.0710 -0.0082 -0.0051 0.0249  277 ARG A O   
430 C CB  A ARG A 57 ? 0.1039 0.0661 0.1008 -0.0219 -0.0238 -0.0048 277 ARG A CB  
431 C CB  B ARG A 57 ? 0.0972 0.0839 0.0888 -0.0131 -0.0147 -0.0036 277 ARG A CB  
432 C CG  A ARG A 57 ? 0.1335 0.0783 0.1699 -0.0066 -0.0048 0.0226  277 ARG A CG  
433 C CG  B ARG A 57 ? 0.0968 0.1248 0.1310 0.0198  0.0008  0.0007  277 ARG A CG  
434 C CD  A ARG A 57 ? 0.1049 0.1011 0.1672 -0.0072 0.0037  0.0373  277 ARG A CD  
435 C CD  B ARG A 57 ? 0.2130 0.1443 0.2311 0.0082  0.0029  0.0231  277 ARG A CD  
436 N NE  A ARG A 57 ? 0.0750 0.0925 0.1379 0.0082  -0.0125 0.0069  277 ARG A NE  
437 N NE  B ARG A 57 ? 0.2610 0.1800 0.2341 -0.0016 0.0074  -0.0136 277 ARG A NE  
438 C CZ  A ARG A 57 ? 0.0952 0.1107 0.1455 0.0098  -0.0085 -0.0318 277 ARG A CZ  
439 C CZ  B ARG A 57 ? 0.2603 0.2435 0.2762 0.0041  0.0078  -0.0075 277 ARG A CZ  
440 N NH1 A ARG A 57 ? 0.0857 0.1664 0.2550 -0.0284 0.0380  -0.0540 277 ARG A NH1 
441 N NH1 B ARG A 57 ? 0.2729 0.2881 0.2734 0.0117  0.0003  0.0060  277 ARG A NH1 
442 N NH2 A ARG A 57 ? 0.1201 0.1125 0.1528 -0.0020 0.0361  -0.0210 277 ARG A NH2 
443 N NH2 B ARG A 57 ? 0.2662 0.2342 0.2285 -0.0002 0.0109  -0.0049 277 ARG A NH2 
444 N N   . LEU A 58 ? 0.0638 0.0557 0.0582 -0.0175 0.0054  0.0039  278 LEU A N   
445 C CA  . LEU A 58 ? 0.0734 0.0701 0.0561 -0.0110 0.0005  0.0071  278 LEU A CA  
446 C C   . LEU A 58 ? 0.0340 0.0640 0.0769 -0.0036 -0.0016 0.0022  278 LEU A C   
447 O O   . LEU A 58 ? 0.0571 0.0747 0.0691 -0.0277 0.0003  0.0043  278 LEU A O   
448 C CB  . LEU A 58 ? 0.0931 0.0652 0.0689 -0.0116 -0.0117 0.0010  278 LEU A CB  
449 C CG  . LEU A 58 ? 0.0778 0.0722 0.0578 -0.0069 -0.0118 -0.0091 278 LEU A CG  
450 C CD1 . LEU A 58 ? 0.0909 0.0776 0.0806 -0.0120 -0.0099 0.0021  278 LEU A CD1 
451 C CD2 . LEU A 58 ? 0.0691 0.1013 0.0744 0.0062  0.0048  -0.0244 278 LEU A CD2 
452 N N   . LEU A 59 ? 0.0538 0.0445 0.0636 -0.0111 0.0127  0.0013  279 LEU A N   
453 C CA  . LEU A 59 ? 0.0578 0.0394 0.0562 -0.0075 -0.0016 -0.0096 279 LEU A CA  
454 C C   . LEU A 59 ? 0.0460 0.0548 0.0646 0.0017  0.0063  0.0007  279 LEU A C   
455 O O   . LEU A 59 ? 0.0503 0.0570 0.0870 -0.0224 0.0074  -0.0262 279 LEU A O   
456 C CB  . LEU A 59 ? 0.0558 0.0700 0.0629 -0.0034 0.0000  -0.0098 279 LEU A CB  
457 C CG  . LEU A 59 ? 0.0551 0.0735 0.0697 -0.0033 -0.0050 -0.0052 279 LEU A CG  
458 C CD1 . LEU A 59 ? 0.0699 0.1220 0.0929 0.0020  0.0121  -0.0104 279 LEU A CD1 
459 C CD2 . LEU A 59 ? 0.0841 0.0817 0.1594 0.0118  0.0250  0.0258  279 LEU A CD2 
460 N N   . ALA A 60 ? 0.0428 0.0483 0.0696 -0.0190 -0.0019 -0.0030 280 ALA A N   
461 C CA  . ALA A 60 ? 0.0306 0.0718 0.0848 -0.0112 -0.0060 -0.0220 280 ALA A CA  
462 C C   . ALA A 60 ? 0.0424 0.0591 0.0558 -0.0145 -0.0056 -0.0007 280 ALA A C   
463 O O   . ALA A 60 ? 0.0442 0.0652 0.0663 -0.0045 -0.0068 -0.0150 280 ALA A O   
464 C CB  . ALA A 60 ? 0.0655 0.0885 0.0546 0.0002  0.0051  -0.0162 280 ALA A CB  
465 N N   . VAL A 61 ? 0.0510 0.0517 0.0564 -0.0163 -0.0065 -0.0105 281 VAL A N   
466 C CA  . VAL A 61 ? 0.0540 0.0526 0.0482 -0.0226 -0.0103 -0.0053 281 VAL A CA  
467 C C   . VAL A 61 ? 0.0395 0.0651 0.0525 -0.0053 0.0128  -0.0032 281 VAL A C   
468 O O   . VAL A 61 ? 0.0473 0.0629 0.0543 -0.0136 -0.0020 -0.0054 281 VAL A O   
469 C CB  . VAL A 61 ? 0.0499 0.0765 0.0502 -0.0153 -0.0059 -0.0050 281 VAL A CB  
470 C CG1 . VAL A 61 ? 0.0880 0.0721 0.0809 0.0107  0.0210  -0.0164 281 VAL A CG1 
471 C CG2 . VAL A 61 ? 0.0891 0.0786 0.0794 -0.0201 0.0006  -0.0068 281 VAL A CG2 
472 N N   . ASN A 62 ? 0.0433 0.0653 0.0626 -0.0142 -0.0029 -0.0045 282 ASN A N   
473 C CA  . ASN A 62 ? 0.0585 0.0922 0.0722 -0.0256 -0.0128 0.0112  282 ASN A CA  
474 C C   . ASN A 62 ? 0.0608 0.0841 0.0582 -0.0222 -0.0014 0.0020  282 ASN A C   
475 O O   . ASN A 62 ? 0.0598 0.1216 0.0656 -0.0201 -0.0009 -0.0106 282 ASN A O   
476 C CB  . ASN A 62 ? 0.0659 0.0691 0.0917 -0.0171 -0.0133 0.0126  282 ASN A CB  
477 C CG  . ASN A 62 ? 0.0572 0.0815 0.1108 -0.0282 -0.0203 0.0089  282 ASN A CG  
478 O OD1 . ASN A 62 ? 0.0673 0.0844 0.1160 -0.0224 -0.0242 0.0110  282 ASN A OD1 
479 N ND2 . ASN A 62 ? 0.0640 0.1129 0.1291 -0.0032 -0.0094 0.0098  282 ASN A ND2 
480 N N   . ASN A 63 ? 0.0530 0.1045 0.0741 -0.0206 -0.0136 0.0074  283 ASN A N   
481 C CA  . ASN A 63 ? 0.0796 0.1089 0.0837 -0.0216 -0.0021 -0.0227 283 ASN A CA  
482 C C   . ASN A 63 ? 0.0941 0.1048 0.0812 -0.0139 0.0014  -0.0381 283 ASN A C   
483 O O   . ASN A 63 ? 0.1280 0.1321 0.1244 -0.0350 0.0155  -0.0697 283 ASN A O   
484 C CB  . ASN A 63 ? 0.0861 0.1898 0.0744 -0.0359 -0.0358 -0.0251 283 ASN A CB  
485 C CG  . ASN A 63 ? 0.0683 0.1518 0.1418 -0.0471 -0.0321 0.0371  283 ASN A CG  
486 O OD1 . ASN A 63 ? 0.1129 0.2191 0.1041 -0.0771 -0.0297 0.0515  283 ASN A OD1 
487 N ND2 . ASN A 63 ? 0.1122 0.2541 0.1515 -0.0637 -0.0225 0.0393  283 ASN A ND2 
488 N N   . THR A 64 ? 0.0620 0.0892 0.0785 -0.0049 -0.0127 -0.0036 284 THR A N   
489 C CA  . THR A 64 ? 0.0645 0.0729 0.0984 -0.0162 -0.0264 -0.0174 284 THR A CA  
490 C C   . THR A 64 ? 0.0577 0.0666 0.0879 -0.0119 0.0008  -0.0106 284 THR A C   
491 O O   . THR A 64 ? 0.0522 0.0639 0.1064 -0.0039 -0.0266 -0.0243 284 THR A O   
492 C CB  . THR A 64 ? 0.0395 0.0841 0.0829 -0.0154 -0.0191 -0.0079 284 THR A CB  
493 O OG1 . THR A 64 ? 0.0578 0.0872 0.0932 -0.0174 -0.0146 -0.0036 284 THR A OG1 
494 C CG2 . THR A 64 ? 0.0670 0.0966 0.0967 -0.0147 -0.0171 0.0024  284 THR A CG2 
495 N N   . ASN A 65 ? 0.0475 0.0790 0.0703 -0.0088 -0.0199 -0.0144 285 ASN A N   
496 C CA  . ASN A 65 ? 0.0698 0.0701 0.0893 -0.0099 -0.0004 -0.0029 285 ASN A CA  
497 C C   . ASN A 65 ? 0.0425 0.0733 0.0762 -0.0013 -0.0035 -0.0082 285 ASN A C   
498 O O   . ASN A 65 ? 0.0661 0.1148 0.1063 -0.0351 -0.0144 0.0179  285 ASN A O   
499 C CB  . ASN A 65 ? 0.0836 0.0919 0.0918 -0.0073 0.0022  -0.0258 285 ASN A CB  
500 C CG  . ASN A 65 ? 0.1350 0.0978 0.0889 0.0241  -0.0057 -0.0178 285 ASN A CG  
501 O OD1 . ASN A 65 ? 0.1536 0.2162 0.0862 0.0972  -0.0150 -0.0383 285 ASN A OD1 
502 N ND2 . ASN A 65 ? 0.1233 0.1439 0.1563 -0.0084 0.0161  -0.0255 285 ASN A ND2 
503 N N   . LEU A 66 ? 0.0431 0.0667 0.0676 -0.0187 0.0090  -0.0004 286 LEU A N   
504 C CA  . LEU A 66 ? 0.0432 0.0734 0.0772 -0.0086 0.0145  0.0008  286 LEU A CA  
505 C C   . LEU A 66 ? 0.0516 0.0828 0.0778 -0.0181 0.0002  -0.0140 286 LEU A C   
506 O O   . LEU A 66 ? 0.0646 0.1017 0.0635 -0.0102 -0.0049 -0.0127 286 LEU A O   
507 C CB  . LEU A 66 ? 0.0989 0.0666 0.0544 -0.0231 0.0138  -0.0130 286 LEU A CB  
508 C CG  . LEU A 66 ? 0.1215 0.0634 0.0836 -0.0016 0.0202  -0.0075 286 LEU A CG  
509 C CD1 . LEU A 66 ? 0.1330 0.0910 0.1288 -0.0273 0.0289  -0.0452 286 LEU A CD1 
510 C CD2 . LEU A 66 ? 0.0966 0.0883 0.1054 -0.0069 0.0126  -0.0224 286 LEU A CD2 
511 N N   . GLN A 67 ? 0.0605 0.0857 0.0734 -0.0004 -0.0090 -0.0198 287 GLN A N   
512 C CA  . GLN A 67 ? 0.0723 0.0991 0.0871 0.0155  0.0015  -0.0108 287 GLN A CA  
513 C C   . GLN A 67 ? 0.0802 0.1055 0.1382 0.0171  0.0111  0.0049  287 GLN A C   
514 O O   . GLN A 67 ? 0.1129 0.2173 0.2257 0.0621  0.0303  0.0894  287 GLN A O   
515 C CB  . GLN A 67 ? 0.0850 0.1044 0.0860 0.0125  0.0012  -0.0295 287 GLN A CB  
516 C CG  . GLN A 67 ? 0.0811 0.0849 0.1032 0.0072  0.0150  -0.0243 287 GLN A CG  
517 C CD  . GLN A 67 ? 0.0851 0.0872 0.0957 -0.0030 0.0158  -0.0230 287 GLN A CD  
518 O OE1 . GLN A 67 ? 0.0946 0.1206 0.1001 0.0221  -0.0042 -0.0217 287 GLN A OE1 
519 N NE2 . GLN A 67 ? 0.0800 0.1188 0.0972 0.0274  0.0047  -0.0332 287 GLN A NE2 
520 N N   . ASP A 68 ? 0.1189 0.0706 0.1005 0.0109  0.0152  -0.0139 288 ASP A N   
521 C CA  . ASP A 68 ? 0.1265 0.0593 0.1433 0.0171  0.0148  -0.0018 288 ASP A CA  
522 C C   . ASP A 68 ? 0.1150 0.0639 0.1213 -0.0030 -0.0014 -0.0164 288 ASP A C   
523 O O   . ASP A 68 ? 0.1471 0.1096 0.0868 -0.0276 0.0100  -0.0314 288 ASP A O   
524 C CB  . ASP A 68 ? 0.1454 0.1071 0.2063 0.0036  0.0049  -0.0066 288 ASP A CB  
525 C CG  . ASP A 68 ? 0.2448 0.1026 0.2309 0.0426  0.0506  -0.0236 288 ASP A CG  
526 O OD1 . ASP A 68 ? 0.3836 0.1801 0.3030 -0.0074 -0.0012 0.0430  288 ASP A OD1 
527 O OD2 . ASP A 68 ? 0.3371 0.2420 0.3585 -0.0577 0.0601  -0.0129 288 ASP A OD2 
528 N N   . VAL A 69 ? 0.0852 0.0644 0.0955 -0.0011 0.0015  0.0024  289 VAL A N   
529 C CA  . VAL A 69 ? 0.1056 0.0678 0.0646 -0.0175 0.0068  0.0014  289 VAL A CA  
530 C C   . VAL A 69 ? 0.0890 0.0499 0.0806 -0.0169 0.0013  0.0052  289 VAL A C   
531 O O   . VAL A 69 ? 0.0903 0.0866 0.0803 -0.0147 -0.0033 0.0040  289 VAL A O   
532 C CB  . VAL A 69 ? 0.0845 0.0883 0.0643 0.0042  0.0058  0.0048  289 VAL A CB  
533 C CG1 . VAL A 69 ? 0.0845 0.1271 0.0787 -0.0155 -0.0159 0.0029  289 VAL A CG1 
534 C CG2 . VAL A 69 ? 0.1064 0.0750 0.0701 -0.0087 -0.0043 -0.0013 289 VAL A CG2 
535 N N   . ARG A 70 ? 0.0861 0.0739 0.0703 -0.0241 0.0022  0.0036  290 ARG A N   
536 C CA  . ARG A 70 ? 0.1021 0.0768 0.0611 -0.0068 -0.0051 -0.0089 290 ARG A CA  
537 C C   . ARG A 70 ? 0.0669 0.0826 0.0653 -0.0036 0.0020  0.0027  290 ARG A C   
538 O O   . ARG A 70 ? 0.0786 0.0777 0.0577 -0.0032 0.0080  0.0015  290 ARG A O   
539 C CB  . ARG A 70 ? 0.0945 0.1154 0.0920 -0.0481 0.0137  -0.0100 290 ARG A CB  
540 C CG  . ARG A 70 ? 0.1422 0.1531 0.1470 -0.0749 0.0334  0.0194  290 ARG A CG  
541 C CD  . ARG A 70 ? 0.1460 0.1339 0.1962 0.0019  0.0034  0.0327  290 ARG A CD  
542 N NE  . ARG A 70 ? 0.1904 0.1406 0.1415 0.0024  0.0741  0.0499  290 ARG A NE  
543 C CZ  . ARG A 70 ? 0.1901 0.1136 0.1909 0.0080  0.0171  0.0440  290 ARG A CZ  
544 N NH1 . ARG A 70 ? 0.1903 0.1147 0.2676 -0.0032 0.0356  0.0396  290 ARG A NH1 
545 N NH2 . ARG A 70 ? 0.1282 0.1321 0.2043 0.0099  0.0638  0.0863  290 ARG A NH2 
546 N N   . HIS A 71 ? 0.0627 0.0723 0.0680 0.0012  0.0092  0.0024  291 HIS A N   
547 C CA  . HIS A 71 ? 0.0542 0.0830 0.0552 0.0002  0.0156  0.0122  291 HIS A CA  
548 C C   . HIS A 71 ? 0.0683 0.0809 0.0475 -0.0127 0.0015  -0.0075 291 HIS A C   
549 O O   . HIS A 71 ? 0.0634 0.0765 0.0666 0.0006  0.0009  -0.0004 291 HIS A O   
550 C CB  . HIS A 71 ? 0.0529 0.0817 0.0713 -0.0037 -0.0058 0.0130  291 HIS A CB  
551 C CG  . HIS A 71 ? 0.0603 0.0797 0.0526 0.0017  0.0067  -0.0062 291 HIS A CG  
552 N ND1 . HIS A 71 ? 0.0773 0.1405 0.1021 -0.0066 0.0163  -0.0481 291 HIS A ND1 
553 C CD2 . HIS A 71 ? 0.0424 0.1008 0.0856 -0.0064 0.0056  -0.0071 291 HIS A CD2 
554 C CE1 . HIS A 71 ? 0.0732 0.0953 0.1087 -0.0094 0.0030  -0.0327 291 HIS A CE1 
555 N NE2 . HIS A 71 ? 0.0779 0.0802 0.0691 -0.0054 -0.0083 -0.0028 291 HIS A NE2 
556 N N   . GLU A 72 ? 0.0490 0.0794 0.0711 0.0012  0.0159  0.0084  292 GLU A N   
557 C CA  . GLU A 72 ? 0.0697 0.0993 0.0773 0.0129  0.0199  0.0172  292 GLU A CA  
558 C C   . GLU A 72 ? 0.0445 0.0984 0.0748 -0.0178 0.0132  -0.0036 292 GLU A C   
559 O O   . GLU A 72 ? 0.0607 0.0828 0.0846 0.0046  0.0076  0.0110  292 GLU A O   
560 C CB  . GLU A 72 ? 0.0714 0.1314 0.0976 0.0098  0.0320  0.0303  292 GLU A CB  
561 C CG  . GLU A 72 ? 0.0719 0.1171 0.1118 0.0128  0.0442  0.0272  292 GLU A CG  
562 C CD  . GLU A 72 ? 0.0774 0.1445 0.0615 0.0255  0.0212  0.0267  292 GLU A CD  
563 O OE1 . GLU A 72 ? 0.1040 0.1150 0.0918 0.0042  0.0380  0.0131  292 GLU A OE1 
564 O OE2 . GLU A 72 ? 0.1057 0.1612 0.0997 0.0519  0.0482  0.0505  292 GLU A OE2 
565 N N   . GLU A 73 ? 0.0542 0.0860 0.0714 -0.0044 -0.0005 0.0103  293 GLU A N   
566 C CA  . GLU A 73 ? 0.0486 0.0956 0.0720 -0.0006 -0.0055 0.0071  293 GLU A CA  
567 C C   . GLU A 73 ? 0.0574 0.0766 0.0506 -0.0122 0.0067  -0.0123 293 GLU A C   
568 O O   . GLU A 73 ? 0.0599 0.0906 0.0765 -0.0098 -0.0042 0.0149  293 GLU A O   
569 C CB  . GLU A 73 ? 0.0866 0.0997 0.0883 -0.0080 -0.0254 0.0020  293 GLU A CB  
570 C CG  . GLU A 73 ? 0.1073 0.1359 0.1441 -0.0227 -0.0165 0.0073  293 GLU A CG  
571 C CD  . GLU A 73 ? 0.1487 0.1667 0.2445 -0.0198 -0.0236 -0.0126 293 GLU A CD  
572 O OE1 . GLU A 73 ? 0.1422 0.2159 0.1665 -0.0502 0.0007  -0.0269 293 GLU A OE1 
573 O OE2 . GLU A 73 ? 0.1862 0.2078 0.3838 -0.0500 -0.0129 0.0092  293 GLU A OE2 
574 N N   . ALA A 74 ? 0.0542 0.0719 0.0513 0.0007  0.0025  0.0083  294 ALA A N   
575 C CA  . ALA A 74 ? 0.0630 0.0687 0.0545 0.0017  0.0040  -0.0012 294 ALA A CA  
576 C C   . ALA A 74 ? 0.0358 0.0975 0.0497 -0.0038 0.0062  0.0081  294 ALA A C   
577 O O   . ALA A 74 ? 0.0488 0.0769 0.0472 -0.0069 0.0107  0.0014  294 ALA A O   
578 C CB  . ALA A 74 ? 0.0489 0.1090 0.0562 0.0120  -0.0007 -0.0013 294 ALA A CB  
579 N N   . VAL A 75 ? 0.0558 0.0619 0.0592 -0.0023 0.0137  0.0078  295 VAL A N   
580 C CA  . VAL A 75 ? 0.0640 0.0800 0.0705 -0.0041 0.0013  0.0081  295 VAL A CA  
581 C C   . VAL A 75 ? 0.0810 0.0888 0.0710 -0.0053 0.0244  -0.0127 295 VAL A C   
582 O O   . VAL A 75 ? 0.0828 0.0882 0.0705 0.0063  0.0134  0.0000  295 VAL A O   
583 C CB  . VAL A 75 ? 0.0665 0.0960 0.0579 -0.0042 -0.0005 0.0027  295 VAL A CB  
584 C CG1 . VAL A 75 ? 0.1028 0.0936 0.0863 -0.0063 0.0292  -0.0113 295 VAL A CG1 
585 C CG2 . VAL A 75 ? 0.0973 0.1199 0.0553 -0.0034 0.0055  -0.0069 295 VAL A CG2 
586 N N   . ALA A 76 ? 0.0652 0.0877 0.0694 0.0218  0.0142  0.0055  296 ALA A N   
587 C CA  . ALA A 76 ? 0.0811 0.0966 0.0929 0.0025  0.0155  0.0172  296 ALA A CA  
588 C C   . ALA A 76 ? 0.0566 0.1054 0.0829 0.0045  0.0061  -0.0001 296 ALA A C   
589 O O   . ALA A 76 ? 0.0681 0.1186 0.0846 0.0003  -0.0027 0.0170  296 ALA A O   
590 C CB  . ALA A 76 ? 0.0755 0.1425 0.1230 0.0019  -0.0027 0.0281  296 ALA A CB  
591 N N   . SER A 77 ? 0.0601 0.1086 0.0632 0.0056  -0.0012 0.0026  297 SER A N   
592 C CA  A SER A 77 ? 0.0546 0.0987 0.0718 0.0031  0.0050  -0.0079 297 SER A CA  
593 C CA  B SER A 77 ? 0.0627 0.0923 0.0693 0.0018  0.0012  -0.0024 297 SER A CA  
594 C C   . SER A 77 ? 0.0623 0.0893 0.0734 -0.0032 0.0124  -0.0041 297 SER A C   
595 O O   . SER A 77 ? 0.1356 0.1002 0.0708 -0.0173 -0.0304 0.0058  297 SER A O   
596 C CB  A SER A 77 ? 0.0857 0.0993 0.0871 -0.0010 0.0139  0.0008  297 SER A CB  
597 C CB  B SER A 77 ? 0.0617 0.0782 0.0674 -0.0040 -0.0007 -0.0006 297 SER A CB  
598 O OG  A SER A 77 ? 0.0849 0.1298 0.1154 -0.0079 -0.0129 0.0125  297 SER A OG  
599 O OG  B SER A 77 ? 0.0323 0.0675 0.0273 -0.0162 -0.0001 0.0034  297 SER A OG  
600 N N   . LEU A 78 ? 0.0521 0.1053 0.0601 -0.0111 -0.0009 -0.0005 298 LEU A N   
601 C CA  . LEU A 78 ? 0.0766 0.1065 0.0672 -0.0133 0.0224  0.0017  298 LEU A CA  
602 C C   . LEU A 78 ? 0.0932 0.1215 0.0749 0.0020  0.0116  0.0120  298 LEU A C   
603 O O   . LEU A 78 ? 0.1514 0.1060 0.1085 0.0002  0.0069  0.0121  298 LEU A O   
604 C CB  . LEU A 78 ? 0.0852 0.1070 0.0823 -0.0024 0.0079  -0.0200 298 LEU A CB  
605 C CG  . LEU A 78 ? 0.0672 0.1128 0.0866 0.0040  0.0039  -0.0167 298 LEU A CG  
606 C CD1 . LEU A 78 ? 0.0748 0.1584 0.1147 0.0040  -0.0003 0.0179  298 LEU A CD1 
607 C CD2 . LEU A 78 ? 0.0716 0.1042 0.0897 -0.0090 0.0176  -0.0172 298 LEU A CD2 
608 N N   . LYS A 79 ? 0.1037 0.1125 0.1010 0.0235  0.0262  0.0187  299 LYS A N   
609 C CA  . LYS A 79 ? 0.1349 0.1341 0.1136 0.0318  0.0563  0.0110  299 LYS A CA  
610 C C   . LYS A 79 ? 0.0944 0.1503 0.1349 0.0358  0.0452  0.0471  299 LYS A C   
611 O O   . LYS A 79 ? 0.2228 0.1717 0.2288 0.0962  0.0432  0.0380  299 LYS A O   
612 C CB  . LYS A 79 ? 0.1770 0.1462 0.1714 0.0408  0.0637  0.0173  299 LYS A CB  
613 C CG  . LYS A 79 ? 0.2022 0.1582 0.1278 0.0504  0.0967  -0.0103 299 LYS A CG  
614 C CD  . LYS A 79 ? 0.2464 0.2215 0.1389 0.0277  0.0367  0.0153  299 LYS A CD  
615 C CE  . LYS A 79 ? 0.2559 0.2279 0.2206 0.0131  0.0115  -0.0015 299 LYS A CE  
616 N NZ  . LYS A 79 ? 0.3342 0.3300 0.2909 -0.0112 -0.0325 -0.0287 299 LYS A NZ  
617 N N   A ASN A 80 ? 0.0570 0.1377 0.1482 0.0183  0.0247  0.0542  300 ASN A N   
618 N N   B ASN A 80 ? 0.1271 0.1922 0.1819 0.0226  0.0036  0.0268  300 ASN A N   
619 C CA  A ASN A 80 ? 0.0552 0.1510 0.1785 -0.0147 0.0043  0.0455  300 ASN A CA  
620 C CA  B ASN A 80 ? 0.0992 0.1633 0.1816 -0.0005 -0.0016 0.0358  300 ASN A CA  
621 C C   A ASN A 80 ? 0.1792 0.1276 0.1805 0.0045  -0.0224 0.0546  300 ASN A C   
622 C C   B ASN A 80 ? 0.1559 0.1121 0.1144 0.0057  -0.0310 0.0301  300 ASN A C   
623 O O   A ASN A 80 ? 0.2932 0.2372 0.2432 -0.0279 -0.0501 0.0422  300 ASN A O   
624 O O   B ASN A 80 ? 0.1731 0.1672 0.1312 0.0398  -0.0785 0.0083  300 ASN A O   
625 C CB  A ASN A 80 ? 0.0902 0.1765 0.0784 -0.0003 0.0099  0.0048  300 ASN A CB  
626 C CB  B ASN A 80 ? 0.1564 0.1858 0.1963 -0.0073 -0.0045 -0.0013 300 ASN A CB  
627 C CG  A ASN A 80 ? 0.1247 0.1253 0.0876 -0.0037 0.0151  0.0115  300 ASN A CG  
628 C CG  B ASN A 80 ? 0.2006 0.2053 0.2352 -0.0320 0.0101  -0.0143 300 ASN A CG  
629 O OD1 A ASN A 80 ? 0.1408 0.1925 0.1703 -0.0179 0.0380  -0.0313 300 ASN A OD1 
630 O OD1 B ASN A 80 ? 0.0817 0.3148 0.2552 0.0324  -0.0036 -0.0271 300 ASN A OD1 
631 N ND2 A ASN A 80 ? 0.1074 0.1962 0.1491 0.0072  -0.0339 -0.0487 300 ASN A ND2 
632 N ND2 B ASN A 80 ? 0.1795 0.2166 0.2121 -0.0179 -0.0284 0.0116  300 ASN A ND2 
633 N N   A THR A 81 ? 0.1667 0.1435 0.1455 -0.0185 0.0086  0.0654  301 THR A N   
634 N N   B THR A 81 ? 0.1212 0.1078 0.1186 -0.0056 -0.0261 -0.0027 301 THR A N   
635 C CA  A THR A 81 ? 0.1421 0.1442 0.1948 -0.0215 0.0200  0.0535  301 THR A CA  
636 C CA  B THR A 81 ? 0.1414 0.0954 0.1311 -0.0079 0.0146  0.0075  301 THR A CA  
637 C C   A THR A 81 ? 0.1635 0.1851 0.2065 0.0192  0.0263  -0.0025 301 THR A C   
638 C C   B THR A 81 ? 0.1299 0.1045 0.1022 -0.0281 0.0323  -0.0011 301 THR A C   
639 O O   A THR A 81 ? 0.2297 0.1302 0.2187 0.0096  0.0463  0.0231  301 THR A O   
640 O O   B THR A 81 ? 0.1465 0.2134 0.1580 0.0021  0.0575  -0.0576 301 THR A O   
641 C CB  A THR A 81 ? 0.1270 0.1217 0.1670 0.0113  0.0088  0.0505  301 THR A CB  
642 C CB  B THR A 81 ? 0.1391 0.1333 0.1382 -0.0277 0.0004  0.0067  301 THR A CB  
643 O OG1 A THR A 81 ? 0.1690 0.1189 0.1763 0.0119  0.0236  0.0286  301 THR A OG1 
644 O OG1 B THR A 81 ? 0.2051 0.1228 0.1591 -0.0022 0.0137  -0.0272 301 THR A OG1 
645 C CG2 A THR A 81 ? 0.2040 0.1245 0.1873 0.0263  0.0377  0.0251  301 THR A CG2 
646 C CG2 B THR A 81 ? 0.1154 0.1184 0.1648 -0.0312 0.0075  -0.0062 301 THR A CG2 
647 N N   A SER A 82 ? 0.1617 0.1677 0.1960 0.0021  0.0318  0.0140  302 SER A N   
648 N N   B SER A 82 ? 0.1121 0.1143 0.1371 -0.0125 0.0392  0.0141  302 SER A N   
649 C CA  A SER A 82 ? 0.1513 0.1529 0.1871 0.0042  0.0322  -0.0201 302 SER A CA  
650 C CA  B SER A 82 ? 0.1922 0.1405 0.2048 -0.0006 0.0261  0.0067  302 SER A CA  
651 C C   A SER A 82 ? 0.1307 0.1488 0.1453 0.0287  -0.0072 -0.0272 302 SER A C   
652 C C   B SER A 82 ? 0.1945 0.1533 0.2668 -0.0033 -0.0319 0.0445  302 SER A C   
653 O O   A SER A 82 ? 0.1728 0.1067 0.1560 -0.0267 -0.0293 -0.0115 302 SER A O   
654 O O   B SER A 82 ? 0.3122 0.3143 0.3039 0.0177  0.0528  -0.0157 302 SER A O   
655 C CB  A SER A 82 ? 0.1723 0.0976 0.2200 0.0227  0.0126  -0.0164 302 SER A CB  
656 C CB  B SER A 82 ? 0.1240 0.2396 0.2899 -0.0402 -0.0254 -0.0074 302 SER A CB  
657 O OG  A SER A 82 ? 0.1957 0.1799 0.2455 -0.0003 -0.0203 -0.0311 302 SER A OG  
658 O OG  B SER A 82 ? 0.3347 0.3168 0.3134 -0.0182 0.0064  0.0393  302 SER A OG  
659 N N   A ASP A 83 ? 0.0999 0.1587 0.2168 0.0036  0.0237  -0.0228 303 ASP A N   
660 N N   B ASP A 83 ? 0.1659 0.1856 0.2426 -0.0061 0.0275  -0.0027 303 ASP A N   
661 C CA  A ASP A 83 ? 0.1436 0.1462 0.1638 0.0132  -0.0383 -0.0754 303 ASP A CA  
662 C CA  B ASP A 83 ? 0.1557 0.1569 0.1800 0.0211  -0.0304 -0.0653 303 ASP A CA  
663 C C   . ASP A 83 ? 0.1260 0.0998 0.2128 -0.0030 0.0082  -0.0335 303 ASP A C   
664 O O   . ASP A 83 ? 0.1393 0.1505 0.2019 -0.0049 -0.0299 0.0044  303 ASP A O   
665 C CB  . ASP A 83 ? 0.1960 0.1797 0.2232 -0.0002 -0.0007 -0.0261 303 ASP A CB  
666 C CG  . ASP A 83 ? 0.2021 0.1948 0.2664 0.0607  0.0096  0.0051  303 ASP A CG  
667 O OD1 . ASP A 83 ? 0.2613 0.3370 0.2949 0.0096  -0.0608 -0.0371 303 ASP A OD1 
668 O OD2 . ASP A 83 ? 0.1499 0.2054 0.2037 0.0121  0.0128  0.0505  303 ASP A OD2 
669 N N   . MET A 84 ? 0.1016 0.1357 0.2259 0.0248  0.0048  -0.0940 304 MET A N   
670 C CA  . MET A 84 ? 0.1207 0.1079 0.1576 0.0067  -0.0267 -0.0397 304 MET A CA  
671 C C   . MET A 84 ? 0.1111 0.1206 0.1761 -0.0326 -0.0295 -0.0191 304 MET A C   
672 O O   . MET A 84 ? 0.1002 0.1325 0.1796 -0.0060 -0.0235 -0.0244 304 MET A O   
673 C CB  . MET A 84 ? 0.1894 0.1629 0.1587 -0.0248 -0.0649 -0.0399 304 MET A CB  
674 C CG  . MET A 84 ? 0.2255 0.1578 0.2252 0.0043  -0.0598 -0.0111 304 MET A CG  
675 S SD  . MET A 84 ? 0.1920 0.1134 0.1474 -0.0196 -0.0158 -0.0063 304 MET A SD  
676 C CE  . MET A 84 ? 0.2045 0.0948 0.1576 0.0034  0.0231  0.0151  304 MET A CE  
677 N N   . VAL A 85 ? 0.0468 0.0824 0.1098 -0.0014 -0.0062 -0.0128 305 VAL A N   
678 C CA  . VAL A 85 ? 0.0401 0.0823 0.0835 -0.0024 -0.0080 0.0006  305 VAL A CA  
679 C C   . VAL A 85 ? 0.0482 0.0565 0.0752 -0.0090 -0.0028 -0.0072 305 VAL A C   
680 O O   . VAL A 85 ? 0.0485 0.0941 0.0797 -0.0172 0.0036  -0.0250 305 VAL A O   
681 C CB  . VAL A 85 ? 0.0390 0.1016 0.0811 -0.0064 0.0069  -0.0221 305 VAL A CB  
682 C CG1 . VAL A 85 ? 0.0945 0.1059 0.0654 0.0038  0.0315  0.0092  305 VAL A CG1 
683 C CG2 . VAL A 85 ? 0.0778 0.1334 0.1102 0.0110  0.0383  -0.0378 305 VAL A CG2 
684 N N   . TYR A 86 ? 0.0369 0.0666 0.0742 -0.0146 -0.0043 -0.0030 306 TYR A N   
685 C CA  . TYR A 86 ? 0.0420 0.0489 0.0637 -0.0149 0.0127  -0.0139 306 TYR A CA  
686 C C   . TYR A 86 ? 0.0513 0.0541 0.0503 -0.0154 0.0095  -0.0070 306 TYR A C   
687 O O   . TYR A 86 ? 0.0473 0.0749 0.0634 -0.0232 -0.0007 -0.0024 306 TYR A O   
688 C CB  . TYR A 86 ? 0.0706 0.0594 0.0513 -0.0204 -0.0043 0.0005  306 TYR A CB  
689 C CG  . TYR A 86 ? 0.0640 0.0605 0.0502 -0.0092 -0.0003 -0.0018 306 TYR A CG  
690 C CD1 . TYR A 86 ? 0.0597 0.0692 0.0658 -0.0147 -0.0092 -0.0094 306 TYR A CD1 
691 C CD2 . TYR A 86 ? 0.0499 0.0867 0.0540 -0.0019 -0.0066 0.0069  306 TYR A CD2 
692 C CE1 . TYR A 86 ? 0.0628 0.0764 0.0523 -0.0011 0.0037  0.0011  306 TYR A CE1 
693 C CE2 . TYR A 86 ? 0.0618 0.0722 0.0662 -0.0100 -0.0032 0.0029  306 TYR A CE2 
694 C CZ  . TYR A 86 ? 0.0595 0.0793 0.0711 0.0030  -0.0066 -0.0058 306 TYR A CZ  
695 O OH  . TYR A 86 ? 0.0783 0.0764 0.0912 -0.0042 0.0167  -0.0177 306 TYR A OH  
696 N N   . LEU A 87 ? 0.0378 0.0510 0.0561 -0.0148 0.0114  -0.0005 307 LEU A N   
697 C CA  . LEU A 87 ? 0.0514 0.0503 0.0661 -0.0113 0.0050  -0.0012 307 LEU A CA  
698 C C   . LEU A 87 ? 0.0444 0.0620 0.0719 -0.0177 0.0030  -0.0018 307 LEU A C   
699 O O   . LEU A 87 ? 0.0642 0.0537 0.1289 -0.0136 0.0363  -0.0121 307 LEU A O   
700 C CB  . LEU A 87 ? 0.0528 0.0615 0.0671 -0.0186 0.0056  0.0006  307 LEU A CB  
701 C CG  . LEU A 87 ? 0.0721 0.0686 0.0606 -0.0068 0.0177  -0.0086 307 LEU A CG  
702 C CD1 . LEU A 87 ? 0.1071 0.1243 0.0803 -0.0416 0.0090  -0.0312 307 LEU A CD1 
703 C CD2 . LEU A 87 ? 0.0787 0.0772 0.0918 -0.0016 0.0217  -0.0192 307 LEU A CD2 
704 N N   . LYS A 88 ? 0.0335 0.0544 0.0633 -0.0104 0.0071  0.0061  308 LYS A N   
705 C CA  . LYS A 88 ? 0.0542 0.0521 0.0620 -0.0063 0.0222  0.0049  308 LYS A CA  
706 C C   . LYS A 88 ? 0.0612 0.0456 0.0537 -0.0060 0.0115  -0.0082 308 LYS A C   
707 O O   . LYS A 88 ? 0.0603 0.0610 0.0562 -0.0116 -0.0071 0.0102  308 LYS A O   
708 C CB  . LYS A 88 ? 0.0457 0.0643 0.0708 -0.0034 0.0070  -0.0013 308 LYS A CB  
709 C CG  . LYS A 88 ? 0.0730 0.0685 0.0676 -0.0029 0.0046  -0.0184 308 LYS A CG  
710 C CD  . LYS A 88 ? 0.0834 0.0748 0.0847 0.0196  -0.0028 -0.0215 308 LYS A CD  
711 C CE  . LYS A 88 ? 0.1068 0.0740 0.0885 0.0071  -0.0008 -0.0351 308 LYS A CE  
712 N NZ  . LYS A 88 ? 0.1225 0.0975 0.0911 0.0065  -0.0333 -0.0342 308 LYS A NZ  
713 N N   . VAL A 89 ? 0.0422 0.0627 0.0566 -0.0022 0.0059  0.0000  309 VAL A N   
714 C CA  . VAL A 89 ? 0.0557 0.0697 0.0516 -0.0119 0.0057  -0.0008 309 VAL A CA  
715 C C   . VAL A 89 ? 0.0452 0.0628 0.0631 -0.0183 -0.0065 -0.0010 309 VAL A C   
716 O O   . VAL A 89 ? 0.0597 0.0743 0.0767 -0.0006 0.0138  0.0049  309 VAL A O   
717 C CB  . VAL A 89 ? 0.0572 0.0795 0.0665 -0.0136 0.0017  0.0006  309 VAL A CB  
718 C CG1 . VAL A 89 ? 0.0769 0.0719 0.0852 -0.0217 0.0298  -0.0208 309 VAL A CG1 
719 C CG2 . VAL A 89 ? 0.0687 0.1046 0.0846 -0.0433 0.0006  -0.0276 309 VAL A CG2 
720 N N   . ALA A 90 ? 0.0568 0.0737 0.0574 -0.0047 0.0023  -0.0039 310 ALA A N   
721 C CA  . ALA A 90 ? 0.0475 0.1041 0.0660 0.0059  -0.0019 -0.0007 310 ALA A CA  
722 C C   . ALA A 90 ? 0.0716 0.0759 0.0687 0.0011  0.0032  0.0057  310 ALA A C   
723 O O   . ALA A 90 ? 0.0611 0.1245 0.0861 -0.0036 0.0005  -0.0012 310 ALA A O   
724 C CB  . ALA A 90 ? 0.0816 0.0879 0.1107 0.0183  -0.0036 -0.0022 310 ALA A CB  
725 N N   . LYS A 91 ? 0.0721 0.1091 0.0876 -0.0048 -0.0003 0.0082  311 LYS A N   
726 C CA  . LYS A 91 ? 0.0705 0.1045 0.0935 -0.0166 -0.0160 -0.0025 311 LYS A CA  
727 C C   . LYS A 91 ? 0.0876 0.1482 0.1076 -0.0261 -0.0202 -0.0019 311 LYS A C   
728 O O   . LYS A 91 ? 0.1235 0.1404 0.1413 0.0196  -0.0198 0.0088  311 LYS A O   
729 C CB  . LYS A 91 ? 0.0738 0.1322 0.1134 -0.0128 0.0257  0.0051  311 LYS A CB  
730 C CG  . LYS A 91 ? 0.1067 0.1582 0.1371 -0.0169 0.0239  0.0150  311 LYS A CG  
731 C CD  . LYS A 91 ? 0.1925 0.1420 0.1533 -0.0294 0.0290  0.0024  311 LYS A CD  
732 C CE  . LYS A 91 ? 0.1107 0.2461 0.1396 -0.0378 0.0240  -0.0226 311 LYS A CE  
733 N NZ  . LYS A 91 ? 0.0841 0.0937 0.1681 -0.0235 0.0064  0.0210  311 LYS A NZ  
734 N N   . PRO A 92 ? 0.0995 0.1512 0.1487 -0.0138 -0.0276 0.0064  312 PRO A N   
735 C CA  . PRO A 92 ? 0.1188 0.1632 0.1395 -0.0177 -0.0344 0.0236  312 PRO A CA  
736 C C   . PRO A 92 ? 0.1757 0.1917 0.2021 -0.0035 0.0004  0.0269  312 PRO A C   
737 O O   . PRO A 92 ? 0.0967 0.2230 0.2839 0.0213  0.0357  0.0177  312 PRO A O   
738 C CB  . PRO A 92 ? 0.1392 0.1701 0.1467 -0.0029 -0.0310 0.0171  312 PRO A CB  
739 C CG  . PRO A 92 ? 0.1440 0.1844 0.1402 -0.0032 -0.0331 0.0116  312 PRO A CG  
740 C CD  . PRO A 92 ? 0.1003 0.1895 0.1194 -0.0218 -0.0306 -0.0029 312 PRO A CD  
741 N N   . GLY A 93 ? 0.3055 0.2508 0.2746 0.0168  -0.0172 0.0029  313 GLY A N   
742 C CA  . GLY A 93 ? 0.2836 0.2968 0.2742 0.0239  -0.0008 -0.0111 313 GLY A CA  
743 C C   . GLY A 93 ? 0.3777 0.3832 0.3565 0.0398  -0.0160 0.0176  313 GLY A C   
744 O O   . GLY A 93 ? 0.4697 0.5306 0.5089 0.0096  0.0274  0.0106  313 GLY A O   
745 N N   . SER A 94 ? 0.3211 0.3196 0.3338 0.0554  -0.0124 0.0177  314 SER A N   
746 C CA  . SER A 94 ? 0.2686 0.2804 0.3017 0.0526  -0.0162 -0.0022 314 SER A CA  
747 C C   . SER A 94 ? 0.3285 0.3020 0.3242 0.0143  -0.0186 0.0084  314 SER A C   
748 O O   . SER A 94 ? 0.3592 0.3085 0.3766 -0.0097 -0.0097 -0.0041 314 SER A O   
749 C CB  . SER A 94 ? 0.2698 0.3037 0.2934 0.0238  0.0145  -0.0120 314 SER A CB  
750 O OG  . SER A 94 ? 0.3024 0.3094 0.3646 0.0012  0.0522  -0.0139 314 SER A OG  
751 O OXT . SER A 94 ? 0.2707 0.2434 0.2837 -0.0190 0.0366  -0.0005 314 SER A OXT 
752 S S   . SO4 B .  ? 0.1050 0.1028 0.2235 -0.0252 -0.0222 -0.0299 501 SO4 A S   
753 O O1  . SO4 B .  ? 0.0696 0.1311 0.0749 -0.0458 -0.0082 0.0236  501 SO4 A O1  
754 O O2  . SO4 B .  ? 0.1644 0.1564 0.2767 -0.0506 -0.0026 -0.0747 501 SO4 A O2  
755 O O3  . SO4 B .  ? 0.1460 0.1742 0.2784 -0.0520 0.0184  -0.0585 501 SO4 A O3  
756 O O4  . SO4 B .  ? 0.2223 0.1544 0.2420 0.0263  -0.0559 0.0535  501 SO4 A O4  
757 C C1  A GOL C .  ? 0.0286 0.0773 0.1258 -0.0128 0.0032  -0.0020 401 GOL A C1  
758 C C1  B GOL C .  ? 0.1470 0.1213 0.0410 -0.0541 0.0312  -0.0014 401 GOL A C1  
759 O O1  A GOL C .  ? 0.0548 0.1520 0.1430 -0.0466 0.0289  -0.0470 401 GOL A O1  
760 O O1  B GOL C .  ? 0.1070 0.1772 0.2228 -0.0055 0.0359  -0.0237 401 GOL A O1  
761 C C2  A GOL C .  ? 0.2596 0.3039 0.2069 -0.0045 0.0016  0.0101  401 GOL A C2  
762 C C2  B GOL C .  ? 0.2891 0.2221 0.1600 0.0184  -0.0639 0.0254  401 GOL A C2  
763 O O2  A GOL C .  ? 0.3466 0.3147 0.3545 0.0023  0.0117  0.0170  401 GOL A O2  
764 O O2  B GOL C .  ? 0.3793 0.3430 0.3799 -0.0207 0.0287  0.0005  401 GOL A O2  
765 C C3  A GOL C .  ? 0.2995 0.2774 0.3002 0.0031  -0.0034 0.0032  401 GOL A C3  
766 C C3  B GOL C .  ? 0.2759 0.2644 0.2401 -0.0059 0.0370  -0.0277 401 GOL A C3  
767 O O3  A GOL C .  ? 0.1884 0.2737 0.2310 0.0394  0.0881  0.0310  401 GOL A O3  
768 O O3  B GOL C .  ? 0.1470 0.2236 0.2503 0.0016  0.0405  0.0289  401 GOL A O3  
769 O O   . HOH D .  ? 0.0876 0.0681 0.0545 0.0017  -0.0054 -0.0032 1   HOH A O   
770 O O   . HOH D .  ? 0.0640 0.0642 0.0719 -0.0004 0.0066  -0.0081 2   HOH A O   
771 O O   . HOH D .  ? 0.0663 0.0802 0.0746 -0.0004 -0.0112 -0.0130 3   HOH A O   
772 O O   . HOH D .  ? 0.0608 0.0926 0.1222 -0.0096 -0.0035 -0.0183 4   HOH A O   
773 O O   . HOH D .  ? 0.0841 0.0964 0.0669 0.0050  0.0143  0.0112  5   HOH A O   
774 O O   . HOH D .  ? 0.1145 0.1201 0.0761 -0.0111 -0.0189 -0.0096 6   HOH A O   
775 O O   . HOH D .  ? 0.1245 0.0828 0.1278 0.0106  0.0153  0.0270  7   HOH A O   
776 O O   . HOH D .  ? 0.0862 0.1815 0.1418 0.0182  0.0227  -0.0017 8   HOH A O   
777 O O   . HOH D .  ? 0.1366 0.1031 0.0851 -0.0338 -0.0138 -0.0071 9   HOH A O   
778 O O   . HOH D .  ? 0.1610 0.0769 0.1593 -0.0111 0.0146  -0.0296 10  HOH A O   
779 O O   . HOH D .  ? 0.0942 0.1351 0.1475 -0.0052 0.0507  0.0057  11  HOH A O   
780 O O   . HOH D .  ? 0.0902 0.0896 0.1261 -0.0089 -0.0070 -0.0155 12  HOH A O   
781 O O   . HOH D .  ? 0.1224 0.1252 0.1154 -0.0019 0.0049  -0.0118 13  HOH A O   
782 O O   . HOH D .  ? 0.1152 0.1508 0.1655 0.0026  0.0440  -0.0262 14  HOH A O   
783 O O   . HOH D .  ? 0.1029 0.1511 0.1296 -0.0562 -0.0444 0.0601  15  HOH A O   
784 O O   . HOH D .  ? 0.1067 0.1158 0.1131 0.0012  0.0171  0.0127  16  HOH A O   
785 O O   . HOH D .  ? 0.0897 0.1420 0.1403 -0.0036 -0.0380 -0.0231 17  HOH A O   
786 O O   . HOH D .  ? 0.1914 0.0953 0.1263 -0.0296 -0.0775 0.0171  18  HOH A O   
787 O O   . HOH D .  ? 0.1364 0.1274 0.1227 -0.0056 -0.0285 0.0114  19  HOH A O   
788 O O   . HOH D .  ? 0.1182 0.1169 0.1557 -0.0206 0.0336  -0.0469 20  HOH A O   
789 O O   . HOH D .  ? 0.2877 0.0650 0.0807 0.0261  -0.0037 0.0032  21  HOH A O   
790 O O   . HOH D .  ? 0.1375 0.1138 0.1682 -0.0094 -0.0470 0.0208  22  HOH A O   
791 O O   . HOH D .  ? 0.1416 0.1083 0.1110 -0.0249 -0.0134 -0.0239 23  HOH A O   
792 O O   . HOH D .  ? 0.0853 0.1573 0.1090 -0.0234 -0.0025 -0.0022 24  HOH A O   
793 O O   . HOH D .  ? 0.1128 0.1200 0.1312 -0.0211 -0.0059 -0.0122 25  HOH A O   
794 O O   . HOH D .  ? 0.1061 0.1356 0.1062 -0.0097 -0.0186 0.0079  26  HOH A O   
795 O O   . HOH D .  ? 0.1153 0.0988 0.1215 -0.0104 0.0136  0.0134  27  HOH A O   
796 O O   . HOH D .  ? 0.0878 0.1395 0.1668 -0.0182 -0.0277 -0.0397 28  HOH A O   
797 O O   . HOH D .  ? 0.1055 0.1386 0.1157 -0.0274 -0.0141 -0.0030 29  HOH A O   
798 O O   . HOH D .  ? 0.1342 0.2004 0.1306 -0.0176 -0.0353 0.0119  30  HOH A O   
799 O O   . HOH D .  ? 0.1615 0.1538 0.1430 -0.0137 0.0002  -0.0375 31  HOH A O   
800 O O   . HOH D .  ? 0.1930 0.1795 0.1811 -0.0399 -0.0004 -0.0020 32  HOH A O   
801 O O   . HOH D .  ? 0.3089 0.3296 0.4203 0.0128  0.0196  0.0356  33  HOH A O   
802 O O   A HOH D .  ? 0.0819 0.0713 0.1053 0.0047  0.0274  0.0073  34  HOH A O   
803 O O   B HOH D .  ? 0.3188 0.2971 0.3388 0.0063  -0.0170 0.0014  34  HOH A O   
804 O O   . HOH D .  ? 0.1708 0.1475 0.1897 0.0412  -0.0197 -0.0006 35  HOH A O   
805 O O   . HOH D .  ? 0.1541 0.1135 0.1871 -0.0035 -0.0644 0.0075  36  HOH A O   
806 O O   . HOH D .  ? 0.1199 0.1773 0.1726 -0.0334 -0.0010 0.0335  37  HOH A O   
807 O O   . HOH D .  ? 0.1473 0.2282 0.3209 -0.0607 -0.0842 0.0687  38  HOH A O   
808 O O   . HOH D .  ? 0.2842 0.1680 0.1472 0.0255  -0.0483 -0.0089 39  HOH A O   
809 O O   . HOH D .  ? 0.1253 0.2543 0.1564 -0.0418 -0.0101 0.0037  40  HOH A O   
810 O O   . HOH D .  ? 0.1977 0.1647 0.3356 -0.0862 -0.0592 0.0646  41  HOH A O   
811 O O   . HOH D .  ? 0.1313 0.1416 0.2849 -0.0263 -0.1049 -0.0529 42  HOH A O   
812 O O   . HOH D .  ? 0.1148 0.2147 0.2051 0.0002  -0.0120 -0.0770 43  HOH A O   
813 O O   . HOH D .  ? 0.0877 0.1445 0.1480 -0.0065 -0.0065 -0.0036 44  HOH A O   
814 O O   . HOH D .  ? 0.1511 0.1784 0.1928 0.0208  0.0257  0.0428  45  HOH A O   
815 O O   A HOH D .  ? 0.0622 0.1208 0.1223 -0.0263 -0.0138 0.0044  46  HOH A O   
816 O O   B HOH D .  ? 0.2108 0.2709 0.2221 0.0160  0.0563  0.0049  46  HOH A O   
817 O O   . HOH D .  ? 0.1517 0.1362 0.1821 -0.0545 -0.0967 0.0281  47  HOH A O   
818 O O   . HOH D .  ? 0.1413 0.1429 0.1435 -0.0223 -0.0050 -0.0305 48  HOH A O   
819 O O   . HOH D .  ? 0.1989 0.0880 0.1852 -0.0023 -0.0470 0.0189  49  HOH A O   
820 O O   . HOH D .  ? 0.2151 0.2165 0.2388 0.0878  -0.1210 -0.1055 50  HOH A O   
821 O O   . HOH D .  ? 0.1863 0.1952 0.1462 0.0557  0.0260  0.0248  51  HOH A O   
822 O O   . HOH D .  ? 0.2044 0.2778 0.1497 0.0527  -0.0051 -0.0876 52  HOH A O   
823 O O   . HOH D .  ? 0.1667 0.1559 0.2760 -0.0185 -0.0084 0.0097  53  HOH A O   
824 O O   . HOH D .  ? 0.1351 0.1632 0.1515 -0.0180 0.0113  -0.0069 54  HOH A O   
825 O O   . HOH D .  ? 0.2509 0.1499 0.2118 -0.0350 -0.0206 0.0226  55  HOH A O   
826 O O   . HOH D .  ? 0.1582 0.3001 0.1580 -0.0732 0.0021  0.0132  56  HOH A O   
827 O O   . HOH D .  ? 0.2216 0.3003 0.1663 0.0635  0.0796  -0.0070 57  HOH A O   
828 O O   . HOH D .  ? 0.2081 0.1957 0.2253 0.0006  -0.0150 -0.0249 58  HOH A O   
829 O O   . HOH D .  ? 0.2155 0.2671 0.1138 0.0760  -0.0297 -0.0633 59  HOH A O   
830 O O   . HOH D .  ? 0.2237 0.3534 0.1956 -0.0355 -0.0237 -0.0756 60  HOH A O   
831 O O   . HOH D .  ? 0.2013 0.2861 0.2351 -0.0723 -0.0382 -0.0362 61  HOH A O   
832 O O   . HOH D .  ? 0.2279 0.3256 0.1700 0.0314  -0.0265 0.0132  62  HOH A O   
833 O O   . HOH D .  ? 0.2528 0.1902 0.1949 -0.0070 -0.0412 -0.0540 63  HOH A O   
834 O O   . HOH D .  ? 0.1795 0.2445 0.1981 0.0462  0.0301  0.0056  64  HOH A O   
835 O O   . HOH D .  ? 0.2165 0.2895 0.2806 0.0728  -0.0016 0.0225  65  HOH A O   
836 O O   . HOH D .  ? 0.1775 0.1883 0.1565 -0.0199 -0.0286 0.0290  66  HOH A O   
837 O O   . HOH D .  ? 0.3439 0.2789 0.2799 -0.0184 -0.0236 0.0102  67  HOH A O   
838 O O   . HOH D .  ? 0.1582 0.2744 0.2142 0.0279  0.0243  0.0231  68  HOH A O   
839 O O   . HOH D .  ? 0.1810 0.2091 0.1378 -0.0288 0.0066  0.0067  69  HOH A O   
840 O O   . HOH D .  ? 0.1752 0.2410 0.2099 -0.0031 0.0112  -0.0249 70  HOH A O   
841 O O   A HOH D .  ? 0.1975 0.1294 0.1544 -0.0157 0.0122  0.0126  71  HOH A O   
842 O O   B HOH D .  ? 0.2734 0.2420 0.1934 -0.0072 0.0059  -0.0032 71  HOH A O   
843 O O   . HOH D .  ? 0.2465 0.3084 0.3489 0.0237  0.0252  -0.0177 72  HOH A O   
844 O O   . HOH D .  ? 0.3367 0.2663 0.1738 0.0372  -0.0168 0.0045  73  HOH A O   
845 O O   . HOH D .  ? 0.2267 0.2469 0.1813 0.0814  -0.0062 0.0317  74  HOH A O   
846 O O   . HOH D .  ? 0.3140 0.2243 0.3069 -0.0034 0.0231  -0.0113 75  HOH A O   
847 O O   . HOH D .  ? 0.1972 0.2900 0.3011 -0.0124 -0.1100 -0.0369 76  HOH A O   
848 O O   . HOH D .  ? 0.2251 0.3078 0.2986 -0.0395 -0.0352 -0.0192 77  HOH A O   
849 O O   A HOH D .  ? 0.1405 0.1600 0.1639 -0.0187 -0.0046 -0.0255 78  HOH A O   
850 O O   B HOH D .  ? 0.3073 0.2107 0.2706 -0.0055 -0.0255 -0.0668 78  HOH A O   
851 O O   . HOH D .  ? 0.1538 0.1637 0.4407 -0.0195 0.0642  -0.0094 79  HOH A O   
852 O O   . HOH D .  ? 0.2216 0.3016 0.3286 -0.0053 0.0390  -0.0231 80  HOH A O   
853 O O   . HOH D .  ? 0.2743 0.2225 0.2052 -0.0446 0.0910  -0.0517 81  HOH A O   
854 O O   . HOH D .  ? 0.1905 0.2696 0.2397 0.0370  -0.0356 -0.0386 82  HOH A O   
855 O O   . HOH D .  ? 0.2002 0.2611 0.2696 -0.0240 -0.0023 0.0166  83  HOH A O   
856 O O   . HOH D .  ? 0.2152 0.1786 0.2758 0.0029  0.1098  -0.0231 84  HOH A O   
857 O O   . HOH D .  ? 0.2348 0.2212 0.3267 0.0043  -0.0495 -0.0425 85  HOH A O   
858 O O   . HOH D .  ? 0.2777 0.3046 0.1749 0.0223  -0.0398 -0.0369 86  HOH A O   
859 O O   . HOH D .  ? 0.2558 0.2683 0.2864 -0.0228 -0.0558 0.0071  87  HOH A O   
860 O O   . HOH D .  ? 0.3685 0.2545 0.2289 0.0021  -0.0465 -0.0785 88  HOH A O   
861 O O   . HOH D .  ? 0.2210 0.3219 0.2639 -0.0287 -0.0041 -0.0134 89  HOH A O   
862 O O   . HOH D .  ? 0.1784 0.4302 0.2202 0.0480  -0.0643 -0.0717 90  HOH A O   
863 O O   . HOH D .  ? 0.2430 0.2862 0.3031 -0.0327 -0.0450 0.0420  91  HOH A O   
864 O O   A HOH D .  ? 0.2118 0.2429 0.2586 -0.0401 -0.0268 -0.0605 92  HOH A O   
865 O O   B HOH D .  ? 0.2909 0.3807 0.2983 -0.0008 -0.0157 -0.0085 92  HOH A O   
866 O O   . HOH D .  ? 0.2794 0.1928 0.3164 -0.0148 0.0289  -0.0312 93  HOH A O   
867 O O   . HOH D .  ? 0.2758 0.3165 0.3082 -0.0433 -0.0885 -0.0333 94  HOH A O   
868 O O   . HOH D .  ? 0.2283 0.2103 0.2503 -0.0528 -0.0006 -0.0008 95  HOH A O   
869 O O   . HOH D .  ? 0.3449 0.2649 0.3460 -0.0129 -0.0018 -0.0300 96  HOH A O   
870 O O   . HOH D .  ? 0.2443 0.3347 0.2795 0.0231  0.0251  -0.0134 97  HOH A O   
871 O O   A HOH D .  ? 0.2606 0.2223 0.2674 -0.0139 0.0087  -0.0217 98  HOH A O   
872 O O   B HOH D .  ? 0.1963 0.1843 0.2409 -0.0298 -0.0027 -0.0156 98  HOH A O   
873 O O   . HOH D .  ? 0.2243 0.2496 0.2767 -0.0165 0.0109  0.0124  99  HOH A O   
874 O O   A HOH D .  ? 0.2241 0.1589 0.2228 0.0272  0.0012  -0.0262 101 HOH A O   
875 O O   B HOH D .  ? 0.2502 0.2467 0.2939 -0.0149 -0.0233 0.0223  101 HOH A O   
876 O O   . HOH D .  ? 0.3739 0.3081 0.2703 0.0027  -0.0051 -0.0091 103 HOH A O   
877 O O   . HOH D .  ? 0.2462 0.2856 0.2770 0.0502  -0.0067 -0.0069 104 HOH A O   
878 O O   . HOH D .  ? 0.3610 0.4079 0.2915 -0.0286 0.0059  0.0113  105 HOH A O   
879 O O   . HOH D .  ? 0.2131 0.2483 0.2358 -0.0900 0.0030  0.0006  106 HOH A O   
880 O O   . HOH D .  ? 0.4367 0.2934 0.2975 -0.0025 0.0417  0.1059  107 HOH A O   
881 O O   . HOH D .  ? 0.2726 0.2142 0.2498 -0.0177 0.0511  -0.0395 108 HOH A O   
882 O O   . HOH D .  ? 0.2348 0.2839 0.2755 0.0180  -0.0747 -0.0452 109 HOH A O   
883 O O   . HOH D .  ? 0.3835 0.3543 0.2965 0.0935  -0.0058 0.0090  110 HOH A O   
884 O O   . HOH D .  ? 0.3050 0.1955 0.2789 0.0135  -0.0882 0.0299  111 HOH A O   
885 O O   . HOH D .  ? 0.4012 0.3190 0.3697 -0.0047 -0.0038 -0.0029 112 HOH A O   
886 O O   . HOH D .  ? 0.4940 0.3044 0.4402 0.0008  0.0289  0.0268  113 HOH A O   
887 O O   . HOH D .  ? 0.4500 0.4334 0.4278 0.0168  0.0125  -0.0137 114 HOH A O   
888 O O   . HOH D .  ? 0.3564 0.3690 0.3885 -0.0299 -0.0648 -0.0210 115 HOH A O   
889 O O   A HOH D .  ? 0.2317 0.2629 0.2451 0.0382  0.0114  0.0341  116 HOH A O   
890 O O   . HOH D .  ? 0.3620 0.3899 0.3719 -0.0161 -0.0084 0.0242  117 HOH A O   
891 O O   . HOH D .  ? 0.3386 0.2981 0.3077 0.0075  -0.0307 -0.0746 118 HOH A O   
892 O O   . HOH D .  ? 0.3163 0.4429 0.3606 -0.0093 -0.0059 -0.0452 119 HOH A O   
893 O O   . HOH D .  ? 0.4368 0.3676 0.4193 -0.0137 -0.0134 0.0088  120 HOH A O   
894 O O   . HOH D .  ? 0.3748 0.4057 0.4340 0.0170  -0.0622 0.0235  121 HOH A O   
895 O O   . HOH D .  ? 0.3087 0.4173 0.3809 0.0163  0.0111  -0.0358 122 HOH A O   
896 O O   . HOH D .  ? 0.0868 0.1086 0.1292 -0.0006 0.0265  0.0333  123 HOH A O   
897 O O   . HOH D .  ? 0.0976 0.1334 0.1628 0.0127  -0.0192 0.0255  124 HOH A O   
898 O O   . HOH D .  ? 0.0890 0.1228 0.1193 -0.0143 -0.0069 -0.0131 125 HOH A O   
899 O O   . HOH D .  ? 0.0961 0.1319 0.2882 -0.0093 0.0056  0.0428  126 HOH A O   
900 O O   . HOH D .  ? 0.1970 0.2053 0.1880 -0.0056 -0.0308 0.0049  127 HOH A O   
901 O O   A HOH D .  ? 0.1102 0.0916 0.1172 0.0010  -0.0137 -0.0279 128 HOH A O   
902 O O   . HOH D .  ? 0.3755 0.2071 0.1734 0.0176  0.0280  0.0494  129 HOH A O   
903 O O   . HOH D .  ? 0.2699 0.4014 0.2307 -0.0312 0.0547  -0.0069 130 HOH A O   
904 O O   A HOH D .  ? 0.1280 0.1857 0.2414 0.0082  0.0323  0.0542  131 HOH A O   
905 O O   B HOH D .  ? 0.3451 0.3820 0.3408 0.0250  -0.0029 -0.0308 131 HOH A O   
906 O O   A HOH D .  ? 0.2003 0.1669 0.1796 0.0315  -0.0144 -0.0063 132 HOH A O   
907 O O   B HOH D .  ? 0.2383 0.2136 0.2364 -0.0195 0.0028  0.0284  132 HOH A O   
908 O O   . HOH D .  ? 0.2405 0.4872 0.3033 -0.0175 -0.0805 0.0097  133 HOH A O   
909 O O   . HOH D .  ? 0.3479 0.3401 0.3086 -0.0261 0.0569  -0.0108 135 HOH A O   
910 O O   . HOH D .  ? 0.3422 0.3470 0.3404 -0.0450 -0.0759 0.0379  136 HOH A O   
911 O O   . HOH D .  ? 0.4317 0.4575 0.4453 -0.0186 -0.0173 -0.0107 137 HOH A O   
912 O O   . HOH D .  ? 0.3266 0.3421 0.3258 -0.0119 0.0087  -0.0032 138 HOH A O   
913 O O   . HOH D .  ? 0.4236 0.3830 0.3955 0.0142  -0.0312 -0.0005 139 HOH A O   
914 O O   . HOH D .  ? 0.2918 0.3453 0.3466 -0.0206 -0.0779 -0.0064 140 HOH A O   
915 O O   . HOH D .  ? 0.5739 0.5522 0.5455 0.0088  0.0193  -0.0367 141 HOH A O   
916 O O   A HOH D .  ? 0.1974 0.1868 0.2496 0.0255  0.0181  -0.0359 142 HOH A O   
917 O O   B HOH D .  ? 0.1875 0.2999 0.2755 -0.0034 0.0186  0.0100  142 HOH A O   
918 O O   . HOH D .  ? 0.3835 0.4193 0.3294 0.0031  0.0173  -0.0078 143 HOH A O   
919 O O   . HOH D .  ? 0.3493 0.3924 0.4075 -0.0193 -0.0145 -0.0331 144 HOH A O   
920 O O   . HOH D .  ? 0.3268 0.4011 0.3787 0.0349  -0.0154 -0.0328 146 HOH A O   
921 O O   . HOH D .  ? 0.4270 0.2697 0.2862 -0.0301 0.0266  -0.0659 148 HOH A O   
922 O O   . HOH D .  ? 0.3452 0.3607 0.3239 -0.0281 -0.0314 0.0340  149 HOH A O   
923 O O   . HOH D .  ? 0.4341 0.4642 0.4709 -0.0205 -0.0381 0.0148  150 HOH A O   
924 O O   . HOH D .  ? 0.4133 0.4725 0.4496 0.0104  -0.0147 0.0046  152 HOH A O   
925 O O   . HOH D .  ? 0.4165 0.4217 0.4637 0.0150  0.0346  0.0115  153 HOH A O   
926 O O   . HOH D .  ? 0.4599 0.4192 0.4944 0.0053  0.0188  -0.0148 154 HOH A O   
927 O O   . HOH D .  ? 0.4786 0.4428 0.4548 0.0118  0.0012  0.0081  155 HOH A O   
928 O O   . HOH D .  ? 0.3274 0.3359 0.3824 -0.0539 -0.0755 -0.0072 156 HOH A O   
929 O O   . HOH D .  ? 0.4903 0.5226 0.4830 0.0145  0.0004  -0.0072 157 HOH A O   
930 O O   . HOH D .  ? 0.4667 0.5015 0.5085 0.0012  0.0047  0.0054  158 HOH A O   
931 O O   . HOH D .  ? 0.4086 0.4763 0.4570 0.0117  -0.0149 -0.0032 159 HOH A O   
932 O O   . HOH D .  ? 0.3947 0.4427 0.4168 -0.0571 -0.0157 -0.0172 160 HOH A O   
933 O O   . HOH D .  ? 0.5996 0.5786 0.6035 -0.0019 0.0080  -0.0008 161 HOH A O   
934 O O   . HOH D .  ? 0.3307 0.3926 0.4054 -0.0236 -0.0505 0.0032  163 HOH A O   
935 O O   . HOH D .  ? 0.5821 0.5808 0.5764 -0.0045 -0.0065 0.0043  164 HOH A O   
936 O O   . HOH D .  ? 0.4199 0.4534 0.4438 0.0203  -0.0136 -0.0307 165 HOH A O   
937 O O   . HOH D .  ? 0.1762 0.1501 0.1772 -0.0723 -0.0676 0.0004  166 HOH A O   
938 O O   A HOH D .  ? 0.1407 0.1584 0.1107 0.0021  0.0162  0.0008  167 HOH A O   
939 O O   B HOH D .  ? 0.2218 0.2145 0.1400 -0.0250 -0.0167 -0.0158 167 HOH A O   
940 O O   . HOH D .  ? 0.1835 0.2355 0.1948 -0.0477 -0.0055 -0.0610 168 HOH A O   
941 O O   A HOH D .  ? 0.1436 0.1238 0.1824 0.0221  0.0234  0.0087  169 HOH A O   
942 O O   B HOH D .  ? 0.2414 0.1716 0.1941 -0.0046 -0.0797 -0.0092 169 HOH A O   
943 O O   . HOH D .  ? 0.3261 0.3768 0.2805 0.0291  0.1148  0.0217  170 HOH A O   
944 O O   . HOH D .  ? 0.4778 0.4993 0.4538 0.0029  -0.0286 0.0288  172 HOH A O   
945 O O   . HOH D .  ? 0.3441 0.2686 0.3726 -0.0102 0.0454  0.0354  175 HOH A O   
946 O O   . HOH D .  ? 0.2358 0.4379 0.3435 0.0497  0.0110  -0.0055 176 HOH A O   
947 O O   A HOH D .  ? 0.2566 0.2128 0.2375 -0.0406 0.0120  -0.0309 177 HOH A O   
948 O O   . HOH D .  ? 0.4846 0.5141 0.5266 -0.0147 -0.0018 0.0012  179 HOH A O   
949 O O   . HOH D .  ? 0.5912 0.5940 0.5986 -0.0141 -0.0018 0.0012  181 HOH A O   
950 O O   . HOH D .  ? 0.3402 0.3500 0.3074 -0.0284 0.0203  -0.0078 182 HOH A O   
951 O O   . HOH D .  ? 0.5609 0.5822 0.5495 0.0184  -0.0086 -0.0101 183 HOH A O   
952 O O   . HOH D .  ? 0.2138 0.2204 0.3262 -0.0022 -0.0060 0.0033  185 HOH A O   
953 O O   . HOH D .  ? 0.3007 0.3837 0.3092 -0.0572 -0.0136 -0.0279 191 HOH A O   
# 
loop_
_pdbx_poly_seq_scheme.asym_id 
_pdbx_poly_seq_scheme.entity_id 
_pdbx_poly_seq_scheme.seq_id 
_pdbx_poly_seq_scheme.mon_id 
_pdbx_poly_seq_scheme.ndb_seq_num 
_pdbx_poly_seq_scheme.pdb_seq_num 
_pdbx_poly_seq_scheme.auth_seq_num 
_pdbx_poly_seq_scheme.pdb_mon_id 
_pdbx_poly_seq_scheme.auth_mon_id 
_pdbx_poly_seq_scheme.pdb_strand_id 
_pdbx_poly_seq_scheme.pdb_ins_code 
_pdbx_poly_seq_scheme.hetero 
A 1 1  SER 1  221 221 SER SER A . n 
A 1 2  MET 2  222 222 MET MET A . n 
A 1 3  THR 3  223 223 THR THR A . n 
A 1 4  ILE 4  224 224 ILE ILE A . n 
A 1 5  MET 5  225 225 MET MET A . n 
A 1 6  GLU 6  226 226 GLU GLU A . n 
A 1 7  VAL 7  227 227 VAL VAL A . n 
A 1 8  ASN 8  228 228 ASN ASN A . n 
A 1 9  LEU 9  229 229 LEU LEU A . n 
A 1 10 LEU 10 230 230 LEU LEU A . n 
A 1 11 LYS 11 231 231 LYS LYS A . n 
A 1 12 GLY 12 232 232 GLY GLY A . n 
A 1 13 PRO 13 233 233 PRO PRO A . n 
A 1 14 LYS 14 234 234 LYS LYS A . n 
A 1 15 GLY 15 235 235 GLY GLY A . n 
A 1 16 LEU 16 236 236 LEU LEU A . n 
A 1 17 GLY 17 237 237 GLY GLY A . n 
A 1 18 PHE 18 238 238 PHE PHE A . n 
A 1 19 SER 19 239 239 SER SER A . n 
A 1 20 ILE 20 240 240 ILE ILE A . n 
A 1 21 ALA 21 241 241 ALA ALA A . n 
A 1 22 GLY 22 242 242 GLY GLY A . n 
A 1 23 GLY 23 243 243 GLY GLY A . n 
A 1 24 ILE 24 244 244 ILE ILE A . n 
A 1 25 GLY 25 245 245 GLY GLY A . n 
A 1 26 ASN 26 246 246 ASN ASN A . n 
A 1 27 GLN 27 247 247 GLN GLN A . n 
A 1 28 HIS 28 248 248 HIS HIS A . n 
A 1 29 ILE 29 249 249 ILE ILE A . n 
A 1 30 PRO 30 250 250 PRO PRO A . n 
A 1 31 GLY 31 251 251 GLY GLY A . n 
A 1 32 ASP 32 252 252 ASP ASP A . n 
A 1 33 ASN 33 253 253 ASN ASN A . n 
A 1 34 SER 34 254 254 SER SER A . n 
A 1 35 ILE 35 255 255 ILE ILE A . n 
A 1 36 TYR 36 256 256 TYR TYR A . n 
A 1 37 ILE 37 257 257 ILE ILE A . n 
A 1 38 THR 38 258 258 THR THR A . n 
A 1 39 LYS 39 259 259 LYS LYS A . n 
A 1 40 ILE 40 260 260 ILE ILE A . n 
A 1 41 ILE 41 261 261 ILE ILE A . n 
A 1 42 GLU 42 262 262 GLU GLU A . n 
A 1 43 GLY 43 263 263 GLY GLY A . n 
A 1 44 GLY 44 264 264 GLY GLY A . n 
A 1 45 ALA 45 265 265 ALA ALA A . n 
A 1 46 ALA 46 266 266 ALA ALA A . n 
A 1 47 GLN 47 267 267 GLN GLN A . n 
A 1 48 LYS 48 268 268 LYS LYS A . n 
A 1 49 ASP 49 269 269 ASP ASP A . n 
A 1 50 GLY 50 270 270 GLY GLY A . n 
A 1 51 ARG 51 271 271 ARG ARG A . n 
A 1 52 LEU 52 272 272 LEU LEU A . n 
A 1 53 GLN 53 273 273 GLN GLN A . n 
A 1 54 ILE 54 274 274 ILE ILE A . n 
A 1 55 GLY 55 275 275 GLY GLY A . n 
A 1 56 ASP 56 276 276 ASP ASP A . n 
A 1 57 ARG 57 277 277 ARG ARG A . n 
A 1 58 LEU 58 278 278 LEU LEU A . n 
A 1 59 LEU 59 279 279 LEU LEU A . n 
A 1 60 ALA 60 280 280 ALA ALA A . n 
A 1 61 VAL 61 281 281 VAL VAL A . n 
A 1 62 ASN 62 282 282 ASN ASN A . n 
A 1 63 ASN 63 283 283 ASN ASN A . n 
A 1 64 THR 64 284 284 THR THR A . n 
A 1 65 ASN 65 285 285 ASN ASN A . n 
A 1 66 LEU 66 286 286 LEU LEU A . n 
A 1 67 GLN 67 287 287 GLN GLN A . n 
A 1 68 ASP 68 288 288 ASP ASP A . n 
A 1 69 VAL 69 289 289 VAL VAL A . n 
A 1 70 ARG 70 290 290 ARG ARG A . n 
A 1 71 HIS 71 291 291 HIS HIS A . n 
A 1 72 GLU 72 292 292 GLU GLU A . n 
A 1 73 GLU 73 293 293 GLU GLU A . n 
A 1 74 ALA 74 294 294 ALA ALA A . n 
A 1 75 VAL 75 295 295 VAL VAL A . n 
A 1 76 ALA 76 296 296 ALA ALA A . n 
A 1 77 SER 77 297 297 SER SER A . n 
A 1 78 LEU 78 298 298 LEU LEU A . n 
A 1 79 LYS 79 299 299 LYS LYS A . n 
A 1 80 ASN 80 300 300 ASN ASN A . n 
A 1 81 THR 81 301 301 THR THR A . n 
A 1 82 SER 82 302 302 SER SER A . n 
A 1 83 ASP 83 303 303 ASP ASP A . n 
A 1 84 MET 84 304 304 MET MET A . n 
A 1 85 VAL 85 305 305 VAL VAL A . n 
A 1 86 TYR 86 306 306 TYR TYR A . n 
A 1 87 LEU 87 307 307 LEU LEU A . n 
A 1 88 LYS 88 308 308 LYS LYS A . n 
A 1 89 VAL 89 309 309 VAL VAL A . n 
A 1 90 ALA 90 310 310 ALA ALA A . n 
A 1 91 LYS 91 311 311 LYS LYS A . n 
A 1 92 PRO 92 312 312 PRO PRO A . n 
A 1 93 GLY 93 313 313 GLY GLY A . n 
A 1 94 SER 94 314 314 SER SER A . n 
# 
_pdbx_SG_project.id                    1 
_pdbx_SG_project.project_name          ? 
_pdbx_SG_project.full_name_of_center   'Structural Genomics Consortium' 
_pdbx_SG_project.initial_of_center     SGC 
# 
loop_
_pdbx_nonpoly_scheme.asym_id 
_pdbx_nonpoly_scheme.entity_id 
_pdbx_nonpoly_scheme.mon_id 
_pdbx_nonpoly_scheme.ndb_seq_num 
_pdbx_nonpoly_scheme.pdb_seq_num 
_pdbx_nonpoly_scheme.auth_seq_num 
_pdbx_nonpoly_scheme.pdb_mon_id 
_pdbx_nonpoly_scheme.auth_mon_id 
_pdbx_nonpoly_scheme.pdb_strand_id 
_pdbx_nonpoly_scheme.pdb_ins_code 
B 2 SO4 1   501 1   SO4 SO4 A . 
C 3 GOL 1   401 1   GOL GOL A . 
D 4 HOH 1   1   1   HOH HOH A . 
D 4 HOH 2   2   2   HOH HOH A . 
D 4 HOH 3   3   3   HOH HOH A . 
D 4 HOH 4   4   4   HOH HOH A . 
D 4 HOH 5   5   5   HOH HOH A . 
D 4 HOH 6   6   6   HOH HOH A . 
D 4 HOH 7   7   7   HOH HOH A . 
D 4 HOH 8   8   8   HOH HOH A . 
D 4 HOH 9   9   9   HOH HOH A . 
D 4 HOH 10  10  10  HOH HOH A . 
D 4 HOH 11  11  11  HOH HOH A . 
D 4 HOH 12  12  12  HOH HOH A . 
D 4 HOH 13  13  13  HOH HOH A . 
D 4 HOH 14  14  14  HOH HOH A . 
D 4 HOH 15  15  15  HOH HOH A . 
D 4 HOH 16  16  16  HOH HOH A . 
D 4 HOH 17  17  17  HOH HOH A . 
D 4 HOH 18  18  18  HOH HOH A . 
D 4 HOH 19  19  19  HOH HOH A . 
D 4 HOH 20  20  20  HOH HOH A . 
D 4 HOH 21  21  21  HOH HOH A . 
D 4 HOH 22  22  22  HOH HOH A . 
D 4 HOH 23  23  23  HOH HOH A . 
D 4 HOH 24  24  24  HOH HOH A . 
D 4 HOH 25  25  25  HOH HOH A . 
D 4 HOH 26  26  26  HOH HOH A . 
D 4 HOH 27  27  27  HOH HOH A . 
D 4 HOH 28  28  28  HOH HOH A . 
D 4 HOH 29  29  29  HOH HOH A . 
D 4 HOH 30  30  30  HOH HOH A . 
D 4 HOH 31  31  31  HOH HOH A . 
D 4 HOH 32  32  32  HOH HOH A . 
D 4 HOH 33  33  33  HOH HOH A . 
D 4 HOH 34  34  34  HOH HOH A . 
D 4 HOH 35  35  35  HOH HOH A . 
D 4 HOH 36  36  36  HOH HOH A . 
D 4 HOH 37  37  37  HOH HOH A . 
D 4 HOH 38  38  38  HOH HOH A . 
D 4 HOH 39  39  39  HOH HOH A . 
D 4 HOH 40  40  40  HOH HOH A . 
D 4 HOH 41  41  41  HOH HOH A . 
D 4 HOH 42  42  42  HOH HOH A . 
D 4 HOH 43  43  43  HOH HOH A . 
D 4 HOH 44  44  44  HOH HOH A . 
D 4 HOH 45  45  45  HOH HOH A . 
D 4 HOH 46  46  46  HOH HOH A . 
D 4 HOH 47  47  47  HOH HOH A . 
D 4 HOH 48  48  48  HOH HOH A . 
D 4 HOH 49  49  49  HOH HOH A . 
D 4 HOH 50  50  50  HOH HOH A . 
D 4 HOH 51  51  51  HOH HOH A . 
D 4 HOH 52  52  52  HOH HOH A . 
D 4 HOH 53  53  53  HOH HOH A . 
D 4 HOH 54  54  54  HOH HOH A . 
D 4 HOH 55  55  55  HOH HOH A . 
D 4 HOH 56  56  56  HOH HOH A . 
D 4 HOH 57  57  57  HOH HOH A . 
D 4 HOH 58  58  58  HOH HOH A . 
D 4 HOH 59  59  59  HOH HOH A . 
D 4 HOH 60  60  60  HOH HOH A . 
D 4 HOH 61  61  61  HOH HOH A . 
D 4 HOH 62  62  62  HOH HOH A . 
D 4 HOH 63  63  63  HOH HOH A . 
D 4 HOH 64  64  64  HOH HOH A . 
D 4 HOH 65  65  65  HOH HOH A . 
D 4 HOH 66  66  66  HOH HOH A . 
D 4 HOH 67  67  67  HOH HOH A . 
D 4 HOH 68  68  68  HOH HOH A . 
D 4 HOH 69  69  69  HOH HOH A . 
D 4 HOH 70  70  70  HOH HOH A . 
D 4 HOH 71  71  71  HOH HOH A . 
D 4 HOH 72  72  72  HOH HOH A . 
D 4 HOH 73  73  73  HOH HOH A . 
D 4 HOH 74  74  74  HOH HOH A . 
D 4 HOH 75  75  75  HOH HOH A . 
D 4 HOH 76  76  76  HOH HOH A . 
D 4 HOH 77  77  77  HOH HOH A . 
D 4 HOH 78  78  78  HOH HOH A . 
D 4 HOH 79  79  79  HOH HOH A . 
D 4 HOH 80  80  80  HOH HOH A . 
D 4 HOH 81  81  81  HOH HOH A . 
D 4 HOH 82  82  82  HOH HOH A . 
D 4 HOH 83  83  83  HOH HOH A . 
D 4 HOH 84  84  84  HOH HOH A . 
D 4 HOH 85  85  85  HOH HOH A . 
D 4 HOH 86  86  86  HOH HOH A . 
D 4 HOH 87  87  87  HOH HOH A . 
D 4 HOH 88  88  88  HOH HOH A . 
D 4 HOH 89  89  89  HOH HOH A . 
D 4 HOH 90  90  90  HOH HOH A . 
D 4 HOH 91  91  91  HOH HOH A . 
D 4 HOH 92  92  92  HOH HOH A . 
D 4 HOH 93  93  93  HOH HOH A . 
D 4 HOH 94  94  94  HOH HOH A . 
D 4 HOH 95  95  95  HOH HOH A . 
D 4 HOH 96  96  96  HOH HOH A . 
D 4 HOH 97  97  97  HOH HOH A . 
D 4 HOH 98  98  98  HOH HOH A . 
D 4 HOH 99  99  99  HOH HOH A . 
D 4 HOH 100 101 101 HOH HOH A . 
D 4 HOH 101 103 103 HOH HOH A . 
D 4 HOH 102 104 104 HOH HOH A . 
D 4 HOH 103 105 105 HOH HOH A . 
D 4 HOH 104 106 106 HOH HOH A . 
D 4 HOH 105 107 107 HOH HOH A . 
D 4 HOH 106 108 108 HOH HOH A . 
D 4 HOH 107 109 109 HOH HOH A . 
D 4 HOH 108 110 110 HOH HOH A . 
D 4 HOH 109 111 111 HOH HOH A . 
D 4 HOH 110 112 112 HOH HOH A . 
D 4 HOH 111 113 113 HOH HOH A . 
D 4 HOH 112 114 114 HOH HOH A . 
D 4 HOH 113 115 115 HOH HOH A . 
D 4 HOH 114 116 116 HOH HOH A . 
D 4 HOH 115 117 117 HOH HOH A . 
D 4 HOH 116 118 118 HOH HOH A . 
D 4 HOH 117 119 119 HOH HOH A . 
D 4 HOH 118 120 120 HOH HOH A . 
D 4 HOH 119 121 121 HOH HOH A . 
D 4 HOH 120 122 122 HOH HOH A . 
D 4 HOH 121 123 123 HOH HOH A . 
D 4 HOH 122 124 124 HOH HOH A . 
D 4 HOH 123 125 125 HOH HOH A . 
D 4 HOH 124 126 126 HOH HOH A . 
D 4 HOH 125 127 127 HOH HOH A . 
D 4 HOH 126 128 128 HOH HOH A . 
D 4 HOH 127 129 129 HOH HOH A . 
D 4 HOH 128 130 130 HOH HOH A . 
D 4 HOH 129 131 131 HOH HOH A . 
D 4 HOH 130 132 132 HOH HOH A . 
D 4 HOH 131 133 133 HOH HOH A . 
D 4 HOH 132 135 135 HOH HOH A . 
D 4 HOH 133 136 136 HOH HOH A . 
D 4 HOH 134 137 137 HOH HOH A . 
D 4 HOH 135 138 138 HOH HOH A . 
D 4 HOH 136 139 139 HOH HOH A . 
D 4 HOH 137 140 140 HOH HOH A . 
D 4 HOH 138 141 141 HOH HOH A . 
D 4 HOH 139 142 142 HOH HOH A . 
D 4 HOH 140 143 143 HOH HOH A . 
D 4 HOH 141 144 144 HOH HOH A . 
D 4 HOH 142 146 146 HOH HOH A . 
D 4 HOH 143 148 148 HOH HOH A . 
D 4 HOH 144 149 149 HOH HOH A . 
D 4 HOH 145 150 150 HOH HOH A . 
D 4 HOH 146 152 152 HOH HOH A . 
D 4 HOH 147 153 153 HOH HOH A . 
D 4 HOH 148 154 154 HOH HOH A . 
D 4 HOH 149 155 155 HOH HOH A . 
D 4 HOH 150 156 156 HOH HOH A . 
D 4 HOH 151 157 157 HOH HOH A . 
D 4 HOH 152 158 158 HOH HOH A . 
D 4 HOH 153 159 159 HOH HOH A . 
D 4 HOH 154 160 160 HOH HOH A . 
D 4 HOH 155 161 161 HOH HOH A . 
D 4 HOH 156 163 163 HOH HOH A . 
D 4 HOH 157 164 164 HOH HOH A . 
D 4 HOH 158 165 165 HOH HOH A . 
D 4 HOH 159 166 166 HOH HOH A . 
D 4 HOH 160 167 167 HOH HOH A . 
D 4 HOH 161 168 168 HOH HOH A . 
D 4 HOH 162 169 169 HOH HOH A . 
D 4 HOH 163 170 170 HOH HOH A . 
D 4 HOH 164 172 172 HOH HOH A . 
D 4 HOH 165 175 175 HOH HOH A . 
D 4 HOH 166 176 176 HOH HOH A . 
D 4 HOH 167 177 177 HOH HOH A . 
D 4 HOH 168 179 179 HOH HOH A . 
D 4 HOH 169 181 181 HOH HOH A . 
D 4 HOH 170 182 182 HOH HOH A . 
D 4 HOH 171 183 183 HOH HOH A . 
D 4 HOH 172 185 185 HOH HOH A . 
D 4 HOH 173 191 191 HOH HOH A . 
# 
_pdbx_struct_assembly.id                   1 
_pdbx_struct_assembly.details              author_defined_assembly 
_pdbx_struct_assembly.method_details       ? 
_pdbx_struct_assembly.oligomeric_details   monomeric 
_pdbx_struct_assembly.oligomeric_count     1 
# 
_pdbx_struct_assembly_gen.assembly_id       1 
_pdbx_struct_assembly_gen.oper_expression   1 
_pdbx_struct_assembly_gen.asym_id_list      A,B,C,D 
# 
_pdbx_struct_oper_list.id                   1 
_pdbx_struct_oper_list.type                 'identity operation' 
_pdbx_struct_oper_list.name                 1_555 
_pdbx_struct_oper_list.symmetry_operation   x,y,z 
_pdbx_struct_oper_list.matrix[1][1]         1.0000000000 
_pdbx_struct_oper_list.matrix[1][2]         0.0000000000 
_pdbx_struct_oper_list.matrix[1][3]         0.0000000000 
_pdbx_struct_oper_list.vector[1]            0.0000000000 
_pdbx_struct_oper_list.matrix[2][1]         0.0000000000 
_pdbx_struct_oper_list.matrix[2][2]         1.0000000000 
_pdbx_struct_oper_list.matrix[2][3]         0.0000000000 
_pdbx_struct_oper_list.vector[2]            0.0000000000 
_pdbx_struct_oper_list.matrix[3][1]         0.0000000000 
_pdbx_struct_oper_list.matrix[3][2]         0.0000000000 
_pdbx_struct_oper_list.matrix[3][3]         1.0000000000 
_pdbx_struct_oper_list.vector[3]            0.0000000000 
# 
loop_
_pdbx_audit_revision_history.ordinal 
_pdbx_audit_revision_history.data_content_type 
_pdbx_audit_revision_history.major_revision 
_pdbx_audit_revision_history.minor_revision 
_pdbx_audit_revision_history.revision_date 
1 'Structure model' 1 0 2005-12-27 
2 'Structure model' 1 1 2008-05-01 
3 'Structure model' 1 2 2011-07-13 
4 'Structure model' 1 3 2023-08-30 
# 
_pdbx_audit_revision_details.ordinal             1 
_pdbx_audit_revision_details.revision_ordinal    1 
_pdbx_audit_revision_details.data_content_type   'Structure model' 
_pdbx_audit_revision_details.provider            repository 
_pdbx_audit_revision_details.type                'Initial release' 
_pdbx_audit_revision_details.description         ? 
_pdbx_audit_revision_details.details             ? 
# 
loop_
_pdbx_audit_revision_group.ordinal 
_pdbx_audit_revision_group.revision_ordinal 
_pdbx_audit_revision_group.data_content_type 
_pdbx_audit_revision_group.group 
1 2 'Structure model' 'Version format compliance' 
2 3 'Structure model' 'Non-polymer description'   
3 3 'Structure model' 'Version format compliance' 
4 4 'Structure model' 'Data collection'           
5 4 'Structure model' 'Database references'       
6 4 'Structure model' 'Derived calculations'      
7 4 'Structure model' 'Refinement description'    
# 
loop_
_pdbx_audit_revision_category.ordinal 
_pdbx_audit_revision_category.revision_ordinal 
_pdbx_audit_revision_category.data_content_type 
_pdbx_audit_revision_category.category 
1 4 'Structure model' chem_comp_atom                
2 4 'Structure model' chem_comp_bond                
3 4 'Structure model' database_2                    
4 4 'Structure model' pdbx_initial_refinement_model 
5 4 'Structure model' struct_ref_seq_dif            
6 4 'Structure model' struct_site                   
# 
loop_
_pdbx_audit_revision_item.ordinal 
_pdbx_audit_revision_item.revision_ordinal 
_pdbx_audit_revision_item.data_content_type 
_pdbx_audit_revision_item.item 
1 4 'Structure model' '_database_2.pdbx_DOI'                
2 4 'Structure model' '_database_2.pdbx_database_accession' 
3 4 'Structure model' '_struct_ref_seq_dif.details'         
4 4 'Structure model' '_struct_site.pdbx_auth_asym_id'      
5 4 'Structure model' '_struct_site.pdbx_auth_comp_id'      
6 4 'Structure model' '_struct_site.pdbx_auth_seq_id'       
# 
loop_
_software.name 
_software.classification 
_software.version 
_software.citation_id 
_software.pdbx_ordinal 
REFMAC refinement       5.2.0019  ? 1 
MOSFLM 'data reduction' .         ? 2 
CCP4   'data scaling'   '(SCALA)' ? 3 
PHASER phasing          .         ? 4 
# 
loop_
_pdbx_validate_close_contact.id 
_pdbx_validate_close_contact.PDB_model_num 
_pdbx_validate_close_contact.auth_atom_id_1 
_pdbx_validate_close_contact.auth_asym_id_1 
_pdbx_validate_close_contact.auth_comp_id_1 
_pdbx_validate_close_contact.auth_seq_id_1 
_pdbx_validate_close_contact.PDB_ins_code_1 
_pdbx_validate_close_contact.label_alt_id_1 
_pdbx_validate_close_contact.auth_atom_id_2 
_pdbx_validate_close_contact.auth_asym_id_2 
_pdbx_validate_close_contact.auth_comp_id_2 
_pdbx_validate_close_contact.auth_seq_id_2 
_pdbx_validate_close_contact.PDB_ins_code_2 
_pdbx_validate_close_contact.label_alt_id_2 
_pdbx_validate_close_contact.dist 
1 1 O A HOH 44  ? ? O A HOH 191 ? ? 1.96 
2 1 O A HOH 104 ? ? O A HOH 176 ? ? 2.09 
# 
loop_
_pdbx_validate_symm_contact.id 
_pdbx_validate_symm_contact.PDB_model_num 
_pdbx_validate_symm_contact.auth_atom_id_1 
_pdbx_validate_symm_contact.auth_asym_id_1 
_pdbx_validate_symm_contact.auth_comp_id_1 
_pdbx_validate_symm_contact.auth_seq_id_1 
_pdbx_validate_symm_contact.PDB_ins_code_1 
_pdbx_validate_symm_contact.label_alt_id_1 
_pdbx_validate_symm_contact.site_symmetry_1 
_pdbx_validate_symm_contact.auth_atom_id_2 
_pdbx_validate_symm_contact.auth_asym_id_2 
_pdbx_validate_symm_contact.auth_comp_id_2 
_pdbx_validate_symm_contact.auth_seq_id_2 
_pdbx_validate_symm_contact.PDB_ins_code_2 
_pdbx_validate_symm_contact.label_alt_id_2 
_pdbx_validate_symm_contact.site_symmetry_2 
_pdbx_validate_symm_contact.dist 
1 1 O A HOH 168 ? ? 1_555 O A HOH 185 ? ? 2_656 1.80 
2 1 O A GLY 313 ? ? 1_555 O A HOH 88  ? ? 2_645 2.01 
# 
loop_
_pdbx_validate_torsion.id 
_pdbx_validate_torsion.PDB_model_num 
_pdbx_validate_torsion.auth_comp_id 
_pdbx_validate_torsion.auth_asym_id 
_pdbx_validate_torsion.auth_seq_id 
_pdbx_validate_torsion.PDB_ins_code 
_pdbx_validate_torsion.label_alt_id 
_pdbx_validate_torsion.phi 
_pdbx_validate_torsion.psi 
1 1 ASN A 246 ? ? -150.60 44.67   
2 1 ASN A 282 ? ? 49.61   -125.90 
3 1 ASP A 288 ? ? -152.55 77.17   
4 1 SER A 302 ? A -79.65  -151.73 
# 
loop_
_chem_comp_atom.comp_id 
_chem_comp_atom.atom_id 
_chem_comp_atom.type_symbol 
_chem_comp_atom.pdbx_aromatic_flag 
_chem_comp_atom.pdbx_stereo_config 
_chem_comp_atom.pdbx_ordinal 
ALA N    N N N 1   
ALA CA   C N S 2   
ALA C    C N N 3   
ALA O    O N N 4   
ALA CB   C N N 5   
ALA OXT  O N N 6   
ALA H    H N N 7   
ALA H2   H N N 8   
ALA HA   H N N 9   
ALA HB1  H N N 10  
ALA HB2  H N N 11  
ALA HB3  H N N 12  
ALA HXT  H N N 13  
ARG N    N N N 14  
ARG CA   C N S 15  
ARG C    C N N 16  
ARG O    O N N 17  
ARG CB   C N N 18  
ARG CG   C N N 19  
ARG CD   C N N 20  
ARG NE   N N N 21  
ARG CZ   C N N 22  
ARG NH1  N N N 23  
ARG NH2  N N N 24  
ARG OXT  O N N 25  
ARG H    H N N 26  
ARG H2   H N N 27  
ARG HA   H N N 28  
ARG HB2  H N N 29  
ARG HB3  H N N 30  
ARG HG2  H N N 31  
ARG HG3  H N N 32  
ARG HD2  H N N 33  
ARG HD3  H N N 34  
ARG HE   H N N 35  
ARG HH11 H N N 36  
ARG HH12 H N N 37  
ARG HH21 H N N 38  
ARG HH22 H N N 39  
ARG HXT  H N N 40  
ASN N    N N N 41  
ASN CA   C N S 42  
ASN C    C N N 43  
ASN O    O N N 44  
ASN CB   C N N 45  
ASN CG   C N N 46  
ASN OD1  O N N 47  
ASN ND2  N N N 48  
ASN OXT  O N N 49  
ASN H    H N N 50  
ASN H2   H N N 51  
ASN HA   H N N 52  
ASN HB2  H N N 53  
ASN HB3  H N N 54  
ASN HD21 H N N 55  
ASN HD22 H N N 56  
ASN HXT  H N N 57  
ASP N    N N N 58  
ASP CA   C N S 59  
ASP C    C N N 60  
ASP O    O N N 61  
ASP CB   C N N 62  
ASP CG   C N N 63  
ASP OD1  O N N 64  
ASP OD2  O N N 65  
ASP OXT  O N N 66  
ASP H    H N N 67  
ASP H2   H N N 68  
ASP HA   H N N 69  
ASP HB2  H N N 70  
ASP HB3  H N N 71  
ASP HD2  H N N 72  
ASP HXT  H N N 73  
GLN N    N N N 74  
GLN CA   C N S 75  
GLN C    C N N 76  
GLN O    O N N 77  
GLN CB   C N N 78  
GLN CG   C N N 79  
GLN CD   C N N 80  
GLN OE1  O N N 81  
GLN NE2  N N N 82  
GLN OXT  O N N 83  
GLN H    H N N 84  
GLN H2   H N N 85  
GLN HA   H N N 86  
GLN HB2  H N N 87  
GLN HB3  H N N 88  
GLN HG2  H N N 89  
GLN HG3  H N N 90  
GLN HE21 H N N 91  
GLN HE22 H N N 92  
GLN HXT  H N N 93  
GLU N    N N N 94  
GLU CA   C N S 95  
GLU C    C N N 96  
GLU O    O N N 97  
GLU CB   C N N 98  
GLU CG   C N N 99  
GLU CD   C N N 100 
GLU OE1  O N N 101 
GLU OE2  O N N 102 
GLU OXT  O N N 103 
GLU H    H N N 104 
GLU H2   H N N 105 
GLU HA   H N N 106 
GLU HB2  H N N 107 
GLU HB3  H N N 108 
GLU HG2  H N N 109 
GLU HG3  H N N 110 
GLU HE2  H N N 111 
GLU HXT  H N N 112 
GLY N    N N N 113 
GLY CA   C N N 114 
GLY C    C N N 115 
GLY O    O N N 116 
GLY OXT  O N N 117 
GLY H    H N N 118 
GLY H2   H N N 119 
GLY HA2  H N N 120 
GLY HA3  H N N 121 
GLY HXT  H N N 122 
GOL C1   C N N 123 
GOL O1   O N N 124 
GOL C2   C N N 125 
GOL O2   O N N 126 
GOL C3   C N N 127 
GOL O3   O N N 128 
GOL H11  H N N 129 
GOL H12  H N N 130 
GOL HO1  H N N 131 
GOL H2   H N N 132 
GOL HO2  H N N 133 
GOL H31  H N N 134 
GOL H32  H N N 135 
GOL HO3  H N N 136 
HIS N    N N N 137 
HIS CA   C N S 138 
HIS C    C N N 139 
HIS O    O N N 140 
HIS CB   C N N 141 
HIS CG   C Y N 142 
HIS ND1  N Y N 143 
HIS CD2  C Y N 144 
HIS CE1  C Y N 145 
HIS NE2  N Y N 146 
HIS OXT  O N N 147 
HIS H    H N N 148 
HIS H2   H N N 149 
HIS HA   H N N 150 
HIS HB2  H N N 151 
HIS HB3  H N N 152 
HIS HD1  H N N 153 
HIS HD2  H N N 154 
HIS HE1  H N N 155 
HIS HE2  H N N 156 
HIS HXT  H N N 157 
HOH O    O N N 158 
HOH H1   H N N 159 
HOH H2   H N N 160 
ILE N    N N N 161 
ILE CA   C N S 162 
ILE C    C N N 163 
ILE O    O N N 164 
ILE CB   C N S 165 
ILE CG1  C N N 166 
ILE CG2  C N N 167 
ILE CD1  C N N 168 
ILE OXT  O N N 169 
ILE H    H N N 170 
ILE H2   H N N 171 
ILE HA   H N N 172 
ILE HB   H N N 173 
ILE HG12 H N N 174 
ILE HG13 H N N 175 
ILE HG21 H N N 176 
ILE HG22 H N N 177 
ILE HG23 H N N 178 
ILE HD11 H N N 179 
ILE HD12 H N N 180 
ILE HD13 H N N 181 
ILE HXT  H N N 182 
LEU N    N N N 183 
LEU CA   C N S 184 
LEU C    C N N 185 
LEU O    O N N 186 
LEU CB   C N N 187 
LEU CG   C N N 188 
LEU CD1  C N N 189 
LEU CD2  C N N 190 
LEU OXT  O N N 191 
LEU H    H N N 192 
LEU H2   H N N 193 
LEU HA   H N N 194 
LEU HB2  H N N 195 
LEU HB3  H N N 196 
LEU HG   H N N 197 
LEU HD11 H N N 198 
LEU HD12 H N N 199 
LEU HD13 H N N 200 
LEU HD21 H N N 201 
LEU HD22 H N N 202 
LEU HD23 H N N 203 
LEU HXT  H N N 204 
LYS N    N N N 205 
LYS CA   C N S 206 
LYS C    C N N 207 
LYS O    O N N 208 
LYS CB   C N N 209 
LYS CG   C N N 210 
LYS CD   C N N 211 
LYS CE   C N N 212 
LYS NZ   N N N 213 
LYS OXT  O N N 214 
LYS H    H N N 215 
LYS H2   H N N 216 
LYS HA   H N N 217 
LYS HB2  H N N 218 
LYS HB3  H N N 219 
LYS HG2  H N N 220 
LYS HG3  H N N 221 
LYS HD2  H N N 222 
LYS HD3  H N N 223 
LYS HE2  H N N 224 
LYS HE3  H N N 225 
LYS HZ1  H N N 226 
LYS HZ2  H N N 227 
LYS HZ3  H N N 228 
LYS HXT  H N N 229 
MET N    N N N 230 
MET CA   C N S 231 
MET C    C N N 232 
MET O    O N N 233 
MET CB   C N N 234 
MET CG   C N N 235 
MET SD   S N N 236 
MET CE   C N N 237 
MET OXT  O N N 238 
MET H    H N N 239 
MET H2   H N N 240 
MET HA   H N N 241 
MET HB2  H N N 242 
MET HB3  H N N 243 
MET HG2  H N N 244 
MET HG3  H N N 245 
MET HE1  H N N 246 
MET HE2  H N N 247 
MET HE3  H N N 248 
MET HXT  H N N 249 
PHE N    N N N 250 
PHE CA   C N S 251 
PHE C    C N N 252 
PHE O    O N N 253 
PHE CB   C N N 254 
PHE CG   C Y N 255 
PHE CD1  C Y N 256 
PHE CD2  C Y N 257 
PHE CE1  C Y N 258 
PHE CE2  C Y N 259 
PHE CZ   C Y N 260 
PHE OXT  O N N 261 
PHE H    H N N 262 
PHE H2   H N N 263 
PHE HA   H N N 264 
PHE HB2  H N N 265 
PHE HB3  H N N 266 
PHE HD1  H N N 267 
PHE HD2  H N N 268 
PHE HE1  H N N 269 
PHE HE2  H N N 270 
PHE HZ   H N N 271 
PHE HXT  H N N 272 
PRO N    N N N 273 
PRO CA   C N S 274 
PRO C    C N N 275 
PRO O    O N N 276 
PRO CB   C N N 277 
PRO CG   C N N 278 
PRO CD   C N N 279 
PRO OXT  O N N 280 
PRO H    H N N 281 
PRO HA   H N N 282 
PRO HB2  H N N 283 
PRO HB3  H N N 284 
PRO HG2  H N N 285 
PRO HG3  H N N 286 
PRO HD2  H N N 287 
PRO HD3  H N N 288 
PRO HXT  H N N 289 
SER N    N N N 290 
SER CA   C N S 291 
SER C    C N N 292 
SER O    O N N 293 
SER CB   C N N 294 
SER OG   O N N 295 
SER OXT  O N N 296 
SER H    H N N 297 
SER H2   H N N 298 
SER HA   H N N 299 
SER HB2  H N N 300 
SER HB3  H N N 301 
SER HG   H N N 302 
SER HXT  H N N 303 
SO4 S    S N N 304 
SO4 O1   O N N 305 
SO4 O2   O N N 306 
SO4 O3   O N N 307 
SO4 O4   O N N 308 
THR N    N N N 309 
THR CA   C N S 310 
THR C    C N N 311 
THR O    O N N 312 
THR CB   C N R 313 
THR OG1  O N N 314 
THR CG2  C N N 315 
THR OXT  O N N 316 
THR H    H N N 317 
THR H2   H N N 318 
THR HA   H N N 319 
THR HB   H N N 320 
THR HG1  H N N 321 
THR HG21 H N N 322 
THR HG22 H N N 323 
THR HG23 H N N 324 
THR HXT  H N N 325 
TYR N    N N N 326 
TYR CA   C N S 327 
TYR C    C N N 328 
TYR O    O N N 329 
TYR CB   C N N 330 
TYR CG   C Y N 331 
TYR CD1  C Y N 332 
TYR CD2  C Y N 333 
TYR CE1  C Y N 334 
TYR CE2  C Y N 335 
TYR CZ   C Y N 336 
TYR OH   O N N 337 
TYR OXT  O N N 338 
TYR H    H N N 339 
TYR H2   H N N 340 
TYR HA   H N N 341 
TYR HB2  H N N 342 
TYR HB3  H N N 343 
TYR HD1  H N N 344 
TYR HD2  H N N 345 
TYR HE1  H N N 346 
TYR HE2  H N N 347 
TYR HH   H N N 348 
TYR HXT  H N N 349 
VAL N    N N N 350 
VAL CA   C N S 351 
VAL C    C N N 352 
VAL O    O N N 353 
VAL CB   C N N 354 
VAL CG1  C N N 355 
VAL CG2  C N N 356 
VAL OXT  O N N 357 
VAL H    H N N 358 
VAL H2   H N N 359 
VAL HA   H N N 360 
VAL HB   H N N 361 
VAL HG11 H N N 362 
VAL HG12 H N N 363 
VAL HG13 H N N 364 
VAL HG21 H N N 365 
VAL HG22 H N N 366 
VAL HG23 H N N 367 
VAL HXT  H N N 368 
# 
loop_
_chem_comp_bond.comp_id 
_chem_comp_bond.atom_id_1 
_chem_comp_bond.atom_id_2 
_chem_comp_bond.value_order 
_chem_comp_bond.pdbx_aromatic_flag 
_chem_comp_bond.pdbx_stereo_config 
_chem_comp_bond.pdbx_ordinal 
ALA N   CA   sing N N 1   
ALA N   H    sing N N 2   
ALA N   H2   sing N N 3   
ALA CA  C    sing N N 4   
ALA CA  CB   sing N N 5   
ALA CA  HA   sing N N 6   
ALA C   O    doub N N 7   
ALA C   OXT  sing N N 8   
ALA CB  HB1  sing N N 9   
ALA CB  HB2  sing N N 10  
ALA CB  HB3  sing N N 11  
ALA OXT HXT  sing N N 12  
ARG N   CA   sing N N 13  
ARG N   H    sing N N 14  
ARG N   H2   sing N N 15  
ARG CA  C    sing N N 16  
ARG CA  CB   sing N N 17  
ARG CA  HA   sing N N 18  
ARG C   O    doub N N 19  
ARG C   OXT  sing N N 20  
ARG CB  CG   sing N N 21  
ARG CB  HB2  sing N N 22  
ARG CB  HB3  sing N N 23  
ARG CG  CD   sing N N 24  
ARG CG  HG2  sing N N 25  
ARG CG  HG3  sing N N 26  
ARG CD  NE   sing N N 27  
ARG CD  HD2  sing N N 28  
ARG CD  HD3  sing N N 29  
ARG NE  CZ   sing N N 30  
ARG NE  HE   sing N N 31  
ARG CZ  NH1  sing N N 32  
ARG CZ  NH2  doub N N 33  
ARG NH1 HH11 sing N N 34  
ARG NH1 HH12 sing N N 35  
ARG NH2 HH21 sing N N 36  
ARG NH2 HH22 sing N N 37  
ARG OXT HXT  sing N N 38  
ASN N   CA   sing N N 39  
ASN N   H    sing N N 40  
ASN N   H2   sing N N 41  
ASN CA  C    sing N N 42  
ASN CA  CB   sing N N 43  
ASN CA  HA   sing N N 44  
ASN C   O    doub N N 45  
ASN C   OXT  sing N N 46  
ASN CB  CG   sing N N 47  
ASN CB  HB2  sing N N 48  
ASN CB  HB3  sing N N 49  
ASN CG  OD1  doub N N 50  
ASN CG  ND2  sing N N 51  
ASN ND2 HD21 sing N N 52  
ASN ND2 HD22 sing N N 53  
ASN OXT HXT  sing N N 54  
ASP N   CA   sing N N 55  
ASP N   H    sing N N 56  
ASP N   H2   sing N N 57  
ASP CA  C    sing N N 58  
ASP CA  CB   sing N N 59  
ASP CA  HA   sing N N 60  
ASP C   O    doub N N 61  
ASP C   OXT  sing N N 62  
ASP CB  CG   sing N N 63  
ASP CB  HB2  sing N N 64  
ASP CB  HB3  sing N N 65  
ASP CG  OD1  doub N N 66  
ASP CG  OD2  sing N N 67  
ASP OD2 HD2  sing N N 68  
ASP OXT HXT  sing N N 69  
GLN N   CA   sing N N 70  
GLN N   H    sing N N 71  
GLN N   H2   sing N N 72  
GLN CA  C    sing N N 73  
GLN CA  CB   sing N N 74  
GLN CA  HA   sing N N 75  
GLN C   O    doub N N 76  
GLN C   OXT  sing N N 77  
GLN CB  CG   sing N N 78  
GLN CB  HB2  sing N N 79  
GLN CB  HB3  sing N N 80  
GLN CG  CD   sing N N 81  
GLN CG  HG2  sing N N 82  
GLN CG  HG3  sing N N 83  
GLN CD  OE1  doub N N 84  
GLN CD  NE2  sing N N 85  
GLN NE2 HE21 sing N N 86  
GLN NE2 HE22 sing N N 87  
GLN OXT HXT  sing N N 88  
GLU N   CA   sing N N 89  
GLU N   H    sing N N 90  
GLU N   H2   sing N N 91  
GLU CA  C    sing N N 92  
GLU CA  CB   sing N N 93  
GLU CA  HA   sing N N 94  
GLU C   O    doub N N 95  
GLU C   OXT  sing N N 96  
GLU CB  CG   sing N N 97  
GLU CB  HB2  sing N N 98  
GLU CB  HB3  sing N N 99  
GLU CG  CD   sing N N 100 
GLU CG  HG2  sing N N 101 
GLU CG  HG3  sing N N 102 
GLU CD  OE1  doub N N 103 
GLU CD  OE2  sing N N 104 
GLU OE2 HE2  sing N N 105 
GLU OXT HXT  sing N N 106 
GLY N   CA   sing N N 107 
GLY N   H    sing N N 108 
GLY N   H2   sing N N 109 
GLY CA  C    sing N N 110 
GLY CA  HA2  sing N N 111 
GLY CA  HA3  sing N N 112 
GLY C   O    doub N N 113 
GLY C   OXT  sing N N 114 
GLY OXT HXT  sing N N 115 
GOL C1  O1   sing N N 116 
GOL C1  C2   sing N N 117 
GOL C1  H11  sing N N 118 
GOL C1  H12  sing N N 119 
GOL O1  HO1  sing N N 120 
GOL C2  O2   sing N N 121 
GOL C2  C3   sing N N 122 
GOL C2  H2   sing N N 123 
GOL O2  HO2  sing N N 124 
GOL C3  O3   sing N N 125 
GOL C3  H31  sing N N 126 
GOL C3  H32  sing N N 127 
GOL O3  HO3  sing N N 128 
HIS N   CA   sing N N 129 
HIS N   H    sing N N 130 
HIS N   H2   sing N N 131 
HIS CA  C    sing N N 132 
HIS CA  CB   sing N N 133 
HIS CA  HA   sing N N 134 
HIS C   O    doub N N 135 
HIS C   OXT  sing N N 136 
HIS CB  CG   sing N N 137 
HIS CB  HB2  sing N N 138 
HIS CB  HB3  sing N N 139 
HIS CG  ND1  sing Y N 140 
HIS CG  CD2  doub Y N 141 
HIS ND1 CE1  doub Y N 142 
HIS ND1 HD1  sing N N 143 
HIS CD2 NE2  sing Y N 144 
HIS CD2 HD2  sing N N 145 
HIS CE1 NE2  sing Y N 146 
HIS CE1 HE1  sing N N 147 
HIS NE2 HE2  sing N N 148 
HIS OXT HXT  sing N N 149 
HOH O   H1   sing N N 150 
HOH O   H2   sing N N 151 
ILE N   CA   sing N N 152 
ILE N   H    sing N N 153 
ILE N   H2   sing N N 154 
ILE CA  C    sing N N 155 
ILE CA  CB   sing N N 156 
ILE CA  HA   sing N N 157 
ILE C   O    doub N N 158 
ILE C   OXT  sing N N 159 
ILE CB  CG1  sing N N 160 
ILE CB  CG2  sing N N 161 
ILE CB  HB   sing N N 162 
ILE CG1 CD1  sing N N 163 
ILE CG1 HG12 sing N N 164 
ILE CG1 HG13 sing N N 165 
ILE CG2 HG21 sing N N 166 
ILE CG2 HG22 sing N N 167 
ILE CG2 HG23 sing N N 168 
ILE CD1 HD11 sing N N 169 
ILE CD1 HD12 sing N N 170 
ILE CD1 HD13 sing N N 171 
ILE OXT HXT  sing N N 172 
LEU N   CA   sing N N 173 
LEU N   H    sing N N 174 
LEU N   H2   sing N N 175 
LEU CA  C    sing N N 176 
LEU CA  CB   sing N N 177 
LEU CA  HA   sing N N 178 
LEU C   O    doub N N 179 
LEU C   OXT  sing N N 180 
LEU CB  CG   sing N N 181 
LEU CB  HB2  sing N N 182 
LEU CB  HB3  sing N N 183 
LEU CG  CD1  sing N N 184 
LEU CG  CD2  sing N N 185 
LEU CG  HG   sing N N 186 
LEU CD1 HD11 sing N N 187 
LEU CD1 HD12 sing N N 188 
LEU CD1 HD13 sing N N 189 
LEU CD2 HD21 sing N N 190 
LEU CD2 HD22 sing N N 191 
LEU CD2 HD23 sing N N 192 
LEU OXT HXT  sing N N 193 
LYS N   CA   sing N N 194 
LYS N   H    sing N N 195 
LYS N   H2   sing N N 196 
LYS CA  C    sing N N 197 
LYS CA  CB   sing N N 198 
LYS CA  HA   sing N N 199 
LYS C   O    doub N N 200 
LYS C   OXT  sing N N 201 
LYS CB  CG   sing N N 202 
LYS CB  HB2  sing N N 203 
LYS CB  HB3  sing N N 204 
LYS CG  CD   sing N N 205 
LYS CG  HG2  sing N N 206 
LYS CG  HG3  sing N N 207 
LYS CD  CE   sing N N 208 
LYS CD  HD2  sing N N 209 
LYS CD  HD3  sing N N 210 
LYS CE  NZ   sing N N 211 
LYS CE  HE2  sing N N 212 
LYS CE  HE3  sing N N 213 
LYS NZ  HZ1  sing N N 214 
LYS NZ  HZ2  sing N N 215 
LYS NZ  HZ3  sing N N 216 
LYS OXT HXT  sing N N 217 
MET N   CA   sing N N 218 
MET N   H    sing N N 219 
MET N   H2   sing N N 220 
MET CA  C    sing N N 221 
MET CA  CB   sing N N 222 
MET CA  HA   sing N N 223 
MET C   O    doub N N 224 
MET C   OXT  sing N N 225 
MET CB  CG   sing N N 226 
MET CB  HB2  sing N N 227 
MET CB  HB3  sing N N 228 
MET CG  SD   sing N N 229 
MET CG  HG2  sing N N 230 
MET CG  HG3  sing N N 231 
MET SD  CE   sing N N 232 
MET CE  HE1  sing N N 233 
MET CE  HE2  sing N N 234 
MET CE  HE3  sing N N 235 
MET OXT HXT  sing N N 236 
PHE N   CA   sing N N 237 
PHE N   H    sing N N 238 
PHE N   H2   sing N N 239 
PHE CA  C    sing N N 240 
PHE CA  CB   sing N N 241 
PHE CA  HA   sing N N 242 
PHE C   O    doub N N 243 
PHE C   OXT  sing N N 244 
PHE CB  CG   sing N N 245 
PHE CB  HB2  sing N N 246 
PHE CB  HB3  sing N N 247 
PHE CG  CD1  doub Y N 248 
PHE CG  CD2  sing Y N 249 
PHE CD1 CE1  sing Y N 250 
PHE CD1 HD1  sing N N 251 
PHE CD2 CE2  doub Y N 252 
PHE CD2 HD2  sing N N 253 
PHE CE1 CZ   doub Y N 254 
PHE CE1 HE1  sing N N 255 
PHE CE2 CZ   sing Y N 256 
PHE CE2 HE2  sing N N 257 
PHE CZ  HZ   sing N N 258 
PHE OXT HXT  sing N N 259 
PRO N   CA   sing N N 260 
PRO N   CD   sing N N 261 
PRO N   H    sing N N 262 
PRO CA  C    sing N N 263 
PRO CA  CB   sing N N 264 
PRO CA  HA   sing N N 265 
PRO C   O    doub N N 266 
PRO C   OXT  sing N N 267 
PRO CB  CG   sing N N 268 
PRO CB  HB2  sing N N 269 
PRO CB  HB3  sing N N 270 
PRO CG  CD   sing N N 271 
PRO CG  HG2  sing N N 272 
PRO CG  HG3  sing N N 273 
PRO CD  HD2  sing N N 274 
PRO CD  HD3  sing N N 275 
PRO OXT HXT  sing N N 276 
SER N   CA   sing N N 277 
SER N   H    sing N N 278 
SER N   H2   sing N N 279 
SER CA  C    sing N N 280 
SER CA  CB   sing N N 281 
SER CA  HA   sing N N 282 
SER C   O    doub N N 283 
SER C   OXT  sing N N 284 
SER CB  OG   sing N N 285 
SER CB  HB2  sing N N 286 
SER CB  HB3  sing N N 287 
SER OG  HG   sing N N 288 
SER OXT HXT  sing N N 289 
SO4 S   O1   doub N N 290 
SO4 S   O2   doub N N 291 
SO4 S   O3   sing N N 292 
SO4 S   O4   sing N N 293 
THR N   CA   sing N N 294 
THR N   H    sing N N 295 
THR N   H2   sing N N 296 
THR CA  C    sing N N 297 
THR CA  CB   sing N N 298 
THR CA  HA   sing N N 299 
THR C   O    doub N N 300 
THR C   OXT  sing N N 301 
THR CB  OG1  sing N N 302 
THR CB  CG2  sing N N 303 
THR CB  HB   sing N N 304 
THR OG1 HG1  sing N N 305 
THR CG2 HG21 sing N N 306 
THR CG2 HG22 sing N N 307 
THR CG2 HG23 sing N N 308 
THR OXT HXT  sing N N 309 
TYR N   CA   sing N N 310 
TYR N   H    sing N N 311 
TYR N   H2   sing N N 312 
TYR CA  C    sing N N 313 
TYR CA  CB   sing N N 314 
TYR CA  HA   sing N N 315 
TYR C   O    doub N N 316 
TYR C   OXT  sing N N 317 
TYR CB  CG   sing N N 318 
TYR CB  HB2  sing N N 319 
TYR CB  HB3  sing N N 320 
TYR CG  CD1  doub Y N 321 
TYR CG  CD2  sing Y N 322 
TYR CD1 CE1  sing Y N 323 
TYR CD1 HD1  sing N N 324 
TYR CD2 CE2  doub Y N 325 
TYR CD2 HD2  sing N N 326 
TYR CE1 CZ   doub Y N 327 
TYR CE1 HE1  sing N N 328 
TYR CE2 CZ   sing Y N 329 
TYR CE2 HE2  sing N N 330 
TYR CZ  OH   sing N N 331 
TYR OH  HH   sing N N 332 
TYR OXT HXT  sing N N 333 
VAL N   CA   sing N N 334 
VAL N   H    sing N N 335 
VAL N   H2   sing N N 336 
VAL CA  C    sing N N 337 
VAL CA  CB   sing N N 338 
VAL CA  HA   sing N N 339 
VAL C   O    doub N N 340 
VAL C   OXT  sing N N 341 
VAL CB  CG1  sing N N 342 
VAL CB  CG2  sing N N 343 
VAL CB  HB   sing N N 344 
VAL CG1 HG11 sing N N 345 
VAL CG1 HG12 sing N N 346 
VAL CG1 HG13 sing N N 347 
VAL CG2 HG21 sing N N 348 
VAL CG2 HG22 sing N N 349 
VAL CG2 HG23 sing N N 350 
VAL OXT HXT  sing N N 351 
# 
loop_
_pdbx_entity_nonpoly.entity_id 
_pdbx_entity_nonpoly.name 
_pdbx_entity_nonpoly.comp_id 
2 'SULFATE ION' SO4 
3 GLYCEROL      GOL 
4 water         HOH 
# 
_pdbx_initial_refinement_model.id               1 
_pdbx_initial_refinement_model.entity_id_list   ? 
_pdbx_initial_refinement_model.type             'experimental model' 
_pdbx_initial_refinement_model.source_name      PDB 
_pdbx_initial_refinement_model.accession_code   2BYG 
_pdbx_initial_refinement_model.details          2BYG.pdb 
# 
